data_4IEG
#
_entry.id   4IEG
#
_cell.length_a   87.874
_cell.length_b   94.470
_cell.length_c   96.481
_cell.angle_alpha   75.16
_cell.angle_beta   63.11
_cell.angle_gamma   83.79
#
_symmetry.space_group_name_H-M   'P 1'
#
loop_
_entity.id
_entity.type
_entity.pdbx_description
1 polymer 'RNA-dependent RNA polymerase P2'
2 non-polymer 'MAGNESIUM ION'
3 water water
#
_entity_poly.entity_id   1
_entity_poly.type   'polypeptide(L)'
_entity_poly.pdbx_seq_one_letter_code
;MAPTNESPKHAETRIVTDAPRNSESVGDHLFNGGVNHHDEDPDAYTKMYGPLVGYDPRNPTTLFANARQTGTQLVAPRKA
REILTGIYSFEPTVLAFQREFVKRANAVAQPDLNSDGFSLNGLHTTFDSIRSVSGYPQWPVSALPKSNVGLLRDLKLQER
MTARQVVIAREIWKRVWGHMKPTAIKIPKMSTSGPPRNVNDAEMKLQYALALFSGNRYNGYLDAFKSGDLSRFYRDYEAA
VIMGTNVRWQVDNPGKKRDYWAQADIERELAPSKRPITTKVEINGTVYDDFAAMRTRLVNAGPWTINVALQPFATGCMNA
MFELYRATWHPDEDKIAGFLEGKHAFFGDVSSYDHSFSEEKIDLSLEVGKEFISPEIMELASSLFYAAYFTRPLGPDDGP
QLVGNPNRYLEKQVKAGNRSGHAFTSLFAKVWKVIDTVSKFDQMGYDVVANMDAILKGDMPFGCINNGDDEIVWFKSERD
YRLFLRLLETQPQEQRMFKVGPEEGAVFSGSVYQLIGPLKYQAVERITTPFQRIICPERSIGGNFRKFWPLGILERYNKR
NSHPVLEEVWRVFDDTYATLMEPHYGSFLGIVQRAHKEIPFSVDDLSWKEIMVLDDPNKMYHRFTDEEIRDQVQESAFRK
LQPIFFERMFKEHYKGNYV
;
_entity_poly.pdbx_strand_id   A,B,C,D
#
# COMPACT_ATOMS: atom_id res chain seq x y z
N HIS A 10 -6.26 -31.50 -15.58
CA HIS A 10 -7.06 -30.37 -16.14
C HIS A 10 -6.66 -30.00 -17.57
N ALA A 11 -7.52 -29.21 -18.21
CA ALA A 11 -7.32 -28.76 -19.60
C ALA A 11 -7.57 -27.24 -19.81
N GLU A 12 -7.56 -26.46 -18.73
CA GLU A 12 -7.72 -25.00 -18.80
C GLU A 12 -6.86 -24.36 -19.90
N THR A 13 -7.45 -23.39 -20.61
CA THR A 13 -6.72 -22.68 -21.66
C THR A 13 -6.21 -21.30 -21.23
N ARG A 14 -6.78 -20.73 -20.17
CA ARG A 14 -6.38 -19.41 -19.66
C ARG A 14 -5.33 -19.48 -18.56
N ILE A 15 -4.39 -18.53 -18.54
CA ILE A 15 -3.47 -18.38 -17.41
C ILE A 15 -4.21 -17.69 -16.25
N VAL A 16 -5.04 -16.71 -16.57
CA VAL A 16 -5.87 -16.04 -15.56
C VAL A 16 -7.30 -16.56 -15.65
N THR A 17 -7.70 -17.33 -14.64
CA THR A 17 -9.02 -17.94 -14.64
C THR A 17 -10.01 -17.01 -13.91
N ASP A 18 -11.16 -17.55 -13.55
CA ASP A 18 -12.17 -16.77 -12.83
C ASP A 18 -11.95 -16.80 -11.32
N ALA A 19 -10.95 -17.58 -10.87
CA ALA A 19 -10.66 -17.70 -9.44
C ALA A 19 -10.36 -16.34 -8.81
N PRO A 20 -10.67 -16.21 -7.50
CA PRO A 20 -10.40 -14.95 -6.80
C PRO A 20 -8.90 -14.68 -6.67
N ARG A 21 -8.47 -13.48 -7.04
CA ARG A 21 -7.04 -13.19 -7.16
C ARG A 21 -6.44 -12.76 -5.82
N ASN A 22 -5.16 -13.05 -5.64
CA ASN A 22 -4.45 -12.87 -4.38
C ASN A 22 -5.11 -13.63 -3.22
N SER A 23 -5.82 -14.72 -3.52
CA SER A 23 -6.42 -15.53 -2.48
C SER A 23 -5.47 -16.62 -1.95
N GLU A 24 -4.33 -16.80 -2.61
CA GLU A 24 -3.27 -17.68 -2.09
C GLU A 24 -1.97 -16.90 -2.13
N SER A 25 -0.93 -17.44 -1.49
CA SER A 25 0.38 -16.80 -1.45
C SER A 25 1.43 -17.67 -2.13
N VAL A 26 2.24 -17.06 -3.01
CA VAL A 26 3.31 -17.77 -3.70
C VAL A 26 4.26 -18.49 -2.73
N GLY A 27 4.44 -17.93 -1.52
CA GLY A 27 5.25 -18.57 -0.49
C GLY A 27 4.79 -19.97 -0.08
N ASP A 28 3.52 -20.30 -0.34
CA ASP A 28 2.99 -21.62 -0.05
C ASP A 28 3.10 -22.59 -1.23
N HIS A 29 3.56 -22.11 -2.38
CA HIS A 29 3.66 -22.97 -3.56
C HIS A 29 4.94 -22.72 -4.32
N LEU A 30 6.07 -22.75 -3.61
CA LEU A 30 7.37 -22.62 -4.25
C LEU A 30 7.65 -23.85 -5.11
N PHE A 31 8.26 -23.62 -6.26
CA PHE A 31 8.57 -24.67 -7.23
C PHE A 31 9.74 -25.55 -6.75
N ASN A 32 9.56 -26.87 -6.76
CA ASN A 32 10.58 -27.79 -6.20
C ASN A 32 11.52 -28.45 -7.23
N GLY A 33 11.51 -27.96 -8.47
CA GLY A 33 12.33 -28.56 -9.54
C GLY A 33 11.80 -29.87 -10.09
N GLY A 34 10.83 -30.47 -9.41
CA GLY A 34 10.34 -31.81 -9.71
C GLY A 34 8.98 -31.81 -10.37
N VAL A 35 8.01 -31.15 -9.74
CA VAL A 35 6.66 -31.09 -10.27
C VAL A 35 6.17 -29.66 -10.49
N ASN A 36 5.50 -29.47 -11.62
CA ASN A 36 4.84 -28.22 -11.95
C ASN A 36 3.46 -28.19 -11.28
N HIS A 37 3.39 -27.56 -10.10
CA HIS A 37 2.14 -27.45 -9.33
C HIS A 37 0.96 -26.95 -10.16
N HIS A 38 1.24 -26.13 -11.18
CA HIS A 38 0.21 -25.57 -12.03
C HIS A 38 -0.49 -26.62 -12.90
N ASP A 39 0.16 -27.78 -13.08
CA ASP A 39 -0.50 -28.98 -13.61
C ASP A 39 -1.60 -29.47 -12.68
N GLU A 40 -1.32 -29.52 -11.38
CA GLU A 40 -2.31 -29.97 -10.39
C GLU A 40 -3.44 -28.96 -10.18
N ASP A 41 -3.13 -27.66 -10.26
CA ASP A 41 -4.10 -26.61 -9.96
C ASP A 41 -4.06 -25.50 -11.03
N PRO A 42 -5.05 -25.50 -11.94
CA PRO A 42 -5.11 -24.52 -13.03
C PRO A 42 -5.38 -23.08 -12.56
N ASP A 43 -5.94 -22.93 -11.35
CA ASP A 43 -6.26 -21.62 -10.78
C ASP A 43 -5.10 -21.03 -9.95
N ALA A 44 -3.98 -21.74 -9.86
CA ALA A 44 -2.92 -21.35 -8.92
C ALA A 44 -2.28 -19.98 -9.25
N TYR A 45 -1.92 -19.76 -10.50
CA TYR A 45 -1.32 -18.48 -10.89
C TYR A 45 -2.29 -17.33 -10.64
N THR A 46 -3.56 -17.54 -10.95
CA THR A 46 -4.61 -16.56 -10.73
C THR A 46 -4.71 -16.16 -9.27
N LYS A 47 -4.68 -17.16 -8.39
CA LYS A 47 -4.87 -16.96 -6.95
C LYS A 47 -3.67 -16.29 -6.27
N MET A 48 -2.45 -16.62 -6.71
CA MET A 48 -1.23 -16.18 -6.01
C MET A 48 -0.78 -14.76 -6.37
N TYR A 49 -1.22 -14.23 -7.51
CA TYR A 49 -0.99 -12.84 -7.88
C TYR A 49 -2.29 -12.04 -8.03
N GLY A 50 -2.16 -10.72 -7.94
CA GLY A 50 -3.31 -9.86 -7.73
C GLY A 50 -4.03 -9.52 -9.02
N PRO A 51 -5.14 -8.77 -8.91
CA PRO A 51 -5.81 -8.27 -10.11
C PRO A 51 -4.94 -7.25 -10.85
N LEU A 52 -4.96 -7.29 -12.17
CA LEU A 52 -4.25 -6.30 -13.00
C LEU A 52 -5.06 -5.01 -13.01
N VAL A 53 -4.42 -3.88 -13.32
CA VAL A 53 -5.14 -2.59 -13.32
C VAL A 53 -6.26 -2.52 -14.36
N GLY A 54 -6.07 -3.19 -15.49
CA GLY A 54 -7.07 -3.18 -16.55
C GLY A 54 -6.58 -2.30 -17.68
N TYR A 55 -6.78 -2.79 -18.91
CA TYR A 55 -6.29 -2.13 -20.10
C TYR A 55 -7.39 -1.29 -20.74
N ASP A 56 -7.11 0.00 -20.89
CA ASP A 56 -7.99 0.96 -21.56
C ASP A 56 -7.30 1.27 -22.90
N PRO A 57 -7.92 0.86 -24.03
CA PRO A 57 -7.28 1.10 -25.33
C PRO A 57 -7.09 2.59 -25.69
N ARG A 58 -7.75 3.47 -24.94
CA ARG A 58 -7.66 4.92 -25.12
C ARG A 58 -6.41 5.55 -24.50
N ASN A 59 -5.70 4.79 -23.67
CA ASN A 59 -4.46 5.28 -23.08
C ASN A 59 -3.53 4.10 -22.74
N PRO A 60 -2.87 3.54 -23.76
CA PRO A 60 -2.08 2.34 -23.55
C PRO A 60 -0.88 2.51 -22.61
N THR A 61 -0.44 3.74 -22.37
CA THR A 61 0.78 3.93 -21.57
C THR A 61 0.59 3.46 -20.12
N THR A 62 -0.67 3.35 -19.67
CA THR A 62 -0.93 2.84 -18.33
C THR A 62 -0.45 1.39 -18.14
N LEU A 63 -0.13 0.70 -19.23
CA LEU A 63 0.58 -0.56 -19.14
C LEU A 63 1.84 -0.43 -18.27
N PHE A 64 2.48 0.76 -18.29
CA PHE A 64 3.73 0.98 -17.56
C PHE A 64 3.59 1.81 -16.27
N ALA A 65 2.37 1.94 -15.75
CA ALA A 65 2.07 2.89 -14.67
C ALA A 65 2.55 2.45 -13.28
N ASN A 66 2.46 1.16 -12.96
CA ASN A 66 2.91 0.72 -11.61
C ASN A 66 4.43 0.52 -11.47
N ALA A 67 5.18 0.82 -12.52
CA ALA A 67 6.63 0.57 -12.55
C ALA A 67 7.41 1.54 -11.67
N GLN A 69 9.86 3.51 -11.71
CA GLN A 69 10.16 4.75 -12.43
C GLN A 69 8.95 5.11 -13.30
N THR A 70 8.46 6.34 -13.11
CA THR A 70 7.15 6.74 -13.62
C THR A 70 7.15 8.01 -14.44
N GLY A 71 6.11 8.12 -15.28
CA GLY A 71 5.73 9.33 -15.98
C GLY A 71 6.85 10.14 -16.58
N THR A 72 7.46 10.98 -15.74
CA THR A 72 8.29 12.09 -16.19
C THR A 72 9.79 11.93 -15.93
N GLN A 73 10.20 10.98 -15.09
CA GLN A 73 11.65 10.84 -14.83
C GLN A 73 12.33 10.42 -16.13
N LEU A 74 13.48 11.01 -16.41
CA LEU A 74 14.21 10.75 -17.62
C LEU A 74 14.67 9.30 -17.67
N VAL A 75 14.74 8.75 -18.87
CA VAL A 75 15.30 7.42 -19.07
C VAL A 75 16.80 7.38 -18.71
N ALA A 76 17.51 8.50 -18.95
CA ALA A 76 18.92 8.64 -18.57
C ALA A 76 19.21 9.92 -17.75
N PRO A 77 18.98 9.87 -16.43
CA PRO A 77 19.20 11.04 -15.60
C PRO A 77 20.68 11.30 -15.37
N ARG A 78 21.03 12.56 -15.17
CA ARG A 78 22.39 12.91 -14.85
C ARG A 78 22.58 12.65 -13.36
N LYS A 79 23.42 11.68 -13.02
CA LYS A 79 23.65 11.32 -11.62
C LYS A 79 25.00 10.65 -11.48
N ALA A 80 25.83 11.19 -10.60
CA ALA A 80 27.19 10.72 -10.45
C ALA A 80 27.21 9.25 -10.06
N ARG A 81 28.19 8.51 -10.60
CA ARG A 81 28.41 7.12 -10.21
C ARG A 81 29.36 7.02 -9.03
N GLU A 82 29.13 6.00 -8.19
CA GLU A 82 30.11 5.55 -7.24
C GLU A 82 31.04 4.62 -8.02
N ILE A 83 32.23 5.11 -8.36
CA ILE A 83 33.15 4.34 -9.19
C ILE A 83 33.94 3.32 -8.35
N LEU A 84 34.19 3.70 -7.10
CA LEU A 84 34.81 2.85 -6.10
C LEU A 84 34.22 3.30 -4.77
N THR A 85 34.37 2.48 -3.73
CA THR A 85 33.76 2.76 -2.45
C THR A 85 34.15 4.17 -1.97
N GLY A 86 33.14 5.02 -1.82
CA GLY A 86 33.33 6.38 -1.35
C GLY A 86 33.89 7.37 -2.37
N ILE A 87 34.00 6.96 -3.63
CA ILE A 87 34.49 7.84 -4.69
C ILE A 87 33.38 8.06 -5.70
N TYR A 88 33.00 9.32 -5.91
CA TYR A 88 31.89 9.66 -6.81
C TYR A 88 32.39 10.48 -8.02
N SER A 89 31.77 10.23 -9.18
CA SER A 89 32.32 10.67 -10.47
C SER A 89 32.24 12.17 -10.82
N PHE A 90 31.43 12.94 -10.09
CA PHE A 90 31.32 14.38 -10.36
C PHE A 90 32.28 15.21 -9.48
N GLU A 91 33.09 14.55 -8.64
CA GLU A 91 33.99 15.26 -7.74
C GLU A 91 35.24 15.74 -8.51
N PRO A 92 35.64 17.02 -8.34
CA PRO A 92 36.82 17.58 -8.99
C PRO A 92 38.09 16.76 -8.84
N THR A 93 38.31 16.22 -7.64
CA THR A 93 39.47 15.39 -7.36
C THR A 93 39.56 14.23 -8.36
N VAL A 94 38.42 13.59 -8.63
CA VAL A 94 38.36 12.50 -9.59
C VAL A 94 38.70 13.01 -10.99
N LEU A 95 38.09 14.12 -11.38
CA LEU A 95 38.31 14.69 -12.71
C LEU A 95 39.78 15.09 -12.93
N ALA A 96 40.39 15.71 -11.91
CA ALA A 96 41.82 16.02 -11.93
C ALA A 96 42.68 14.76 -12.06
N PHE A 97 42.32 13.70 -11.34
CA PHE A 97 42.97 12.39 -11.45
C PHE A 97 42.90 11.84 -12.88
N GLN A 98 41.72 11.91 -13.49
CA GLN A 98 41.51 11.41 -14.87
C GLN A 98 42.36 12.18 -15.88
N ARG A 99 42.47 13.48 -15.65
CA ARG A 99 43.26 14.35 -16.51
C ARG A 99 44.70 13.87 -16.50
N GLU A 100 45.24 13.74 -15.30
CA GLU A 100 46.65 13.42 -15.15
C GLU A 100 46.94 12.01 -15.60
N PHE A 101 46.08 11.06 -15.24
CA PHE A 101 46.26 9.66 -15.66
C PHE A 101 46.29 9.53 -17.18
N VAL A 102 45.26 10.05 -17.85
CA VAL A 102 45.23 9.99 -19.33
C VAL A 102 46.50 10.59 -19.95
N LYS A 103 46.94 11.74 -19.46
CA LYS A 103 48.13 12.37 -20.05
C LYS A 103 49.39 11.52 -19.85
N ARG A 104 49.56 10.96 -18.66
CA ARG A 104 50.68 10.06 -18.37
C ARG A 104 50.64 8.74 -19.16
N ALA A 105 49.43 8.20 -19.36
CA ALA A 105 49.27 6.93 -20.06
C ALA A 105 49.52 7.10 -21.56
N ASN A 106 49.01 8.20 -22.10
CA ASN A 106 49.33 8.60 -23.49
C ASN A 106 50.83 8.72 -23.73
N ALA A 107 51.56 9.23 -22.74
CA ALA A 107 53.00 9.46 -22.90
C ALA A 107 53.77 8.14 -22.94
N VAL A 108 53.31 7.17 -22.16
CA VAL A 108 54.00 5.89 -22.04
C VAL A 108 53.66 4.93 -23.19
N ALA A 109 52.52 5.14 -23.86
CA ALA A 109 52.13 4.24 -24.95
C ALA A 109 51.20 4.91 -25.95
N GLN A 110 51.55 4.80 -27.23
CA GLN A 110 50.71 5.29 -28.33
C GLN A 110 50.37 4.11 -29.24
N PRO A 111 49.16 4.10 -29.84
CA PRO A 111 48.75 2.97 -30.66
C PRO A 111 49.54 2.85 -31.96
N ASP A 112 50.21 1.72 -32.16
CA ASP A 112 51.05 1.50 -33.34
C ASP A 112 50.34 0.59 -34.35
N LEU A 113 49.51 1.19 -35.20
CA LEU A 113 48.71 0.43 -36.16
C LEU A 113 49.28 0.46 -37.57
N ASN A 114 49.12 -0.65 -38.30
CA ASN A 114 49.50 -0.70 -39.72
C ASN A 114 48.31 -0.42 -40.64
N SER A 115 48.55 -0.42 -41.95
CA SER A 115 47.54 -0.06 -42.95
C SER A 115 46.35 -1.02 -43.00
N ASP A 116 46.59 -2.28 -42.64
CA ASP A 116 45.54 -3.29 -42.59
C ASP A 116 44.63 -3.08 -41.37
N GLY A 117 45.13 -2.37 -40.37
CA GLY A 117 44.35 -2.08 -39.16
C GLY A 117 44.75 -2.91 -37.95
N PHE A 118 45.89 -3.60 -38.05
CA PHE A 118 46.40 -4.39 -36.93
C PHE A 118 47.32 -3.55 -36.05
N SER A 119 47.24 -3.76 -34.74
CA SER A 119 48.19 -3.15 -33.83
C SER A 119 49.41 -4.03 -33.74
N LEU A 120 50.57 -3.38 -33.80
CA LEU A 120 51.85 -4.05 -33.75
C LEU A 120 52.43 -4.01 -32.33
N ASN A 121 51.83 -3.21 -31.46
CA ASN A 121 52.27 -3.08 -30.07
C ASN A 121 51.22 -3.51 -29.04
N GLY A 122 49.98 -3.72 -29.48
CA GLY A 122 48.90 -4.18 -28.61
C GLY A 122 47.85 -3.11 -28.38
N LEU A 123 48.28 -1.85 -28.37
CA LEU A 123 47.39 -0.73 -28.14
C LEU A 123 46.77 -0.34 -29.47
N HIS A 124 45.46 -0.14 -29.47
CA HIS A 124 44.70 0.12 -30.70
C HIS A 124 44.13 1.54 -30.76
N THR A 125 44.18 2.27 -29.65
CA THR A 125 43.58 3.59 -29.56
C THR A 125 44.34 4.38 -28.51
N THR A 126 44.06 5.68 -28.38
CA THR A 126 44.63 6.45 -27.28
C THR A 126 43.81 6.23 -26.01
N PHE A 127 44.24 6.82 -24.91
CA PHE A 127 43.49 6.74 -23.65
C PHE A 127 42.55 7.95 -23.43
N ASP A 128 42.39 8.81 -24.43
CA ASP A 128 41.62 10.05 -24.29
C ASP A 128 40.17 9.82 -23.82
N SER A 129 39.56 8.70 -24.19
CA SER A 129 38.18 8.39 -23.83
C SER A 129 37.96 8.27 -22.30
N ILE A 130 39.04 8.04 -21.55
CA ILE A 130 38.96 7.89 -20.10
C ILE A 130 38.73 9.27 -19.42
N ARG A 131 38.89 10.35 -20.18
CA ARG A 131 38.36 11.66 -19.79
C ARG A 131 36.88 11.71 -20.13
N SER A 132 36.13 10.77 -19.59
CA SER A 132 34.68 10.73 -19.71
C SER A 132 34.09 10.72 -18.31
N VAL A 133 32.98 11.42 -18.15
CA VAL A 133 32.34 11.59 -16.86
C VAL A 133 31.17 10.63 -16.74
N SER A 134 31.38 9.53 -16.02
CA SER A 134 30.32 8.55 -15.83
C SER A 134 29.13 9.20 -15.14
N GLY A 135 27.93 8.76 -15.49
CA GLY A 135 26.72 9.31 -14.92
C GLY A 135 26.29 10.66 -15.46
N TYR A 136 27.06 11.20 -16.41
CA TYR A 136 26.79 12.48 -17.06
C TYR A 136 26.52 12.22 -18.53
N PRO A 137 25.24 12.08 -18.91
CA PRO A 137 24.95 11.56 -20.24
C PRO A 137 24.93 12.61 -21.34
N GLN A 138 25.28 12.17 -22.56
CA GLN A 138 24.90 12.91 -23.75
C GLN A 138 23.37 12.87 -23.85
N TRP A 139 22.78 14.04 -24.10
CA TRP A 139 21.35 14.21 -24.23
C TRP A 139 21.05 14.96 -25.54
N PRO A 140 19.90 14.69 -26.17
CA PRO A 140 18.94 13.65 -25.80
C PRO A 140 19.46 12.25 -26.13
N VAL A 141 18.96 11.23 -25.41
CA VAL A 141 19.14 9.85 -25.84
C VAL A 141 18.42 9.75 -27.17
N SER A 142 19.09 9.17 -28.17
CA SER A 142 18.51 9.09 -29.53
C SER A 142 17.33 8.13 -29.56
N ALA A 143 16.19 8.61 -30.07
CA ALA A 143 14.97 7.81 -30.14
C ALA A 143 15.02 6.81 -31.30
N LEU A 144 14.00 5.96 -31.37
CA LEU A 144 13.86 4.96 -32.42
C LEU A 144 12.81 5.43 -33.41
N PRO A 145 13.20 5.75 -34.66
CA PRO A 145 12.19 6.17 -35.62
C PRO A 145 11.26 5.03 -36.01
N LYS A 146 10.05 5.37 -36.46
CA LYS A 146 9.05 4.38 -36.84
C LYS A 146 9.50 3.54 -38.03
N SER A 147 10.38 4.10 -38.87
CA SER A 147 11.01 3.35 -39.95
C SER A 147 12.52 3.59 -40.05
N ASN A 148 13.25 2.57 -40.51
CA ASN A 148 14.70 2.62 -40.61
C ASN A 148 15.21 2.75 -42.05
N VAL A 149 14.31 3.02 -42.99
CA VAL A 149 14.66 3.03 -44.42
C VAL A 149 15.58 4.20 -44.79
N GLY A 150 15.50 5.28 -44.01
CA GLY A 150 16.45 6.39 -44.12
C GLY A 150 17.85 6.01 -43.68
N LEU A 151 17.94 5.12 -42.69
CA LEU A 151 19.24 4.60 -42.24
C LEU A 151 19.84 3.65 -43.28
N LEU A 152 19.03 2.74 -43.83
CA LEU A 152 19.50 1.86 -44.91
C LEU A 152 20.01 2.69 -46.09
N ARG A 153 19.30 3.77 -46.40
CA ARG A 153 19.68 4.65 -47.49
C ARG A 153 20.95 5.45 -47.14
N ASP A 154 21.06 5.92 -45.90
CA ASP A 154 22.26 6.64 -45.46
C ASP A 154 23.48 5.71 -45.44
N LEU A 155 23.26 4.47 -45.02
CA LEU A 155 24.31 3.45 -45.05
C LEU A 155 24.52 2.86 -46.44
N LYS A 156 23.89 3.43 -47.46
CA LYS A 156 24.04 2.98 -48.85
C LYS A 156 23.93 1.47 -48.97
N LEU A 157 22.91 0.90 -48.32
CA LEU A 157 22.70 -0.54 -48.37
C LEU A 157 21.68 -0.91 -49.44
N GLN A 158 21.61 -2.20 -49.73
CA GLN A 158 20.71 -2.74 -50.74
C GLN A 158 19.24 -2.42 -50.41
N GLU A 159 18.42 -2.23 -51.44
CA GLU A 159 16.98 -2.07 -51.24
C GLU A 159 16.31 -3.40 -50.92
N ARG A 160 16.79 -4.46 -51.56
CA ARG A 160 16.37 -5.83 -51.27
C ARG A 160 17.55 -6.78 -51.42
N MET A 161 17.39 -8.02 -50.96
CA MET A 161 18.42 -9.04 -51.12
C MET A 161 18.38 -9.55 -52.53
N THR A 162 19.54 -9.95 -53.07
CA THR A 162 19.59 -10.59 -54.37
C THR A 162 19.00 -12.00 -54.26
N ALA A 163 18.67 -12.58 -55.41
CA ALA A 163 18.11 -13.94 -55.46
C ALA A 163 19.02 -14.94 -54.74
N ARG A 164 20.31 -14.90 -55.06
CA ARG A 164 21.29 -15.83 -54.48
C ARG A 164 21.39 -15.68 -52.96
N GLN A 165 21.35 -14.44 -52.47
CA GLN A 165 21.37 -14.19 -51.03
C GLN A 165 20.14 -14.75 -50.30
N VAL A 166 18.97 -14.65 -50.92
CA VAL A 166 17.74 -15.28 -50.39
C VAL A 166 17.86 -16.81 -50.28
N VAL A 167 18.56 -17.41 -51.24
CA VAL A 167 18.80 -18.85 -51.24
C VAL A 167 19.78 -19.22 -50.12
N ILE A 168 20.83 -18.43 -49.99
CA ILE A 168 21.84 -18.67 -48.95
C ILE A 168 21.26 -18.51 -47.56
N ALA A 169 20.43 -17.47 -47.39
CA ALA A 169 19.75 -17.20 -46.14
C ALA A 169 18.79 -18.34 -45.79
N ARG A 170 18.06 -18.83 -46.80
CA ARG A 170 17.14 -19.96 -46.58
C ARG A 170 17.88 -21.23 -46.16
N GLU A 171 19.04 -21.49 -46.79
CA GLU A 171 19.84 -22.65 -46.44
C GLU A 171 20.40 -22.59 -45.03
N ILE A 172 20.91 -21.43 -44.63
CA ILE A 172 21.48 -21.30 -43.30
C ILE A 172 20.40 -21.37 -42.22
N TRP A 173 19.29 -20.66 -42.41
CA TRP A 173 18.15 -20.68 -41.46
C TRP A 173 17.45 -22.03 -41.37
N LYS A 174 17.47 -22.79 -42.47
CA LYS A 174 17.01 -24.19 -42.49
C LYS A 174 17.79 -25.02 -41.47
N ARG A 175 19.11 -24.81 -41.45
CA ARG A 175 19.99 -25.55 -40.54
C ARG A 175 19.85 -25.08 -39.09
N VAL A 176 19.62 -23.79 -38.89
CA VAL A 176 19.46 -23.21 -37.54
C VAL A 176 18.11 -23.55 -36.90
N TRP A 177 17.01 -23.20 -37.56
CA TRP A 177 15.68 -23.54 -37.04
C TRP A 177 15.48 -25.06 -37.00
N GLY A 178 16.13 -25.79 -37.90
CA GLY A 178 15.90 -27.24 -38.06
C GLY A 178 16.53 -28.14 -37.02
N HIS A 179 17.40 -27.58 -36.19
CA HIS A 179 18.02 -28.32 -35.10
C HIS A 179 17.81 -27.59 -33.78
N MET A 180 17.45 -28.34 -32.75
CA MET A 180 17.23 -27.79 -31.42
C MET A 180 17.85 -28.74 -30.39
N LYS A 181 18.60 -28.16 -29.46
CA LYS A 181 19.10 -28.89 -28.29
C LYS A 181 18.40 -28.31 -27.06
N PRO A 182 17.29 -28.94 -26.61
CA PRO A 182 16.50 -28.41 -25.50
C PRO A 182 17.32 -28.05 -24.26
N THR A 183 17.17 -26.80 -23.82
CA THR A 183 17.99 -26.24 -22.76
C THR A 183 17.10 -25.42 -21.85
N ALA A 184 17.48 -25.30 -20.58
CA ALA A 184 16.69 -24.58 -19.59
C ALA A 184 16.37 -23.15 -20.04
N ILE A 185 15.14 -22.70 -19.81
CA ILE A 185 14.78 -21.28 -19.93
C ILE A 185 15.45 -20.54 -18.79
N LYS A 186 16.12 -19.43 -19.13
CA LYS A 186 16.80 -18.59 -18.15
C LYS A 186 15.91 -17.40 -17.77
N ILE A 187 15.60 -17.30 -16.49
CA ILE A 187 14.67 -16.30 -15.97
C ILE A 187 15.46 -15.26 -15.17
N PRO A 188 15.61 -14.02 -15.70
CA PRO A 188 16.53 -13.05 -15.09
C PRO A 188 16.03 -12.44 -13.78
N LYS A 189 16.87 -12.49 -12.75
CA LYS A 189 16.48 -12.05 -11.41
C LYS A 189 16.42 -10.53 -11.23
N MET A 190 17.32 -9.81 -11.88
CA MET A 190 17.51 -8.40 -11.55
CA MET A 190 17.56 -8.40 -11.59
C MET A 190 16.76 -7.44 -12.49
N SER A 191 16.24 -7.95 -13.60
CA SER A 191 15.57 -7.09 -14.57
C SER A 191 14.05 -7.13 -14.44
N THR A 192 13.39 -6.12 -15.01
CA THR A 192 11.93 -6.00 -14.98
C THR A 192 11.21 -7.05 -15.82
N SER A 193 10.00 -7.37 -15.39
CA SER A 193 9.10 -8.21 -16.15
C SER A 193 8.49 -7.39 -17.27
N GLY A 194 8.54 -6.07 -17.14
CA GLY A 194 7.84 -5.20 -18.06
C GLY A 194 6.36 -5.31 -17.80
N PRO A 195 5.53 -4.75 -18.70
CA PRO A 195 4.10 -4.70 -18.46
C PRO A 195 3.45 -6.07 -18.55
N PRO A 196 2.31 -6.25 -17.85
CA PRO A 196 1.61 -5.26 -17.03
C PRO A 196 2.13 -5.06 -15.57
N ARG A 197 2.78 -6.07 -14.99
CA ARG A 197 3.17 -6.00 -13.57
C ARG A 197 4.39 -5.12 -13.29
N ASN A 198 5.29 -5.00 -14.25
CA ASN A 198 6.45 -4.12 -14.14
C ASN A 198 7.18 -4.27 -12.81
N VAL A 199 7.53 -5.50 -12.45
CA VAL A 199 8.31 -5.75 -11.25
C VAL A 199 9.54 -6.60 -11.59
N ASN A 200 10.57 -6.44 -10.76
CA ASN A 200 11.81 -7.21 -10.87
C ASN A 200 11.69 -8.44 -9.98
N ASP A 201 10.84 -9.39 -10.40
CA ASP A 201 10.43 -10.50 -9.55
C ASP A 201 10.52 -11.83 -10.31
N ALA A 202 11.70 -12.43 -10.29
CA ALA A 202 11.93 -13.69 -11.00
C ALA A 202 11.02 -14.83 -10.52
N GLU A 203 10.58 -14.80 -9.26
CA GLU A 203 9.60 -15.78 -8.76
C GLU A 203 8.28 -15.68 -9.53
N MET A 204 7.80 -14.47 -9.79
CA MET A 204 6.58 -14.27 -10.61
C MET A 204 6.81 -14.72 -12.05
N LYS A 205 7.95 -14.36 -12.62
CA LYS A 205 8.26 -14.73 -13.99
C LYS A 205 8.26 -16.27 -14.15
N LEU A 206 8.85 -16.95 -13.18
CA LEU A 206 8.85 -18.43 -13.12
C LEU A 206 7.47 -19.04 -12.93
N GLN A 207 6.70 -18.52 -11.98
CA GLN A 207 5.32 -19.00 -11.77
C GLN A 207 4.49 -18.80 -13.03
N TYR A 208 4.72 -17.69 -13.76
CA TYR A 208 3.99 -17.40 -14.98
C TYR A 208 4.32 -18.47 -16.03
N ALA A 209 5.61 -18.75 -16.17
CA ALA A 209 6.12 -19.78 -17.06
C ALA A 209 5.50 -21.16 -16.75
N LEU A 210 5.45 -21.54 -15.48
CA LEU A 210 4.85 -22.84 -15.11
C LEU A 210 3.39 -22.90 -15.53
N ALA A 211 2.72 -21.75 -15.44
CA ALA A 211 1.34 -21.59 -15.88
C ALA A 211 1.20 -21.77 -17.40
N LEU A 212 2.02 -21.03 -18.15
CA LEU A 212 1.98 -21.07 -19.61
C LEU A 212 2.22 -22.48 -20.13
N PHE A 213 3.13 -23.22 -19.49
CA PHE A 213 3.49 -24.56 -19.91
C PHE A 213 2.72 -25.69 -19.22
N SER A 214 1.68 -25.35 -18.47
CA SER A 214 0.78 -26.36 -17.91
C SER A 214 -0.57 -26.36 -18.63
N GLY A 215 -1.32 -27.44 -18.45
CA GLY A 215 -2.61 -27.62 -19.14
C GLY A 215 -2.50 -27.36 -20.63
N ASN A 216 -3.48 -26.63 -21.17
CA ASN A 216 -3.49 -26.26 -22.59
C ASN A 216 -3.27 -24.75 -22.73
N ARG A 217 -2.42 -24.19 -21.87
CA ARG A 217 -2.30 -22.74 -21.76
C ARG A 217 -1.53 -22.12 -22.93
N TYR A 218 -0.53 -22.82 -23.46
CA TYR A 218 0.27 -22.30 -24.57
C TYR A 218 -0.61 -22.16 -25.82
N ASN A 219 -1.36 -23.21 -26.13
CA ASN A 219 -2.34 -23.14 -27.19
C ASN A 219 -3.33 -22.00 -26.95
N GLY A 220 -3.88 -21.92 -25.74
CA GLY A 220 -4.81 -20.86 -25.38
C GLY A 220 -4.19 -19.46 -25.53
N TYR A 221 -2.93 -19.34 -25.12
CA TYR A 221 -2.17 -18.11 -25.25
C TYR A 221 -2.11 -17.68 -26.72
N LEU A 222 -1.80 -18.61 -27.61
CA LEU A 222 -1.67 -18.30 -29.04
C LEU A 222 -3.00 -17.93 -29.70
N ASP A 223 -4.07 -18.67 -29.38
CA ASP A 223 -5.40 -18.33 -29.87
C ASP A 223 -5.76 -16.89 -29.51
N ALA A 224 -5.53 -16.52 -28.25
CA ALA A 224 -5.76 -15.17 -27.81
C ALA A 224 -4.85 -14.20 -28.57
N PHE A 225 -3.56 -14.52 -28.66
CA PHE A 225 -2.65 -13.67 -29.41
C PHE A 225 -3.20 -13.38 -30.82
N LYS A 226 -3.48 -14.45 -31.58
CA LYS A 226 -3.84 -14.30 -33.00
C LYS A 226 -5.21 -13.68 -33.25
N SER A 227 -6.09 -13.73 -32.25
CA SER A 227 -7.39 -13.09 -32.37
C SER A 227 -7.27 -11.60 -32.66
N GLY A 228 -6.24 -10.97 -32.13
CA GLY A 228 -6.05 -9.53 -32.26
C GLY A 228 -6.80 -8.77 -31.20
N ASP A 229 -7.52 -9.49 -30.35
CA ASP A 229 -8.28 -8.91 -29.24
C ASP A 229 -7.33 -8.62 -28.06
N LEU A 230 -6.71 -7.45 -28.07
CA LEU A 230 -5.72 -7.11 -27.05
C LEU A 230 -6.30 -7.23 -25.64
N SER A 231 -7.55 -6.78 -25.46
CA SER A 231 -8.22 -6.88 -24.16
C SER A 231 -8.26 -8.30 -23.60
N ARG A 232 -8.60 -9.26 -24.45
CA ARG A 232 -8.64 -10.67 -24.08
C ARG A 232 -7.25 -11.24 -23.77
N PHE A 233 -6.28 -10.96 -24.65
CA PHE A 233 -4.89 -11.40 -24.48
C PHE A 233 -4.30 -10.88 -23.17
N TYR A 234 -4.61 -9.63 -22.84
CA TYR A 234 -4.20 -8.99 -21.59
C TYR A 234 -4.92 -9.59 -20.39
N ARG A 235 -6.24 -9.66 -20.48
CA ARG A 235 -7.08 -10.15 -19.40
C ARG A 235 -6.70 -11.57 -19.00
N ASP A 236 -6.56 -12.44 -20.00
CA ASP A 236 -6.45 -13.89 -19.75
C ASP A 236 -5.03 -14.43 -19.70
N TYR A 237 -4.07 -13.64 -20.17
CA TYR A 237 -2.67 -14.06 -20.16
C TYR A 237 -1.70 -12.98 -19.68
N GLU A 238 -2.21 -11.87 -19.15
CA GLU A 238 -1.35 -10.78 -18.68
C GLU A 238 -0.28 -10.45 -19.75
N ALA A 239 -0.71 -10.39 -21.01
CA ALA A 239 0.22 -10.16 -22.10
C ALA A 239 -0.23 -8.97 -22.94
N ALA A 240 0.73 -8.15 -23.34
CA ALA A 240 0.50 -7.13 -24.34
C ALA A 240 1.77 -6.99 -25.19
N VAL A 241 1.61 -6.86 -26.51
CA VAL A 241 2.73 -6.74 -27.42
C VAL A 241 3.16 -5.27 -27.50
N ILE A 242 4.15 -4.94 -26.70
CA ILE A 242 4.64 -3.58 -26.58
C ILE A 242 6.03 -3.61 -25.96
N MET A 243 6.90 -2.72 -26.42
CA MET A 243 8.24 -2.58 -25.85
C MET A 243 8.26 -1.44 -24.83
N GLY A 244 8.93 -1.69 -23.71
CA GLY A 244 9.38 -0.64 -22.83
C GLY A 244 10.75 -0.19 -23.33
N THR A 245 11.31 0.82 -22.68
CA THR A 245 12.56 1.40 -23.14
C THR A 245 13.57 1.51 -21.98
N ASN A 246 14.82 1.21 -22.29
CA ASN A 246 15.96 1.36 -21.36
C ASN A 246 17.07 2.14 -22.06
N VAL A 247 18.13 2.45 -21.33
CA VAL A 247 19.31 3.10 -21.89
C VAL A 247 20.57 2.36 -21.46
N ARG A 248 21.51 2.20 -22.38
CA ARG A 248 22.84 1.69 -22.05
C ARG A 248 23.82 2.86 -22.23
N TRP A 249 24.79 2.93 -21.32
CA TRP A 249 25.78 3.97 -21.31
C TRP A 249 27.14 3.37 -21.69
N GLN A 250 27.91 4.12 -22.46
CA GLN A 250 29.30 3.74 -22.69
C GLN A 250 30.19 4.95 -22.94
N VAL A 251 31.49 4.74 -22.73
CA VAL A 251 32.49 5.75 -23.02
C VAL A 251 32.49 6.03 -24.52
N ASP A 252 32.51 7.30 -24.89
CA ASP A 252 32.45 7.68 -26.29
C ASP A 252 33.86 7.70 -26.88
N ASN A 253 33.95 7.56 -28.19
CA ASN A 253 35.23 7.67 -28.92
C ASN A 253 35.41 9.12 -29.36
N PRO A 254 36.56 9.74 -29.02
CA PRO A 254 36.84 11.09 -29.49
C PRO A 254 36.65 11.26 -31.01
N GLY A 255 35.94 12.32 -31.40
CA GLY A 255 35.80 12.70 -32.79
C GLY A 255 34.85 11.97 -33.72
N LYS A 256 34.03 11.07 -33.18
CA LYS A 256 32.96 10.44 -33.96
C LYS A 256 31.76 11.41 -34.08
N LYS A 257 30.92 11.22 -35.10
CA LYS A 257 29.74 12.08 -35.28
C LYS A 257 28.63 11.69 -34.29
N ARG A 258 28.31 12.61 -33.38
CA ARG A 258 27.32 12.35 -32.34
C ARG A 258 26.00 13.04 -32.63
N ASP A 259 25.04 12.24 -33.10
CA ASP A 259 23.73 12.74 -33.48
C ASP A 259 22.62 11.95 -32.80
N TYR A 260 21.38 12.39 -32.97
CA TYR A 260 20.24 11.73 -32.36
C TYR A 260 18.94 11.99 -33.11
N TRP A 261 18.02 11.04 -33.05
CA TRP A 261 16.65 11.26 -33.51
C TRP A 261 15.86 11.88 -32.38
N ALA A 262 15.26 13.03 -32.64
CA ALA A 262 14.45 13.72 -31.63
C ALA A 262 13.09 13.07 -31.50
N GLN A 263 12.55 13.08 -30.29
CA GLN A 263 11.21 12.57 -30.04
C GLN A 263 10.17 13.36 -30.82
N ALA A 264 10.37 14.68 -30.91
CA ALA A 264 9.43 15.57 -31.59
C ALA A 264 9.36 15.31 -33.11
N ASP A 265 10.46 14.84 -33.70
CA ASP A 265 10.51 14.54 -35.13
C ASP A 265 9.87 13.19 -35.49
N ILE A 266 9.94 12.19 -34.60
CA ILE A 266 9.56 10.82 -34.99
C ILE A 266 8.05 10.63 -35.25
N GLU A 267 7.20 11.52 -34.75
CA GLU A 267 5.78 11.49 -35.12
C GLU A 267 5.50 12.23 -36.44
N ARG A 268 6.36 13.17 -36.82
CA ARG A 268 6.13 14.00 -38.01
C ARG A 268 6.40 13.25 -39.33
N GLU A 269 7.43 12.42 -39.35
CA GLU A 269 7.65 11.52 -40.49
C GLU A 269 8.25 10.20 -40.03
N LEU A 270 8.16 9.20 -40.91
CA LEU A 270 8.60 7.84 -40.58
C LEU A 270 10.12 7.77 -40.40
N ALA A 271 10.86 8.38 -41.32
CA ALA A 271 12.31 8.32 -41.33
C ALA A 271 12.93 9.72 -41.29
N PRO A 272 12.80 10.43 -40.15
CA PRO A 272 13.32 11.79 -40.06
C PRO A 272 14.83 11.77 -39.98
N SER A 273 15.45 12.88 -40.36
CA SER A 273 16.90 13.00 -40.24
C SER A 273 17.30 13.27 -38.79
N LYS A 274 18.61 13.17 -38.55
CA LYS A 274 19.21 13.18 -37.22
C LYS A 274 19.78 14.55 -36.86
N ARG A 275 19.61 14.94 -35.60
CA ARG A 275 20.10 16.22 -35.11
C ARG A 275 21.37 16.02 -34.33
N PRO A 276 22.24 17.04 -34.27
CA PRO A 276 23.52 16.91 -33.58
C PRO A 276 23.38 17.04 -32.06
N ILE A 277 24.12 16.20 -31.33
CA ILE A 277 24.17 16.30 -29.88
C ILE A 277 25.16 17.42 -29.55
N THR A 278 24.79 18.28 -28.61
CA THR A 278 25.62 19.44 -28.28
C THR A 278 26.02 19.49 -26.80
N THR A 279 25.78 18.40 -26.07
CA THR A 279 26.02 18.35 -24.63
C THR A 279 27.48 18.71 -24.29
N LYS A 280 27.64 19.61 -23.33
CA LYS A 280 28.95 19.90 -22.77
C LYS A 280 28.99 19.45 -21.31
N VAL A 281 30.20 19.12 -20.83
CA VAL A 281 30.41 18.80 -19.42
C VAL A 281 30.69 20.09 -18.63
N GLU A 282 29.74 20.44 -17.76
CA GLU A 282 29.87 21.59 -16.88
C GLU A 282 29.32 21.15 -15.51
N ILE A 283 30.18 21.09 -14.51
CA ILE A 283 29.76 20.55 -13.22
C ILE A 283 29.70 21.68 -12.18
N ASN A 284 28.47 22.16 -11.97
CA ASN A 284 28.18 23.32 -11.14
C ASN A 284 28.98 24.56 -11.57
N GLY A 285 28.74 24.98 -12.81
CA GLY A 285 29.35 26.19 -13.35
C GLY A 285 30.84 26.15 -13.66
N THR A 286 31.40 24.94 -13.85
CA THR A 286 32.82 24.77 -14.19
C THR A 286 32.95 23.91 -15.44
N VAL A 287 33.38 24.52 -16.54
CA VAL A 287 33.37 23.82 -17.83
C VAL A 287 34.59 22.91 -17.92
N TYR A 288 34.35 21.64 -18.23
CA TYR A 288 35.42 20.70 -18.53
C TYR A 288 35.43 20.47 -20.03
N ASP A 289 36.13 21.33 -20.75
CA ASP A 289 36.10 21.35 -22.22
C ASP A 289 36.82 20.17 -22.86
N ASP A 290 37.69 19.52 -22.07
CA ASP A 290 38.43 18.33 -22.50
C ASP A 290 37.76 17.01 -22.10
N PHE A 291 36.62 17.08 -21.41
CA PHE A 291 35.92 15.86 -21.01
C PHE A 291 34.71 15.59 -21.91
N ALA A 292 34.35 14.32 -21.99
CA ALA A 292 33.19 13.86 -22.75
C ALA A 292 32.06 13.43 -21.82
N ALA A 293 30.84 13.72 -22.25
CA ALA A 293 29.65 13.13 -21.64
C ALA A 293 29.56 11.68 -22.10
N MET A 294 28.88 10.83 -21.34
CA MET A 294 28.75 9.41 -21.71
C MET A 294 27.84 9.27 -22.91
N ARG A 295 28.21 8.42 -23.84
CA ARG A 295 27.33 8.11 -24.95
C ARG A 295 26.18 7.24 -24.45
N THR A 296 25.00 7.51 -24.98
CA THR A 296 23.79 6.83 -24.54
C THR A 296 23.14 6.18 -25.75
N ARG A 297 22.63 4.96 -25.58
CA ARG A 297 21.90 4.28 -26.64
C ARG A 297 20.61 3.68 -26.12
N LEU A 298 19.54 3.92 -26.88
CA LEU A 298 18.22 3.41 -26.53
CA LEU A 298 18.23 3.42 -26.53
C LEU A 298 18.17 1.91 -26.77
N VAL A 299 17.62 1.19 -25.81
CA VAL A 299 17.40 -0.24 -25.94
C VAL A 299 15.96 -0.54 -25.58
N ASN A 300 15.31 -1.36 -26.39
CA ASN A 300 13.98 -1.85 -26.05
C ASN A 300 14.10 -3.08 -25.15
N ALA A 301 13.02 -3.36 -24.44
CA ALA A 301 12.95 -4.53 -23.59
C ALA A 301 11.56 -5.10 -23.73
N GLY A 302 11.48 -6.35 -24.18
CA GLY A 302 10.20 -7.03 -24.38
C GLY A 302 9.66 -7.49 -23.04
N PRO A 303 8.32 -7.52 -22.89
CA PRO A 303 7.75 -8.05 -21.66
C PRO A 303 8.05 -9.54 -21.49
N TRP A 304 8.32 -9.96 -20.26
CA TRP A 304 8.52 -11.38 -19.97
C TRP A 304 7.40 -12.27 -20.51
N THR A 305 6.16 -11.81 -20.34
CA THR A 305 5.02 -12.61 -20.77
C THR A 305 4.92 -12.78 -22.29
N ILE A 306 5.67 -12.01 -23.07
CA ILE A 306 5.80 -12.25 -24.51
C ILE A 306 7.04 -13.10 -24.80
N ASN A 307 8.18 -12.69 -24.25
CA ASN A 307 9.45 -13.39 -24.48
C ASN A 307 9.51 -14.82 -23.94
N VAL A 308 8.83 -15.09 -22.82
CA VAL A 308 8.87 -16.42 -22.25
C VAL A 308 8.34 -17.49 -23.24
N ALA A 309 7.42 -17.08 -24.12
CA ALA A 309 6.85 -17.99 -25.11
C ALA A 309 7.80 -18.27 -26.28
N LEU A 310 8.78 -17.39 -26.49
CA LEU A 310 9.71 -17.48 -27.61
C LEU A 310 11.08 -18.03 -27.21
N GLN A 311 11.48 -17.85 -25.95
CA GLN A 311 12.85 -18.17 -25.54
C GLN A 311 13.26 -19.65 -25.64
N PRO A 312 12.33 -20.59 -25.41
CA PRO A 312 12.70 -22.00 -25.56
C PRO A 312 13.31 -22.29 -26.94
N PHE A 313 12.70 -21.73 -27.97
CA PHE A 313 13.19 -21.93 -29.33
C PHE A 313 14.51 -21.19 -29.52
N ALA A 314 14.56 -19.97 -29.00
CA ALA A 314 15.76 -19.15 -29.09
C ALA A 314 16.96 -19.90 -28.55
N THR A 315 16.85 -20.39 -27.31
CA THR A 315 17.97 -21.03 -26.63
CA THR A 315 17.97 -21.03 -26.62
C THR A 315 18.21 -22.44 -27.15
N GLY A 316 17.15 -23.12 -27.54
CA GLY A 316 17.25 -24.46 -28.08
C GLY A 316 18.00 -24.46 -29.40
N CYS A 317 17.59 -23.56 -30.30
CA CYS A 317 18.21 -23.44 -31.61
C CYS A 317 19.66 -22.96 -31.50
N MET A 318 19.95 -22.08 -30.54
CA MET A 318 21.30 -21.58 -30.42
C MET A 318 22.25 -22.62 -29.82
N ASN A 319 21.79 -23.36 -28.81
CA ASN A 319 22.61 -24.44 -28.23
C ASN A 319 22.96 -25.52 -29.25
N ALA A 320 22.01 -25.88 -30.11
CA ALA A 320 22.27 -26.85 -31.19
C ALA A 320 23.27 -26.28 -32.19
N MET A 321 23.09 -25.00 -32.49
CA MET A 321 23.97 -24.25 -33.40
C MET A 321 25.43 -24.25 -32.90
N PHE A 322 25.62 -24.09 -31.59
CA PHE A 322 26.96 -24.09 -31.00
C PHE A 322 27.62 -25.46 -31.09
N GLU A 323 26.80 -26.50 -31.07
CA GLU A 323 27.31 -27.87 -31.12
C GLU A 323 27.60 -28.29 -32.55
N LEU A 324 26.58 -28.20 -33.41
CA LEU A 324 26.70 -28.64 -34.79
C LEU A 324 27.68 -27.79 -35.60
N TYR A 325 27.79 -26.51 -35.26
CA TYR A 325 28.63 -25.58 -36.01
C TYR A 325 29.57 -24.75 -35.10
N ARG A 326 30.19 -25.45 -34.15
CA ARG A 326 31.08 -24.85 -33.15
C ARG A 326 32.17 -23.92 -33.72
N ALA A 327 32.83 -24.35 -34.80
CA ALA A 327 33.91 -23.55 -35.41
C ALA A 327 33.44 -22.17 -35.89
N THR A 328 32.17 -22.07 -36.27
CA THR A 328 31.60 -20.78 -36.65
C THR A 328 31.06 -20.00 -35.45
N TRP A 329 30.27 -20.64 -34.60
CA TRP A 329 29.53 -19.90 -33.57
C TRP A 329 29.99 -20.02 -32.10
N HIS A 330 30.81 -21.03 -31.78
CA HIS A 330 31.26 -21.23 -30.40
C HIS A 330 32.66 -21.87 -30.30
N PRO A 331 33.65 -21.28 -30.99
CA PRO A 331 35.00 -21.80 -30.85
C PRO A 331 35.61 -21.48 -29.47
N ASP A 332 36.54 -22.33 -29.04
CA ASP A 332 37.28 -22.09 -27.80
C ASP A 332 37.99 -20.77 -28.01
N GLU A 333 37.58 -19.75 -27.26
CA GLU A 333 38.12 -18.39 -27.44
C GLU A 333 39.62 -18.34 -27.19
N ASP A 334 40.09 -19.11 -26.21
CA ASP A 334 41.52 -19.12 -25.87
C ASP A 334 42.41 -19.71 -26.98
N LYS A 335 41.81 -20.45 -27.92
CA LYS A 335 42.57 -21.04 -29.03
C LYS A 335 42.53 -20.24 -30.33
N ILE A 336 41.70 -19.19 -30.39
CA ILE A 336 41.52 -18.43 -31.65
C ILE A 336 42.85 -17.97 -32.25
N ALA A 337 43.70 -17.36 -31.43
CA ALA A 337 44.98 -16.86 -31.91
C ALA A 337 45.78 -17.98 -32.56
N GLY A 338 45.90 -19.11 -31.86
CA GLY A 338 46.57 -20.30 -32.40
C GLY A 338 45.95 -20.86 -33.66
N PHE A 339 44.63 -20.73 -33.79
CA PHE A 339 43.89 -21.13 -34.99
C PHE A 339 44.26 -20.28 -36.21
N LEU A 340 44.32 -18.96 -36.03
CA LEU A 340 44.60 -18.01 -37.11
C LEU A 340 46.08 -17.97 -37.58
N GLU A 341 46.96 -18.64 -36.83
CA GLU A 341 48.38 -18.70 -37.17
C GLU A 341 48.57 -19.25 -38.58
N GLY A 342 49.28 -18.50 -39.42
CA GLY A 342 49.47 -18.88 -40.83
C GLY A 342 48.29 -18.58 -41.73
N LYS A 343 47.18 -18.12 -41.16
CA LYS A 343 45.98 -17.75 -41.92
C LYS A 343 45.86 -16.22 -42.01
N HIS A 344 45.39 -15.72 -43.15
CA HIS A 344 45.06 -14.31 -43.30
C HIS A 344 43.71 -14.06 -42.62
N ALA A 345 43.55 -12.86 -42.04
CA ALA A 345 42.38 -12.54 -41.22
C ALA A 345 41.82 -11.14 -41.48
N PHE A 346 40.49 -11.07 -41.66
CA PHE A 346 39.74 -9.81 -41.75
C PHE A 346 38.85 -9.68 -40.52
N PHE A 347 39.12 -8.65 -39.73
CA PHE A 347 38.31 -8.34 -38.56
C PHE A 347 37.30 -7.31 -38.97
N GLY A 348 36.05 -7.73 -39.08
CA GLY A 348 34.99 -6.88 -39.56
C GLY A 348 34.50 -5.90 -38.51
N ASP A 349 34.06 -4.74 -39.00
CA ASP A 349 33.47 -3.71 -38.19
C ASP A 349 32.20 -3.29 -38.92
N VAL A 350 31.06 -3.39 -38.23
CA VAL A 350 29.74 -3.11 -38.82
C VAL A 350 29.12 -1.84 -38.21
N SER A 351 28.56 -0.98 -39.06
CA SER A 351 27.92 0.25 -38.59
C SER A 351 26.43 0.06 -38.46
N SER A 352 25.91 0.35 -37.27
CA SER A 352 24.48 0.25 -36.97
C SER A 352 23.89 -1.08 -37.42
N TYR A 353 24.55 -2.16 -37.02
CA TYR A 353 24.23 -3.50 -37.50
C TYR A 353 22.77 -3.84 -37.32
N ASP A 354 22.34 -3.88 -36.06
CA ASP A 354 21.01 -4.38 -35.71
C ASP A 354 19.90 -3.51 -36.29
N HIS A 355 20.06 -2.20 -36.19
CA HIS A 355 19.10 -1.26 -36.74
C HIS A 355 19.03 -1.32 -38.28
N SER A 356 20.11 -1.76 -38.92
CA SER A 356 20.16 -1.83 -40.38
C SER A 356 19.54 -3.09 -41.00
N PHE A 357 19.03 -4.02 -40.18
CA PHE A 357 18.32 -5.19 -40.70
C PHE A 357 17.10 -4.69 -41.42
N SER A 358 16.96 -5.07 -42.69
CA SER A 358 15.75 -4.76 -43.44
C SER A 358 14.56 -5.59 -42.96
N GLU A 359 13.38 -5.01 -43.15
CA GLU A 359 12.10 -5.68 -42.99
C GLU A 359 12.06 -7.03 -43.70
N GLU A 360 12.52 -7.06 -44.95
CA GLU A 360 12.59 -8.31 -45.71
C GLU A 360 13.40 -9.37 -44.95
N LYS A 361 14.52 -8.98 -44.35
CA LYS A 361 15.40 -9.93 -43.67
C LYS A 361 14.78 -10.52 -42.40
N ILE A 362 14.13 -9.67 -41.61
CA ILE A 362 13.41 -10.12 -40.44
C ILE A 362 12.28 -11.08 -40.86
N ASP A 363 11.53 -10.69 -41.88
CA ASP A 363 10.38 -11.49 -42.35
C ASP A 363 10.81 -12.84 -42.93
N LEU A 364 11.91 -12.86 -43.69
CA LEU A 364 12.42 -14.10 -44.27
C LEU A 364 12.84 -15.10 -43.19
N SER A 365 13.51 -14.59 -42.16
CA SER A 365 13.89 -15.38 -41.00
C SER A 365 12.70 -16.11 -40.38
N LEU A 366 11.61 -15.38 -40.19
CA LEU A 366 10.44 -15.93 -39.52
C LEU A 366 9.68 -16.87 -40.47
N GLU A 367 9.70 -16.56 -41.76
CA GLU A 367 9.05 -17.41 -42.77
C GLU A 367 9.71 -18.79 -42.82
N VAL A 368 11.04 -18.83 -42.88
CA VAL A 368 11.76 -20.11 -42.92
C VAL A 368 11.51 -20.90 -41.63
N GLY A 369 11.38 -20.17 -40.51
CA GLY A 369 11.05 -20.78 -39.23
C GLY A 369 9.72 -21.52 -39.20
N LYS A 370 8.73 -21.03 -39.94
CA LYS A 370 7.41 -21.67 -39.99
C LYS A 370 7.46 -23.10 -40.53
N GLU A 371 8.50 -23.41 -41.29
CA GLU A 371 8.73 -24.78 -41.78
C GLU A 371 8.97 -25.75 -40.63
N PHE A 372 9.58 -25.24 -39.56
CA PHE A 372 9.94 -26.08 -38.40
C PHE A 372 9.19 -25.73 -37.10
N ILE A 373 8.61 -24.53 -37.03
CA ILE A 373 7.91 -24.07 -35.82
C ILE A 373 6.52 -23.54 -36.17
N SER A 374 5.53 -23.84 -35.33
CA SER A 374 4.15 -23.43 -35.61
C SER A 374 4.07 -21.96 -36.02
N PRO A 375 3.28 -21.67 -37.07
CA PRO A 375 3.17 -20.32 -37.63
C PRO A 375 2.81 -19.21 -36.63
N GLU A 376 1.97 -19.54 -35.66
CA GLU A 376 1.48 -18.56 -34.67
C GLU A 376 2.62 -18.08 -33.78
N ILE A 377 3.59 -18.97 -33.53
CA ILE A 377 4.77 -18.63 -32.75
C ILE A 377 5.66 -17.64 -33.51
N MET A 378 5.83 -17.86 -34.81
CA MET A 378 6.61 -16.94 -35.64
C MET A 378 5.91 -15.59 -35.81
N GLU A 379 4.59 -15.59 -35.95
CA GLU A 379 3.83 -14.35 -36.02
C GLU A 379 3.91 -13.57 -34.71
N LEU A 380 3.86 -14.27 -33.57
CA LEU A 380 4.11 -13.64 -32.26
C LEU A 380 5.48 -12.95 -32.23
N ALA A 381 6.49 -13.66 -32.74
CA ALA A 381 7.83 -13.12 -32.87
C ALA A 381 7.82 -11.90 -33.77
N SER A 382 7.13 -12.00 -34.90
CA SER A 382 6.96 -10.87 -35.81
C SER A 382 6.28 -9.69 -35.12
N SER A 383 5.27 -9.96 -34.29
CA SER A 383 4.59 -8.90 -33.53
C SER A 383 5.55 -8.12 -32.63
N LEU A 384 6.44 -8.84 -31.93
CA LEU A 384 7.37 -8.20 -30.99
C LEU A 384 8.48 -7.45 -31.73
N PHE A 385 9.00 -8.01 -32.82
CA PHE A 385 10.01 -7.31 -33.64
C PHE A 385 9.50 -5.94 -34.11
N TYR A 386 8.23 -5.88 -34.47
CA TYR A 386 7.64 -4.68 -35.06
C TYR A 386 6.72 -3.92 -34.11
N ALA A 387 6.86 -4.16 -32.81
CA ALA A 387 5.91 -3.62 -31.83
C ALA A 387 6.04 -2.12 -31.62
N ALA A 388 4.96 -1.54 -31.10
CA ALA A 388 5.00 -0.20 -30.55
C ALA A 388 5.90 -0.19 -29.31
N TYR A 389 6.37 0.99 -28.95
CA TYR A 389 7.11 1.16 -27.72
C TYR A 389 6.70 2.40 -26.95
N PHE A 390 6.87 2.33 -25.64
CA PHE A 390 6.65 3.44 -24.75
C PHE A 390 7.96 3.83 -24.07
N THR A 391 8.29 5.11 -24.11
CA THR A 391 9.47 5.59 -23.45
C THR A 391 9.13 6.76 -22.53
N ARG A 392 9.84 6.82 -21.41
CA ARG A 392 9.87 8.02 -20.61
C ARG A 392 10.80 9.01 -21.33
N PRO A 393 10.82 10.28 -20.89
CA PRO A 393 11.59 11.30 -21.60
C PRO A 393 13.05 10.90 -21.89
N LEU A 394 13.49 11.18 -23.12
CA LEU A 394 14.84 10.84 -23.57
C LEU A 394 15.81 12.00 -23.36
N GLY A 395 15.30 13.24 -23.37
CA GLY A 395 16.06 14.43 -22.96
C GLY A 395 15.30 15.21 -21.91
N PRO A 396 15.93 16.26 -21.33
CA PRO A 396 15.32 17.09 -20.27
C PRO A 396 14.14 17.95 -20.74
N ASP A 397 13.99 18.11 -22.05
CA ASP A 397 12.90 18.92 -22.63
C ASP A 397 11.74 18.08 -23.17
N ASP A 398 11.89 16.76 -23.14
CA ASP A 398 10.86 15.87 -23.67
C ASP A 398 9.85 15.40 -22.62
N GLY A 399 8.77 14.80 -23.10
CA GLY A 399 7.79 14.14 -22.23
C GLY A 399 7.68 12.67 -22.60
N PRO A 400 6.85 11.91 -21.85
CA PRO A 400 6.60 10.50 -22.17
C PRO A 400 5.95 10.36 -23.55
N GLN A 401 6.22 9.25 -24.22
CA GLN A 401 5.77 9.08 -25.59
C GLN A 401 5.54 7.63 -25.96
N LEU A 402 4.37 7.39 -26.53
CA LEU A 402 4.03 6.11 -27.15
C LEU A 402 4.23 6.25 -28.65
N VAL A 403 5.03 5.36 -29.21
CA VAL A 403 5.32 5.37 -30.63
C VAL A 403 4.79 4.08 -31.21
N GLY A 404 3.74 4.21 -32.02
CA GLY A 404 3.05 3.05 -32.60
C GLY A 404 1.72 2.80 -31.92
N ASN A 405 0.88 2.00 -32.56
CA ASN A 405 -0.42 1.65 -32.04
C ASN A 405 -0.48 0.19 -31.58
N PRO A 406 -0.25 -0.06 -30.28
CA PRO A 406 -0.28 -1.44 -29.81
C PRO A 406 -1.66 -2.11 -29.88
N ASN A 407 -2.74 -1.34 -30.03
CA ASN A 407 -4.08 -1.91 -30.23
C ASN A 407 -4.20 -2.67 -31.57
N ARG A 408 -3.34 -2.32 -32.52
CA ARG A 408 -3.24 -3.02 -33.82
C ARG A 408 -1.92 -3.80 -33.90
N TYR A 409 -1.68 -4.64 -32.90
CA TYR A 409 -0.38 -5.30 -32.74
C TYR A 409 -0.08 -6.35 -33.82
N LEU A 410 -1.12 -6.83 -34.49
CA LEU A 410 -0.93 -7.75 -35.61
C LEU A 410 -0.49 -7.05 -36.89
N GLU A 411 -0.48 -5.72 -36.88
CA GLU A 411 0.08 -4.94 -37.97
C GLU A 411 1.38 -4.37 -37.48
N LYS A 412 2.29 -4.13 -38.42
CA LYS A 412 3.62 -3.61 -38.12
C LYS A 412 3.53 -2.16 -37.65
N GLN A 413 4.08 -1.88 -36.46
CA GLN A 413 4.06 -0.53 -35.88
C GLN A 413 5.39 0.20 -36.05
N VAL A 414 6.48 -0.47 -35.72
CA VAL A 414 7.80 0.15 -35.75
C VAL A 414 8.75 -0.80 -36.46
N LYS A 415 9.41 -0.31 -37.49
CA LYS A 415 10.33 -1.13 -38.25
C LYS A 415 11.73 -0.65 -37.90
N ALA A 416 12.37 -1.39 -36.99
CA ALA A 416 13.66 -1.00 -36.42
C ALA A 416 14.70 -2.12 -36.53
N GLY A 417 14.57 -2.95 -37.56
CA GLY A 417 15.49 -4.07 -37.76
C GLY A 417 15.46 -5.12 -36.65
N ASN A 418 16.64 -5.65 -36.33
CA ASN A 418 16.77 -6.64 -35.27
C ASN A 418 16.52 -5.99 -33.91
N ARG A 419 15.25 -5.91 -33.56
CA ARG A 419 14.80 -5.20 -32.36
C ARG A 419 15.53 -5.67 -31.10
N SER A 420 16.11 -4.73 -30.35
CA SER A 420 16.64 -5.01 -29.03
C SER A 420 15.50 -5.40 -28.10
N GLY A 421 15.79 -6.24 -27.11
CA GLY A 421 14.77 -6.71 -26.15
C GLY A 421 13.90 -7.88 -26.61
N HIS A 422 14.29 -8.53 -27.70
CA HIS A 422 13.51 -9.63 -28.30
C HIS A 422 14.21 -10.94 -27.99
N ALA A 423 13.47 -12.00 -27.67
CA ALA A 423 14.10 -13.29 -27.39
C ALA A 423 15.07 -13.73 -28.49
N PHE A 424 14.78 -13.32 -29.73
CA PHE A 424 15.52 -13.76 -30.90
C PHE A 424 16.69 -12.83 -31.27
N THR A 425 16.87 -11.73 -30.54
CA THR A 425 17.84 -10.71 -30.94
C THR A 425 19.25 -11.28 -31.16
N SER A 426 19.79 -11.97 -30.17
CA SER A 426 21.14 -12.53 -30.32
C SER A 426 21.26 -13.60 -31.41
N LEU A 427 20.26 -14.48 -31.52
CA LEU A 427 20.24 -15.50 -32.58
C LEU A 427 20.29 -14.85 -33.97
N PHE A 428 19.46 -13.82 -34.14
CA PHE A 428 19.41 -13.11 -35.42
C PHE A 428 20.74 -12.41 -35.71
N ALA A 429 21.32 -11.78 -34.69
CA ALA A 429 22.60 -11.11 -34.85
C ALA A 429 23.63 -12.11 -35.35
N LYS A 430 23.73 -13.24 -34.65
CA LYS A 430 24.69 -14.30 -34.98
C LYS A 430 24.54 -14.86 -36.39
N VAL A 431 23.30 -15.14 -36.80
CA VAL A 431 23.06 -15.86 -38.03
C VAL A 431 23.21 -14.95 -39.26
N TRP A 432 22.65 -13.74 -39.19
CA TRP A 432 22.68 -12.84 -40.35
C TRP A 432 24.08 -12.34 -40.69
N LYS A 433 24.97 -12.23 -39.70
CA LYS A 433 26.34 -11.81 -39.99
C LYS A 433 27.04 -12.89 -40.80
N VAL A 434 26.75 -14.16 -40.49
CA VAL A 434 27.32 -15.29 -41.22
C VAL A 434 26.72 -15.37 -42.63
N ILE A 435 25.40 -15.20 -42.73
CA ILE A 435 24.72 -15.14 -44.04
C ILE A 435 25.41 -14.09 -44.93
N ASP A 436 25.59 -12.88 -44.40
CA ASP A 436 26.31 -11.83 -45.10
C ASP A 436 27.69 -12.30 -45.58
N THR A 437 28.50 -12.80 -44.66
CA THR A 437 29.89 -13.20 -44.98
C THR A 437 29.98 -14.39 -45.95
N VAL A 438 29.08 -15.36 -45.79
CA VAL A 438 29.03 -16.53 -46.67
C VAL A 438 28.54 -16.15 -48.08
N SER A 439 27.66 -15.15 -48.17
CA SER A 439 27.33 -14.56 -49.47
C SER A 439 28.58 -14.04 -50.16
N LYS A 440 29.47 -13.43 -49.38
CA LYS A 440 30.72 -12.91 -49.94
C LYS A 440 31.59 -14.06 -50.47
N PHE A 441 31.65 -15.16 -49.72
CA PHE A 441 32.31 -16.39 -50.17
C PHE A 441 31.77 -16.89 -51.52
N ASP A 442 30.47 -16.70 -51.73
CA ASP A 442 29.81 -17.07 -52.98
C ASP A 442 30.08 -16.07 -54.10
N GLN A 443 30.14 -14.78 -53.76
CA GLN A 443 30.55 -13.73 -54.71
C GLN A 443 31.98 -13.99 -55.21
N MET A 444 32.77 -14.70 -54.42
CA MET A 444 34.15 -15.07 -54.80
C MET A 444 34.21 -16.29 -55.72
N GLY A 445 33.06 -16.91 -56.00
CA GLY A 445 32.97 -17.97 -57.02
C GLY A 445 32.98 -19.39 -56.48
N TYR A 446 32.88 -19.53 -55.16
CA TYR A 446 32.70 -20.82 -54.52
C TYR A 446 31.21 -21.13 -54.40
N ASP A 447 30.85 -22.40 -54.47
CA ASP A 447 29.46 -22.81 -54.33
C ASP A 447 29.14 -23.07 -52.85
N VAL A 448 28.66 -22.03 -52.17
CA VAL A 448 28.40 -22.11 -50.73
C VAL A 448 27.20 -23.01 -50.39
N VAL A 449 26.26 -23.18 -51.32
CA VAL A 449 25.12 -24.08 -51.08
C VAL A 449 25.59 -25.54 -51.05
N ALA A 450 26.41 -25.93 -52.01
CA ALA A 450 26.94 -27.30 -52.06
C ALA A 450 27.78 -27.59 -50.82
N ASN A 451 28.61 -26.62 -50.45
CA ASN A 451 29.61 -26.78 -49.40
C ASN A 451 29.26 -26.07 -48.10
N MET A 452 27.96 -25.95 -47.77
CA MET A 452 27.50 -25.10 -46.67
C MET A 452 27.89 -25.63 -45.29
N ASP A 453 27.71 -26.92 -45.05
CA ASP A 453 28.07 -27.51 -43.77
C ASP A 453 29.58 -27.51 -43.52
N ALA A 454 30.36 -27.80 -44.57
CA ALA A 454 31.82 -27.77 -44.45
C ALA A 454 32.34 -26.36 -44.15
N ILE A 455 31.74 -25.35 -44.77
CA ILE A 455 32.09 -23.95 -44.47
C ILE A 455 31.81 -23.65 -42.99
N LEU A 456 30.59 -23.97 -42.56
CA LEU A 456 30.13 -23.67 -41.20
C LEU A 456 30.86 -24.50 -40.11
N LYS A 457 31.29 -25.72 -40.47
CA LYS A 457 32.03 -26.58 -39.54
C LYS A 457 33.52 -26.26 -39.53
N GLY A 458 33.97 -25.45 -40.49
CA GLY A 458 35.37 -24.99 -40.55
C GLY A 458 36.30 -25.97 -41.22
N ASP A 459 35.76 -26.76 -42.15
CA ASP A 459 36.54 -27.78 -42.86
C ASP A 459 36.87 -27.35 -44.30
N MET A 460 36.69 -26.06 -44.61
CA MET A 460 37.05 -25.49 -45.91
C MET A 460 38.26 -24.57 -45.75
N PRO A 461 38.96 -24.22 -46.85
CA PRO A 461 40.12 -23.30 -46.81
C PRO A 461 39.85 -21.89 -46.27
N PHE A 462 38.59 -21.57 -45.97
CA PHE A 462 38.19 -20.27 -45.46
C PHE A 462 36.91 -20.40 -44.63
N GLY A 463 36.71 -19.46 -43.70
CA GLY A 463 35.51 -19.46 -42.88
C GLY A 463 35.35 -18.18 -42.10
N CYS A 464 34.40 -18.18 -41.16
CA CYS A 464 34.24 -17.03 -40.27
C CYS A 464 33.92 -17.44 -38.84
N ILE A 465 34.50 -16.69 -37.90
CA ILE A 465 34.33 -16.88 -36.47
C ILE A 465 33.47 -15.73 -35.97
N ASN A 466 32.28 -16.05 -35.46
CA ASN A 466 31.26 -15.05 -35.19
C ASN A 466 30.91 -14.84 -33.72
N ASN A 467 30.74 -13.56 -33.36
CA ASN A 467 30.09 -13.15 -32.12
C ASN A 467 29.21 -11.95 -32.46
N GLY A 468 28.08 -12.23 -33.11
CA GLY A 468 27.13 -11.18 -33.49
C GLY A 468 27.65 -10.28 -34.59
N ASP A 469 27.69 -8.98 -34.32
CA ASP A 469 28.24 -8.01 -35.27
C ASP A 469 29.78 -8.08 -35.32
N ASP A 470 30.38 -8.78 -34.35
CA ASP A 470 31.85 -8.96 -34.25
C ASP A 470 32.23 -10.27 -34.90
N GLU A 471 33.11 -10.22 -35.88
CA GLU A 471 33.51 -11.43 -36.61
C GLU A 471 34.96 -11.40 -37.06
N ILE A 472 35.53 -12.59 -37.23
CA ILE A 472 36.81 -12.76 -37.91
C ILE A 472 36.54 -13.59 -39.16
N VAL A 473 36.92 -13.07 -40.31
CA VAL A 473 36.87 -13.84 -41.56
C VAL A 473 38.29 -14.29 -41.87
N TRP A 474 38.49 -15.60 -41.98
CA TRP A 474 39.83 -16.17 -42.12
C TRP A 474 40.00 -16.94 -43.44
N PHE A 475 41.23 -16.95 -43.92
CA PHE A 475 41.59 -17.50 -45.22
C PHE A 475 42.95 -18.18 -45.12
N LYS A 476 43.02 -19.45 -45.50
CA LYS A 476 44.32 -20.13 -45.66
C LYS A 476 45.07 -19.62 -46.89
N SER A 477 44.30 -19.18 -47.89
CA SER A 477 44.87 -18.68 -49.14
C SER A 477 44.96 -17.16 -49.15
N GLU A 478 46.05 -16.62 -49.69
CA GLU A 478 46.23 -15.16 -49.82
C GLU A 478 45.44 -14.60 -51.00
N ARG A 479 45.28 -15.38 -52.07
CA ARG A 479 44.48 -14.94 -53.22
C ARG A 479 42.99 -14.80 -52.87
N ASP A 480 42.45 -15.75 -52.10
CA ASP A 480 41.09 -15.65 -51.58
C ASP A 480 40.92 -14.40 -50.73
N TYR A 481 41.83 -14.23 -49.77
CA TYR A 481 41.86 -13.07 -48.88
C TYR A 481 41.83 -11.74 -49.63
N ARG A 482 42.68 -11.62 -50.65
CA ARG A 482 42.79 -10.39 -51.45
C ARG A 482 41.54 -10.12 -52.31
N LEU A 483 40.96 -11.18 -52.87
CA LEU A 483 39.75 -11.03 -53.67
C LEU A 483 38.58 -10.66 -52.78
N PHE A 484 38.57 -11.20 -51.56
CA PHE A 484 37.57 -10.86 -50.56
C PHE A 484 37.62 -9.36 -50.24
N LEU A 485 38.81 -8.86 -49.92
CA LEU A 485 38.99 -7.43 -49.66
C LEU A 485 38.60 -6.58 -50.88
N ARG A 486 39.02 -7.01 -52.06
CA ARG A 486 38.64 -6.35 -53.32
C ARG A 486 37.13 -6.32 -53.50
N LEU A 487 36.49 -7.45 -53.19
CA LEU A 487 35.04 -7.57 -53.28
C LEU A 487 34.33 -6.55 -52.40
N LEU A 488 34.87 -6.30 -51.21
CA LEU A 488 34.32 -5.29 -50.28
C LEU A 488 34.57 -3.85 -50.72
N GLU A 489 35.73 -3.59 -51.33
CA GLU A 489 36.06 -2.26 -51.82
C GLU A 489 35.23 -1.90 -53.04
N THR A 490 34.82 -2.91 -53.81
CA THR A 490 34.14 -2.71 -55.09
C THR A 490 32.72 -3.26 -55.12
N GLN A 491 32.24 -3.77 -53.98
CA GLN A 491 30.88 -4.28 -53.84
C GLN A 491 29.88 -3.21 -54.29
N PRO A 492 29.02 -3.52 -55.27
CA PRO A 492 27.98 -2.57 -55.66
C PRO A 492 26.84 -2.60 -54.65
N GLN A 493 26.13 -1.48 -54.51
CA GLN A 493 25.11 -1.33 -53.48
C GLN A 493 24.14 -2.52 -53.39
N GLU A 494 23.70 -3.04 -54.53
CA GLU A 494 22.75 -4.16 -54.56
C GLU A 494 23.23 -5.46 -53.86
N GLN A 495 24.55 -5.58 -53.66
CA GLN A 495 25.13 -6.70 -52.91
C GLN A 495 25.25 -6.42 -51.41
N ARG A 496 25.02 -5.17 -51.01
CA ARG A 496 25.40 -4.67 -49.70
C ARG A 496 24.31 -4.93 -48.67
N MET A 497 24.49 -5.98 -47.85
CA MET A 497 23.54 -6.31 -46.79
C MET A 497 23.75 -5.42 -45.57
N PHE A 498 25.01 -5.20 -45.21
CA PHE A 498 25.38 -4.43 -44.03
C PHE A 498 26.61 -3.58 -44.36
N LYS A 499 26.74 -2.42 -43.74
CA LYS A 499 27.94 -1.59 -43.94
C LYS A 499 29.08 -2.15 -43.10
N VAL A 500 29.98 -2.87 -43.76
CA VAL A 500 31.12 -3.53 -43.12
C VAL A 500 32.45 -2.96 -43.59
N GLY A 501 33.35 -2.69 -42.64
CA GLY A 501 34.72 -2.26 -42.96
C GLY A 501 35.72 -2.89 -42.00
N PRO A 502 37.03 -2.76 -42.30
CA PRO A 502 38.02 -3.35 -41.42
C PRO A 502 38.08 -2.61 -40.08
N GLU A 503 38.40 -3.34 -39.01
CA GLU A 503 38.32 -2.80 -37.66
C GLU A 503 39.70 -2.38 -37.17
N GLU A 504 39.88 -1.08 -36.92
CA GLU A 504 41.14 -0.57 -36.38
C GLU A 504 41.43 -1.24 -35.03
N GLY A 505 42.52 -1.99 -34.97
CA GLY A 505 42.91 -2.74 -33.79
C GLY A 505 42.64 -4.24 -33.88
N ALA A 506 41.81 -4.64 -34.85
CA ALA A 506 41.47 -6.04 -35.08
C ALA A 506 41.01 -6.69 -33.79
N VAL A 507 39.88 -6.21 -33.28
CA VAL A 507 39.33 -6.63 -31.98
C VAL A 507 38.26 -7.68 -32.21
N PHE A 508 38.29 -8.75 -31.44
CA PHE A 508 37.19 -9.73 -31.45
C PHE A 508 36.87 -10.16 -30.04
N SER A 509 35.61 -10.00 -29.65
CA SER A 509 35.15 -10.35 -28.30
C SER A 509 36.06 -9.82 -27.18
N GLY A 510 36.38 -8.53 -27.25
CA GLY A 510 37.04 -7.82 -26.16
C GLY A 510 38.55 -7.74 -26.22
N SER A 511 39.18 -8.49 -27.14
CA SER A 511 40.64 -8.59 -27.19
C SER A 511 41.19 -8.16 -28.54
N VAL A 512 42.14 -7.23 -28.52
CA VAL A 512 42.97 -6.88 -29.69
C VAL A 512 43.79 -8.10 -30.12
N TYR A 513 43.75 -8.43 -31.40
CA TYR A 513 44.60 -9.51 -31.93
C TYR A 513 45.88 -8.93 -32.53
N GLN A 514 46.86 -8.79 -31.66
CA GLN A 514 48.12 -8.12 -31.95
C GLN A 514 48.90 -8.92 -32.99
N LEU A 515 49.34 -8.23 -34.03
CA LEU A 515 50.15 -8.84 -35.06
C LEU A 515 51.60 -8.87 -34.56
N ILE A 516 52.03 -10.04 -34.08
CA ILE A 516 53.35 -10.22 -33.49
C ILE A 516 54.36 -10.78 -34.50
N GLY A 517 53.86 -11.34 -35.60
CA GLY A 517 54.71 -11.80 -36.69
C GLY A 517 53.92 -12.00 -37.95
N PRO A 518 54.58 -12.45 -39.04
CA PRO A 518 53.84 -12.68 -40.29
C PRO A 518 52.78 -13.78 -40.10
N LEU A 519 51.51 -13.37 -40.13
CA LEU A 519 50.36 -14.25 -39.90
C LEU A 519 50.43 -14.96 -38.54
N LYS A 520 50.87 -14.22 -37.52
CA LYS A 520 50.93 -14.73 -36.17
C LYS A 520 50.32 -13.69 -35.25
N TYR A 521 49.27 -14.10 -34.54
CA TYR A 521 48.44 -13.20 -33.78
C TYR A 521 48.54 -13.52 -32.29
N GLN A 522 48.33 -12.51 -31.45
CA GLN A 522 48.37 -12.68 -30.00
C GLN A 522 47.26 -11.86 -29.32
N ALA A 523 46.37 -12.55 -28.61
CA ALA A 523 45.21 -11.91 -27.98
C ALA A 523 45.61 -11.11 -26.75
N VAL A 524 45.22 -9.84 -26.72
CA VAL A 524 45.37 -9.01 -25.53
C VAL A 524 44.06 -8.25 -25.36
N GLU A 525 43.47 -8.30 -24.15
CA GLU A 525 42.28 -7.48 -23.87
C GLU A 525 42.59 -6.02 -24.13
N ARG A 526 41.66 -5.33 -24.81
CA ARG A 526 41.83 -3.91 -25.09
C ARG A 526 42.38 -3.20 -23.85
N ILE A 527 43.52 -2.55 -24.01
CA ILE A 527 44.26 -2.02 -22.85
C ILE A 527 43.48 -0.90 -22.13
N THR A 528 42.60 -0.21 -22.87
CA THR A 528 41.75 0.83 -22.33
C THR A 528 40.61 0.28 -21.45
N THR A 529 40.19 -0.95 -21.69
CA THR A 529 39.01 -1.51 -21.04
C THR A 529 39.06 -1.50 -19.51
N PRO A 530 40.17 -1.97 -18.91
CA PRO A 530 40.23 -2.02 -17.45
C PRO A 530 39.99 -0.68 -16.77
N PHE A 531 40.56 0.37 -17.35
CA PHE A 531 40.56 1.70 -16.76
C PHE A 531 39.25 2.42 -17.09
N GLN A 532 38.69 2.17 -18.27
CA GLN A 532 37.32 2.60 -18.56
C GLN A 532 36.32 2.03 -17.56
N ARG A 533 36.42 0.72 -17.28
CA ARG A 533 35.42 0.04 -16.43
C ARG A 533 35.50 0.48 -14.96
N ILE A 534 36.70 0.86 -14.52
CA ILE A 534 36.92 1.38 -13.18
C ILE A 534 36.53 2.85 -13.09
N ILE A 535 37.13 3.65 -13.96
CA ILE A 535 37.06 5.10 -13.84
C ILE A 535 35.79 5.69 -14.47
N CYS A 536 35.30 5.07 -15.54
CA CYS A 536 34.15 5.58 -16.30
C CYS A 536 33.05 4.52 -16.43
N PRO A 537 32.54 4.00 -15.30
CA PRO A 537 31.60 2.89 -15.39
C PRO A 537 30.21 3.32 -15.87
N GLU A 538 29.54 2.39 -16.53
CA GLU A 538 28.12 2.57 -16.83
C GLU A 538 27.29 2.73 -15.55
N ARG A 539 27.57 1.87 -14.56
CA ARG A 539 26.78 1.77 -13.34
C ARG A 539 27.64 1.93 -12.09
N SER A 540 27.06 2.44 -11.03
CA SER A 540 27.73 2.46 -9.73
C SER A 540 28.05 1.04 -9.27
N ILE A 541 29.14 0.92 -8.53
CA ILE A 541 29.47 -0.33 -7.85
C ILE A 541 28.29 -0.82 -6.99
N GLY A 542 28.18 -2.13 -6.85
CA GLY A 542 27.14 -2.72 -6.01
C GLY A 542 25.78 -2.61 -6.65
N GLY A 543 24.79 -2.28 -5.84
CA GLY A 543 23.43 -2.15 -6.32
C GLY A 543 23.00 -3.42 -7.05
N ASN A 544 22.37 -3.20 -8.19
CA ASN A 544 21.67 -4.26 -8.89
C ASN A 544 22.59 -5.10 -9.77
N PHE A 545 23.31 -4.43 -10.65
CA PHE A 545 24.07 -5.07 -11.71
C PHE A 545 25.56 -5.22 -11.42
N ARG A 546 26.05 -4.70 -10.30
CA ARG A 546 27.49 -4.70 -10.05
C ARG A 546 27.82 -5.22 -8.64
N LYS A 547 27.14 -6.28 -8.25
CA LYS A 547 27.33 -6.88 -6.94
C LYS A 547 28.70 -7.53 -6.81
N PHE A 548 29.29 -7.93 -7.94
CA PHE A 548 30.56 -8.66 -7.93
C PHE A 548 31.74 -7.84 -8.47
N TRP A 549 31.65 -6.51 -8.35
CA TRP A 549 32.59 -5.59 -8.97
C TRP A 549 34.08 -5.73 -8.64
N PRO A 550 34.43 -6.19 -7.41
CA PRO A 550 35.87 -6.32 -7.18
C PRO A 550 36.56 -7.38 -8.07
N LEU A 551 35.83 -8.40 -8.50
CA LEU A 551 36.41 -9.54 -9.24
C LEU A 551 36.99 -9.15 -10.59
N GLY A 552 36.21 -8.41 -11.37
CA GLY A 552 36.65 -7.93 -12.68
C GLY A 552 37.90 -7.08 -12.60
N ILE A 553 37.98 -6.23 -11.58
CA ILE A 553 39.15 -5.38 -11.34
C ILE A 553 40.36 -6.21 -10.94
N LEU A 554 40.20 -7.05 -9.92
CA LEU A 554 41.30 -7.85 -9.43
C LEU A 554 41.84 -8.82 -10.49
N GLU A 555 40.95 -9.41 -11.28
CA GLU A 555 41.37 -10.28 -12.39
C GLU A 555 42.28 -9.51 -13.34
N ARG A 556 41.84 -8.32 -13.72
CA ARG A 556 42.62 -7.49 -14.62
C ARG A 556 43.93 -7.06 -13.99
N TYR A 557 43.88 -6.64 -12.73
CA TYR A 557 45.08 -6.20 -12.03
C TYR A 557 46.11 -7.32 -11.85
N ASN A 558 45.63 -8.55 -11.63
CA ASN A 558 46.49 -9.70 -11.43
C ASN A 558 47.22 -10.17 -12.69
N LYS A 559 46.70 -9.82 -13.87
CA LYS A 559 47.41 -10.14 -15.12
C LYS A 559 48.07 -8.90 -15.76
N ARG A 560 48.24 -7.83 -15.00
CA ARG A 560 48.83 -6.58 -15.49
C ARG A 560 50.25 -6.75 -16.08
N ASN A 561 50.99 -7.74 -15.60
CA ASN A 561 52.36 -7.99 -16.09
C ASN A 561 52.41 -8.86 -17.34
N SER A 562 51.25 -9.30 -17.81
CA SER A 562 51.19 -10.28 -18.90
C SER A 562 51.48 -9.68 -20.28
N HIS A 563 51.52 -8.35 -20.36
CA HIS A 563 51.75 -7.63 -21.61
C HIS A 563 52.51 -6.36 -21.28
N PRO A 564 53.52 -6.01 -22.09
CA PRO A 564 54.42 -4.89 -21.76
C PRO A 564 53.77 -3.50 -21.69
N VAL A 565 52.83 -3.22 -22.60
CA VAL A 565 52.14 -1.93 -22.63
C VAL A 565 51.10 -1.84 -21.50
N LEU A 566 50.38 -2.94 -21.27
CA LEU A 566 49.47 -3.06 -20.13
C LEU A 566 50.19 -2.81 -18.80
N GLU A 567 51.36 -3.41 -18.64
CA GLU A 567 52.13 -3.28 -17.39
C GLU A 567 52.53 -1.83 -17.09
N GLU A 568 52.90 -1.09 -18.14
CA GLU A 568 53.35 0.29 -17.97
C GLU A 568 52.16 1.22 -17.68
N VAL A 569 51.02 0.95 -18.30
CA VAL A 569 49.83 1.76 -18.05
C VAL A 569 49.35 1.52 -16.62
N TRP A 570 49.34 0.26 -16.19
CA TRP A 570 48.97 -0.05 -14.80
C TRP A 570 49.95 0.60 -13.82
N ARG A 571 51.24 0.63 -14.18
CA ARG A 571 52.23 1.39 -13.39
C ARG A 571 51.82 2.85 -13.23
N VAL A 572 51.38 3.45 -14.33
CA VAL A 572 50.92 4.84 -14.31
C VAL A 572 49.59 5.02 -13.57
N PHE A 573 48.70 4.03 -13.62
CA PHE A 573 47.48 4.08 -12.81
C PHE A 573 47.82 4.10 -11.31
N ASP A 574 48.60 3.11 -10.86
CA ASP A 574 48.97 2.97 -9.45
C ASP A 574 49.67 4.24 -8.91
N ASP A 575 50.71 4.69 -9.60
CA ASP A 575 51.48 5.85 -9.16
C ASP A 575 50.59 7.09 -9.05
N THR A 576 49.84 7.36 -10.12
CA THR A 576 48.94 8.52 -10.20
C THR A 576 47.79 8.46 -9.19
N TYR A 577 47.22 7.26 -9.03
CA TYR A 577 46.22 7.07 -7.98
C TYR A 577 46.85 7.38 -6.62
N ALA A 578 48.05 6.87 -6.39
CA ALA A 578 48.75 7.02 -5.10
C ALA A 578 48.91 8.48 -4.69
N THR A 579 49.19 9.34 -5.68
CA THR A 579 49.42 10.77 -5.48
C THR A 579 48.10 11.58 -5.43
N LEU A 580 47.23 11.37 -6.43
CA LEU A 580 46.06 12.24 -6.61
C LEU A 580 44.76 11.76 -5.98
N MET A 581 44.69 10.46 -5.64
CA MET A 581 43.45 9.86 -5.13
C MET A 581 43.53 9.32 -3.71
N GLU A 582 44.59 8.54 -3.43
CA GLU A 582 44.76 7.89 -2.13
C GLU A 582 44.66 8.84 -0.92
N PRO A 583 45.27 10.04 -0.99
CA PRO A 583 45.16 10.94 0.17
C PRO A 583 43.72 11.40 0.50
N HIS A 584 42.85 11.41 -0.51
CA HIS A 584 41.44 11.77 -0.31
C HIS A 584 40.51 10.58 -0.01
N TYR A 585 40.78 9.45 -0.66
CA TYR A 585 39.88 8.29 -0.65
C TYR A 585 40.44 6.99 -0.09
N GLY A 586 41.74 6.95 0.22
CA GLY A 586 42.36 5.71 0.71
C GLY A 586 42.93 4.89 -0.43
N SER A 587 43.67 3.84 -0.09
CA SER A 587 44.38 3.06 -1.08
C SER A 587 43.43 2.33 -2.04
N PHE A 588 43.84 2.26 -3.30
CA PHE A 588 43.07 1.56 -4.33
C PHE A 588 42.84 0.11 -3.91
N LEU A 589 43.95 -0.62 -3.71
CA LEU A 589 43.86 -2.03 -3.35
C LEU A 589 43.11 -2.22 -2.03
N GLY A 590 43.23 -1.26 -1.13
CA GLY A 590 42.47 -1.30 0.12
C GLY A 590 41.00 -1.35 -0.17
N ILE A 591 40.54 -0.46 -1.04
CA ILE A 591 39.12 -0.42 -1.41
C ILE A 591 38.70 -1.70 -2.12
N VAL A 592 39.50 -2.13 -3.11
CA VAL A 592 39.14 -3.30 -3.91
C VAL A 592 39.12 -4.59 -3.09
N GLN A 593 40.14 -4.79 -2.23
CA GLN A 593 40.20 -6.01 -1.40
C GLN A 593 39.12 -6.08 -0.30
N ARG A 594 38.82 -4.95 0.34
CA ARG A 594 37.79 -4.92 1.38
C ARG A 594 36.43 -5.37 0.82
N ALA A 595 36.10 -4.92 -0.39
CA ALA A 595 34.88 -5.36 -1.06
C ALA A 595 35.02 -6.80 -1.55
N HIS A 596 36.22 -7.17 -2.00
CA HIS A 596 36.51 -8.56 -2.41
C HIS A 596 36.13 -9.55 -1.32
N LYS A 597 36.42 -9.20 -0.07
CA LYS A 597 36.20 -10.09 1.04
C LYS A 597 34.71 -10.19 1.41
N GLU A 598 33.85 -9.35 0.81
CA GLU A 598 32.42 -9.39 1.08
C GLU A 598 31.62 -10.29 0.13
N ILE A 599 32.18 -10.64 -1.02
CA ILE A 599 31.41 -11.40 -2.04
C ILE A 599 31.60 -12.91 -1.90
N PRO A 600 30.64 -13.72 -2.39
CA PRO A 600 30.73 -15.16 -2.13
C PRO A 600 31.82 -15.91 -2.90
N PHE A 601 32.37 -15.28 -3.94
CA PHE A 601 33.38 -15.90 -4.81
C PHE A 601 34.69 -15.12 -4.76
N SER A 602 35.80 -15.85 -4.69
CA SER A 602 37.13 -15.25 -4.81
C SER A 602 37.48 -15.08 -6.28
N VAL A 603 38.39 -14.16 -6.58
CA VAL A 603 38.88 -13.96 -7.93
C VAL A 603 39.55 -15.24 -8.44
N ASP A 604 40.14 -16.00 -7.52
CA ASP A 604 40.77 -17.29 -7.82
C ASP A 604 39.81 -18.49 -7.86
N ASP A 605 38.62 -18.35 -7.31
CA ASP A 605 37.62 -19.40 -7.37
C ASP A 605 37.09 -19.56 -8.80
N LEU A 606 37.07 -18.46 -9.56
CA LEU A 606 36.32 -18.37 -10.80
C LEU A 606 37.19 -18.38 -12.05
N SER A 607 36.63 -18.89 -13.14
CA SER A 607 37.26 -18.81 -14.46
C SER A 607 36.99 -17.42 -15.05
N TRP A 608 37.78 -17.04 -16.06
CA TRP A 608 37.57 -15.76 -16.76
C TRP A 608 36.15 -15.66 -17.30
N LYS A 609 35.59 -16.78 -17.74
CA LYS A 609 34.25 -16.80 -18.32
C LYS A 609 33.20 -16.50 -17.24
N GLU A 610 33.39 -17.10 -16.07
CA GLU A 610 32.49 -16.89 -14.94
C GLU A 610 32.54 -15.45 -14.43
N ILE A 611 33.73 -14.86 -14.43
CA ILE A 611 33.88 -13.47 -14.03
C ILE A 611 33.18 -12.53 -15.02
N MET A 612 33.17 -12.89 -16.31
CA MET A 612 32.46 -12.09 -17.33
C MET A 612 30.95 -12.15 -17.13
N VAL A 613 30.45 -13.33 -16.82
CA VAL A 613 29.04 -13.52 -16.59
C VAL A 613 28.59 -12.74 -15.37
N LEU A 614 29.41 -12.73 -14.32
CA LEU A 614 29.09 -11.97 -13.10
C LEU A 614 29.04 -10.47 -13.35
N ASP A 615 29.85 -10.01 -14.31
CA ASP A 615 29.80 -8.61 -14.78
C ASP A 615 28.72 -8.32 -15.83
N ASP A 616 28.32 -9.33 -16.61
CA ASP A 616 27.25 -9.16 -17.61
C ASP A 616 26.50 -10.49 -17.80
N PRO A 617 25.47 -10.73 -16.97
CA PRO A 617 24.74 -12.00 -17.03
C PRO A 617 24.14 -12.34 -18.38
N ASN A 618 23.79 -11.32 -19.18
CA ASN A 618 23.23 -11.54 -20.51
C ASN A 618 24.18 -12.28 -21.47
N LYS A 619 25.46 -12.40 -21.12
CA LYS A 619 26.35 -13.27 -21.84
C LYS A 619 25.94 -14.76 -21.76
N MET A 620 25.12 -15.13 -20.78
CA MET A 620 24.49 -16.47 -20.75
C MET A 620 23.50 -16.70 -21.90
N TYR A 621 22.97 -15.62 -22.48
CA TYR A 621 22.06 -15.72 -23.62
C TYR A 621 22.75 -15.79 -24.99
N HIS A 622 24.08 -15.66 -25.04
CA HIS A 622 24.75 -15.63 -26.35
C HIS A 622 26.25 -16.01 -26.43
N ARG A 623 26.97 -16.04 -25.30
CA ARG A 623 28.42 -16.25 -25.36
C ARG A 623 28.94 -17.49 -24.64
N PHE A 624 28.25 -17.92 -23.58
CA PHE A 624 28.63 -19.10 -22.81
C PHE A 624 27.45 -20.06 -22.62
N THR A 625 27.78 -21.34 -22.49
CA THR A 625 26.78 -22.37 -22.35
C THR A 625 26.68 -22.76 -20.89
N ASP A 626 25.66 -23.54 -20.55
CA ASP A 626 25.46 -24.06 -19.20
C ASP A 626 26.68 -24.84 -18.74
N GLU A 627 27.32 -25.54 -19.68
CA GLU A 627 28.49 -26.36 -19.41
C GLU A 627 29.74 -25.58 -18.94
N GLU A 628 29.87 -24.31 -19.34
CA GLU A 628 31.08 -23.52 -19.02
C GLU A 628 30.94 -22.69 -17.75
N ILE A 629 29.73 -22.50 -17.28
CA ILE A 629 29.50 -21.62 -16.15
C ILE A 629 28.86 -22.42 -15.05
N ARG A 630 29.53 -22.49 -13.89
CA ARG A 630 29.03 -23.28 -12.78
C ARG A 630 27.70 -22.72 -12.28
N ASP A 631 26.90 -23.60 -11.67
CA ASP A 631 25.52 -23.31 -11.25
C ASP A 631 25.46 -22.16 -10.26
N GLN A 632 26.40 -22.16 -9.32
CA GLN A 632 26.46 -21.11 -8.30
C GLN A 632 26.62 -19.73 -8.94
N VAL A 633 27.38 -19.66 -10.02
CA VAL A 633 27.52 -18.40 -10.75
C VAL A 633 26.22 -18.04 -11.49
N GLN A 634 25.70 -18.98 -12.30
CA GLN A 634 24.45 -18.72 -13.03
C GLN A 634 23.32 -18.29 -12.07
N GLU A 635 23.21 -18.97 -10.94
CA GLU A 635 22.13 -18.71 -9.98
C GLU A 635 22.20 -17.31 -9.36
N SER A 636 23.38 -16.70 -9.42
CA SER A 636 23.52 -15.30 -8.99
C SER A 636 22.58 -14.39 -9.78
N ALA A 637 22.35 -14.71 -11.06
CA ALA A 637 21.54 -13.83 -11.92
C ALA A 637 20.25 -14.45 -12.46
N PHE A 638 20.10 -15.77 -12.41
CA PHE A 638 18.98 -16.44 -13.08
C PHE A 638 18.30 -17.51 -12.23
N ARG A 639 16.99 -17.59 -12.39
CA ARG A 639 16.24 -18.81 -12.11
C ARG A 639 16.20 -19.57 -13.44
N LYS A 640 15.93 -20.87 -13.35
CA LYS A 640 15.84 -21.72 -14.51
C LYS A 640 14.62 -22.63 -14.47
N LEU A 641 14.13 -22.99 -15.65
CA LEU A 641 13.11 -24.00 -15.81
C LEU A 641 13.65 -25.00 -16.83
N GLN A 642 13.87 -26.22 -16.37
CA GLN A 642 14.45 -27.27 -17.19
C GLN A 642 13.49 -27.72 -18.31
N PRO A 643 14.04 -28.20 -19.45
CA PRO A 643 13.33 -28.61 -20.68
C PRO A 643 12.12 -29.53 -20.51
N ILE A 644 12.20 -30.47 -19.56
CA ILE A 644 11.09 -31.36 -19.27
C ILE A 644 9.77 -30.61 -19.05
N PHE A 645 9.86 -29.39 -18.51
CA PHE A 645 8.67 -28.62 -18.18
C PHE A 645 7.99 -27.95 -19.37
N PHE A 646 8.65 -27.92 -20.52
CA PHE A 646 8.01 -27.48 -21.77
C PHE A 646 8.23 -28.48 -22.90
N GLU A 647 8.45 -29.74 -22.55
CA GLU A 647 8.59 -30.80 -23.54
C GLU A 647 7.30 -30.98 -24.34
N ARG A 648 6.17 -31.05 -23.64
CA ARG A 648 4.88 -31.15 -24.32
C ARG A 648 4.71 -30.05 -25.37
N MET A 649 5.00 -28.81 -25.01
CA MET A 649 4.86 -27.71 -25.96
C MET A 649 5.66 -28.01 -27.22
N PHE A 650 6.93 -28.39 -27.05
CA PHE A 650 7.80 -28.75 -28.18
C PHE A 650 7.25 -29.91 -29.01
N LYS A 651 6.75 -30.94 -28.34
CA LYS A 651 6.18 -32.08 -29.05
C LYS A 651 5.08 -31.66 -30.01
N GLU A 652 4.29 -30.66 -29.62
CA GLU A 652 3.21 -30.17 -30.47
C GLU A 652 3.65 -29.18 -31.53
N HIS A 653 4.59 -28.29 -31.18
CA HIS A 653 4.90 -27.09 -32.00
C HIS A 653 6.25 -27.10 -32.74
N TYR A 654 7.09 -28.11 -32.51
CA TYR A 654 8.37 -28.21 -33.22
C TYR A 654 8.45 -29.44 -34.12
N LYS A 655 8.89 -29.24 -35.37
CA LYS A 655 9.04 -30.31 -36.36
C LYS A 655 10.49 -30.49 -36.83
N GLY A 656 11.45 -29.84 -36.18
CA GLY A 656 12.85 -30.01 -36.57
C GLY A 656 13.46 -31.23 -35.90
N ASN A 657 14.80 -31.34 -35.98
CA ASN A 657 15.54 -32.46 -35.40
C ASN A 657 16.07 -32.15 -33.99
N TYR A 658 16.01 -33.14 -33.11
CA TYR A 658 16.56 -33.01 -31.75
C TYR A 658 18.03 -33.45 -31.71
N VAL A 659 18.88 -32.56 -31.20
CA VAL A 659 20.32 -32.75 -31.17
C VAL A 659 20.79 -32.95 -29.74
N ALA B 11 2.45 -27.96 63.90
CA ALA B 11 2.95 -28.91 62.86
C ALA B 11 1.93 -29.16 61.75
N GLU B 12 0.90 -28.32 61.66
CA GLU B 12 -0.18 -28.44 60.67
C GLU B 12 0.34 -28.82 59.28
N THR B 13 -0.27 -29.82 58.66
CA THR B 13 0.16 -30.30 57.34
C THR B 13 -0.70 -29.78 56.17
N ARG B 14 -1.83 -29.14 56.49
CA ARG B 14 -2.78 -28.66 55.48
C ARG B 14 -2.71 -27.16 55.31
N ILE B 15 -2.91 -26.73 54.06
CA ILE B 15 -3.04 -25.31 53.73
C ILE B 15 -4.38 -24.75 54.23
N VAL B 16 -5.45 -25.49 53.97
CA VAL B 16 -6.80 -25.15 54.44
C VAL B 16 -7.14 -25.97 55.70
N THR B 17 -7.03 -25.32 56.86
CA THR B 17 -7.21 -26.00 58.16
C THR B 17 -8.68 -25.98 58.59
N ASP B 18 -8.92 -26.17 59.88
CA ASP B 18 -10.28 -26.16 60.42
C ASP B 18 -10.71 -24.76 60.87
N ALA B 19 -9.83 -23.77 60.69
CA ALA B 19 -10.10 -22.40 61.13
C ALA B 19 -11.20 -21.73 60.29
N PRO B 20 -11.88 -20.72 60.85
CA PRO B 20 -12.99 -20.09 60.12
C PRO B 20 -12.53 -19.25 58.92
N ARG B 21 -13.11 -19.51 57.76
CA ARG B 21 -12.68 -18.84 56.54
C ARG B 21 -13.20 -17.40 56.49
N ASN B 22 -12.44 -16.51 55.85
CA ASN B 22 -12.78 -15.10 55.73
C ASN B 22 -12.93 -14.36 57.08
N SER B 23 -12.25 -14.86 58.12
CA SER B 23 -12.35 -14.26 59.46
C SER B 23 -11.32 -13.14 59.70
N GLU B 24 -10.18 -13.20 59.00
CA GLU B 24 -9.11 -12.20 59.13
C GLU B 24 -8.68 -11.73 57.74
N VAL B 35 10.68 -12.74 56.66
CA VAL B 35 10.30 -14.09 57.07
C VAL B 35 8.85 -14.42 56.71
N ASN B 36 8.49 -15.70 56.85
CA ASN B 36 7.18 -16.23 56.43
C ASN B 36 6.17 -16.23 57.57
N HIS B 37 5.24 -15.29 57.53
CA HIS B 37 4.19 -15.16 58.56
C HIS B 37 3.25 -16.37 58.68
N HIS B 38 3.26 -17.25 57.69
CA HIS B 38 2.47 -18.50 57.76
C HIS B 38 3.17 -19.55 58.64
N ASP B 39 4.46 -19.36 58.92
CA ASP B 39 5.15 -20.17 59.92
C ASP B 39 4.62 -19.82 61.30
N GLU B 40 4.49 -18.52 61.55
CA GLU B 40 3.95 -17.99 62.81
C GLU B 40 2.52 -18.46 63.07
N ASP B 41 1.69 -18.45 62.03
CA ASP B 41 0.28 -18.83 62.15
C ASP B 41 -0.16 -19.71 60.97
N PRO B 42 -0.20 -21.05 61.19
CA PRO B 42 -0.64 -22.04 60.20
C PRO B 42 -2.09 -21.93 59.70
N ASP B 43 -2.92 -21.16 60.39
CA ASP B 43 -4.31 -20.91 59.97
C ASP B 43 -4.45 -19.60 59.19
N ALA B 44 -3.36 -18.85 59.06
CA ALA B 44 -3.35 -17.58 58.31
C ALA B 44 -4.05 -17.65 56.95
N TYR B 45 -3.65 -18.61 56.11
CA TYR B 45 -4.17 -18.69 54.74
C TYR B 45 -5.67 -19.00 54.74
N THR B 46 -6.06 -19.93 55.61
CA THR B 46 -7.45 -20.31 55.79
C THR B 46 -8.30 -19.09 56.17
N LYS B 47 -7.83 -18.29 57.12
CA LYS B 47 -8.61 -17.17 57.66
C LYS B 47 -8.68 -15.93 56.77
N MET B 48 -7.70 -15.76 55.87
CA MET B 48 -7.59 -14.53 55.06
C MET B 48 -8.29 -14.64 53.70
N TYR B 49 -8.57 -15.87 53.26
CA TYR B 49 -9.40 -16.11 52.07
C TYR B 49 -10.66 -16.94 52.38
N GLY B 50 -11.67 -16.81 51.52
CA GLY B 50 -12.99 -17.41 51.74
C GLY B 50 -13.11 -18.84 51.24
N PRO B 51 -14.28 -19.47 51.48
CA PRO B 51 -14.46 -20.88 51.15
C PRO B 51 -14.47 -21.14 49.65
N LEU B 52 -13.84 -22.24 49.24
CA LEU B 52 -13.93 -22.73 47.87
C LEU B 52 -15.38 -23.13 47.63
N VAL B 53 -15.87 -22.92 46.41
CA VAL B 53 -17.25 -23.31 46.09
C VAL B 53 -17.60 -24.73 46.56
N GLY B 54 -16.71 -25.70 46.32
CA GLY B 54 -16.93 -27.10 46.67
C GLY B 54 -16.82 -27.98 45.44
N TYR B 55 -16.08 -29.09 45.54
CA TYR B 55 -15.83 -29.94 44.38
C TYR B 55 -16.83 -31.08 44.25
N ASP B 56 -17.54 -31.12 43.12
CA ASP B 56 -18.48 -32.19 42.81
C ASP B 56 -17.83 -33.16 41.80
N PRO B 57 -17.48 -34.38 42.22
CA PRO B 57 -16.90 -35.36 41.32
C PRO B 57 -17.80 -35.74 40.14
N ARG B 58 -19.11 -35.61 40.31
CA ARG B 58 -20.05 -35.87 39.22
C ARG B 58 -20.10 -34.77 38.17
N ASN B 59 -19.59 -33.58 38.51
CA ASN B 59 -19.54 -32.47 37.57
C ASN B 59 -18.25 -31.66 37.75
N PRO B 60 -17.11 -32.25 37.30
CA PRO B 60 -15.78 -31.63 37.43
C PRO B 60 -15.66 -30.21 36.86
N THR B 61 -16.50 -29.87 35.88
CA THR B 61 -16.42 -28.57 35.20
C THR B 61 -16.77 -27.36 36.07
N THR B 62 -17.33 -27.61 37.26
CA THR B 62 -17.53 -26.53 38.24
C THR B 62 -16.20 -25.96 38.74
N LEU B 63 -15.14 -26.76 38.67
CA LEU B 63 -13.77 -26.26 38.92
C LEU B 63 -13.52 -24.91 38.25
N PHE B 64 -14.09 -24.72 37.06
CA PHE B 64 -13.96 -23.48 36.31
C PHE B 64 -15.20 -22.56 36.40
N ALA B 65 -16.13 -22.83 37.31
CA ALA B 65 -17.32 -21.97 37.46
C ALA B 65 -16.99 -20.75 38.31
N GLY B 71 -18.70 -19.06 30.09
CA GLY B 71 -19.36 -20.35 30.32
C GLY B 71 -19.79 -20.98 29.02
N THR B 72 -20.51 -20.19 28.21
CA THR B 72 -20.86 -20.52 26.83
C THR B 72 -19.99 -19.69 25.86
N GLN B 73 -19.17 -18.79 26.41
CA GLN B 73 -18.38 -17.84 25.62
C GLN B 73 -17.24 -18.53 24.87
N LEU B 74 -17.15 -18.30 23.55
CA LEU B 74 -16.11 -18.95 22.75
C LEU B 74 -14.72 -18.52 23.23
N VAL B 75 -13.75 -19.43 23.14
CA VAL B 75 -12.41 -19.15 23.62
C VAL B 75 -11.71 -18.10 22.72
N ALA B 76 -12.07 -18.08 21.45
CA ALA B 76 -11.53 -17.11 20.50
C ALA B 76 -12.66 -16.45 19.75
N PRO B 77 -13.36 -15.50 20.42
CA PRO B 77 -14.46 -14.83 19.74
C PRO B 77 -13.97 -13.91 18.64
N ARG B 78 -14.85 -13.66 17.68
CA ARG B 78 -14.57 -12.74 16.60
C ARG B 78 -14.88 -11.32 17.07
N LYS B 79 -13.86 -10.47 17.09
CA LYS B 79 -14.02 -9.09 17.54
C LYS B 79 -12.88 -8.22 16.99
N ALA B 80 -13.22 -7.10 16.37
CA ALA B 80 -12.23 -6.20 15.78
C ALA B 80 -11.20 -5.76 16.82
N ARG B 81 -9.92 -5.73 16.42
CA ARG B 81 -8.87 -5.19 17.29
C ARG B 81 -8.76 -3.69 17.10
N GLU B 82 -8.43 -2.99 18.18
CA GLU B 82 -7.97 -1.62 18.09
C GLU B 82 -6.45 -1.69 17.89
N ILE B 83 -6.01 -1.42 16.65
CA ILE B 83 -4.60 -1.65 16.29
C ILE B 83 -3.76 -0.42 16.57
N LEU B 84 -4.43 0.73 16.60
CA LEU B 84 -3.87 2.03 16.94
C LEU B 84 -5.09 2.82 17.45
N THR B 85 -4.84 3.94 18.13
CA THR B 85 -5.92 4.70 18.73
C THR B 85 -6.99 5.10 17.70
N GLY B 86 -8.23 4.65 17.94
CA GLY B 86 -9.36 4.95 17.06
C GLY B 86 -9.42 4.13 15.77
N ILE B 87 -8.56 3.12 15.64
CA ILE B 87 -8.43 2.38 14.38
C ILE B 87 -8.74 0.91 14.64
N TYR B 88 -9.83 0.42 14.06
CA TYR B 88 -10.32 -0.94 14.31
C TYR B 88 -10.21 -1.85 13.10
N SER B 89 -9.96 -3.14 13.36
CA SER B 89 -9.41 -4.04 12.34
C SER B 89 -10.41 -4.52 11.27
N PHE B 90 -11.70 -4.34 11.48
CA PHE B 90 -12.71 -4.78 10.49
C PHE B 90 -13.11 -3.68 9.50
N GLU B 91 -12.54 -2.48 9.64
CA GLU B 91 -12.94 -1.34 8.83
C GLU B 91 -12.50 -1.47 7.39
N PRO B 92 -13.36 -1.08 6.44
CA PRO B 92 -12.93 -1.00 5.04
C PRO B 92 -11.72 -0.10 4.81
N THR B 93 -11.61 0.96 5.61
CA THR B 93 -10.47 1.87 5.52
C THR B 93 -9.18 1.12 5.78
N VAL B 94 -9.19 0.28 6.82
CA VAL B 94 -8.03 -0.51 7.23
C VAL B 94 -7.71 -1.59 6.21
N LEU B 95 -8.72 -2.31 5.73
CA LEU B 95 -8.47 -3.38 4.75
C LEU B 95 -7.96 -2.82 3.43
N ALA B 96 -8.49 -1.69 2.98
CA ALA B 96 -7.96 -1.03 1.77
C ALA B 96 -6.49 -0.67 1.96
N PHE B 97 -6.15 -0.23 3.18
CA PHE B 97 -4.78 0.15 3.52
C PHE B 97 -3.87 -1.07 3.48
N GLN B 98 -4.34 -2.18 4.07
CA GLN B 98 -3.57 -3.42 4.09
C GLN B 98 -3.26 -3.91 2.67
N ARG B 99 -4.27 -3.85 1.81
CA ARG B 99 -4.09 -4.28 0.42
C ARG B 99 -2.98 -3.50 -0.24
N GLU B 100 -3.08 -2.17 -0.16
CA GLU B 100 -2.11 -1.27 -0.80
C GLU B 100 -0.72 -1.32 -0.21
N PHE B 101 -0.61 -1.42 1.12
CA PHE B 101 0.69 -1.55 1.77
C PHE B 101 1.41 -2.80 1.29
N VAL B 102 0.73 -3.92 1.37
CA VAL B 102 1.28 -5.19 0.92
C VAL B 102 1.61 -5.18 -0.58
N LYS B 103 0.72 -4.65 -1.41
CA LYS B 103 0.97 -4.58 -2.86
C LYS B 103 2.29 -3.87 -3.12
N ARG B 104 2.45 -2.70 -2.49
CA ARG B 104 3.64 -1.90 -2.69
C ARG B 104 4.87 -2.44 -1.99
N ALA B 105 4.69 -2.98 -0.78
CA ALA B 105 5.78 -3.65 -0.06
C ALA B 105 6.32 -4.81 -0.88
N ASN B 106 5.44 -5.68 -1.37
CA ASN B 106 5.89 -6.79 -2.24
C ASN B 106 6.55 -6.28 -3.53
N ALA B 107 6.08 -5.14 -4.04
CA ALA B 107 6.61 -4.58 -5.29
C ALA B 107 8.04 -4.14 -5.12
N VAL B 108 8.34 -3.56 -3.95
CA VAL B 108 9.64 -2.95 -3.74
C VAL B 108 10.69 -3.89 -3.14
N ALA B 109 10.27 -4.93 -2.44
CA ALA B 109 11.18 -5.93 -1.89
C ALA B 109 10.57 -7.34 -1.97
N GLN B 110 11.36 -8.29 -2.51
CA GLN B 110 10.98 -9.71 -2.52
C GLN B 110 12.12 -10.52 -1.92
N PRO B 111 11.79 -11.64 -1.29
CA PRO B 111 12.83 -12.43 -0.63
C PRO B 111 13.90 -12.96 -1.61
N ASP B 112 15.17 -12.84 -1.22
CA ASP B 112 16.31 -13.32 -2.01
C ASP B 112 17.05 -14.39 -1.22
N LEU B 113 16.64 -15.64 -1.37
CA LEU B 113 17.27 -16.78 -0.67
C LEU B 113 18.21 -17.54 -1.60
N ASN B 114 19.37 -17.93 -1.09
CA ASN B 114 20.31 -18.72 -1.88
C ASN B 114 19.96 -20.20 -1.74
N SER B 115 20.72 -21.07 -2.41
CA SER B 115 20.40 -22.50 -2.39
C SER B 115 20.35 -23.12 -0.98
N ASP B 116 21.12 -22.57 -0.04
CA ASP B 116 21.14 -23.08 1.35
C ASP B 116 20.01 -22.54 2.22
N GLY B 117 19.22 -21.61 1.69
CA GLY B 117 18.11 -21.03 2.44
C GLY B 117 18.48 -19.74 3.16
N PHE B 118 19.66 -19.20 2.85
CA PHE B 118 20.12 -17.96 3.46
C PHE B 118 19.65 -16.78 2.62
N SER B 119 19.17 -15.73 3.30
CA SER B 119 18.70 -14.53 2.65
C SER B 119 19.88 -13.63 2.32
N LEU B 120 19.92 -13.13 1.09
CA LEU B 120 21.01 -12.30 0.63
C LEU B 120 20.69 -10.81 0.75
N ASN B 121 19.40 -10.49 0.91
CA ASN B 121 18.98 -9.10 1.07
C ASN B 121 18.32 -8.78 2.43
N GLY B 122 18.12 -9.80 3.25
CA GLY B 122 17.54 -9.62 4.58
C GLY B 122 16.08 -10.06 4.67
N LEU B 123 15.39 -10.15 3.52
CA LEU B 123 14.00 -10.54 3.45
C LEU B 123 13.91 -12.06 3.17
N HIS B 124 13.11 -12.74 3.97
CA HIS B 124 12.99 -14.21 3.95
C HIS B 124 11.65 -14.67 3.39
N THR B 125 10.71 -13.75 3.31
CA THR B 125 9.36 -14.08 2.98
C THR B 125 8.69 -12.90 2.27
N THR B 126 7.48 -13.11 1.76
CA THR B 126 6.71 -12.01 1.19
C THR B 126 6.02 -11.26 2.33
N PHE B 127 5.32 -10.19 2.00
CA PHE B 127 4.48 -9.46 2.95
C PHE B 127 3.01 -9.91 2.93
N ASP B 128 2.70 -11.01 2.22
CA ASP B 128 1.29 -11.45 2.06
C ASP B 128 0.56 -11.68 3.39
N SER B 129 1.27 -12.13 4.42
CA SER B 129 0.66 -12.45 5.72
C SER B 129 0.05 -11.23 6.44
N ILE B 130 0.47 -10.02 6.04
CA ILE B 130 -0.06 -8.78 6.58
C ILE B 130 -1.49 -8.50 6.06
N ARG B 131 -1.89 -9.15 4.96
CA ARG B 131 -3.32 -9.24 4.63
C ARG B 131 -3.98 -10.28 5.52
N SER B 132 -3.78 -10.14 6.83
CA SER B 132 -4.47 -10.93 7.82
C SER B 132 -5.38 -9.99 8.58
N VAL B 133 -6.56 -10.47 8.94
CA VAL B 133 -7.55 -9.64 9.63
C VAL B 133 -7.53 -9.96 11.12
N SER B 134 -6.89 -9.10 11.90
CA SER B 134 -6.74 -9.33 13.33
C SER B 134 -8.11 -9.29 14.00
N GLY B 135 -8.31 -10.17 14.97
CA GLY B 135 -9.59 -10.29 15.64
C GLY B 135 -10.61 -11.13 14.88
N TYR B 136 -10.22 -11.64 13.71
CA TYR B 136 -11.07 -12.50 12.90
C TYR B 136 -10.41 -13.89 12.88
N PRO B 137 -10.84 -14.78 13.78
CA PRO B 137 -10.14 -16.05 13.99
C PRO B 137 -10.48 -17.13 12.98
N GLN B 138 -9.49 -17.95 12.66
CA GLN B 138 -9.76 -19.23 12.01
C GLN B 138 -10.50 -20.11 13.02
N TRP B 139 -11.62 -20.66 12.58
CA TRP B 139 -12.48 -21.48 13.40
C TRP B 139 -12.67 -22.83 12.73
N PRO B 140 -12.85 -23.90 13.53
CA PRO B 140 -12.69 -23.93 14.97
C PRO B 140 -11.24 -23.83 15.38
N VAL B 141 -10.99 -23.43 16.62
CA VAL B 141 -9.68 -23.57 17.20
C VAL B 141 -9.45 -25.08 17.36
N SER B 142 -8.27 -25.55 16.98
CA SER B 142 -7.98 -26.98 17.00
C SER B 142 -7.87 -27.48 18.42
N ALA B 143 -8.63 -28.53 18.73
CA ALA B 143 -8.60 -29.19 20.02
C ALA B 143 -7.37 -30.10 20.16
N LEU B 144 -7.18 -30.61 21.37
CA LEU B 144 -6.12 -31.58 21.65
C LEU B 144 -6.75 -32.98 21.72
N PRO B 145 -6.33 -33.90 20.83
CA PRO B 145 -6.81 -35.28 20.99
C PRO B 145 -6.22 -35.96 22.23
N LYS B 146 -6.90 -37.00 22.69
CA LYS B 146 -6.48 -37.75 23.86
C LYS B 146 -5.09 -38.40 23.68
N SER B 147 -4.71 -38.72 22.44
CA SER B 147 -3.36 -39.18 22.14
C SER B 147 -2.82 -38.60 20.83
N ASN B 148 -1.50 -38.40 20.83
CA ASN B 148 -0.79 -37.76 19.73
C ASN B 148 -0.10 -38.75 18.79
N VAL B 149 -0.29 -40.04 19.02
CA VAL B 149 0.37 -41.09 18.23
C VAL B 149 -0.01 -41.01 16.76
N GLY B 150 -1.18 -40.43 16.47
CA GLY B 150 -1.58 -40.16 15.09
C GLY B 150 -0.64 -39.16 14.43
N LEU B 151 -0.37 -38.07 15.14
CA LEU B 151 0.55 -37.02 14.68
C LEU B 151 1.98 -37.53 14.51
N LEU B 152 2.43 -38.37 15.42
CA LEU B 152 3.78 -38.96 15.35
C LEU B 152 3.93 -39.84 14.10
N ARG B 153 2.91 -40.64 13.83
CA ARG B 153 2.83 -41.44 12.61
C ARG B 153 2.84 -40.55 11.37
N ASP B 154 2.01 -39.50 11.42
CA ASP B 154 1.84 -38.53 10.34
CA ASP B 154 1.87 -38.61 10.28
C ASP B 154 3.16 -37.82 10.02
N LEU B 155 3.88 -37.46 11.08
CA LEU B 155 5.18 -36.77 10.95
C LEU B 155 6.32 -37.76 10.64
N LYS B 156 5.95 -39.04 10.49
CA LYS B 156 6.90 -40.12 10.21
C LYS B 156 8.07 -40.11 11.17
N LEU B 157 7.76 -40.02 12.45
CA LEU B 157 8.79 -40.06 13.48
C LEU B 157 9.01 -41.48 13.96
N GLN B 158 10.09 -41.67 14.71
CA GLN B 158 10.44 -42.96 15.27
C GLN B 158 9.32 -43.49 16.19
N GLU B 159 9.17 -44.82 16.25
CA GLU B 159 8.21 -45.46 17.16
C GLU B 159 8.66 -45.41 18.61
N ARG B 160 9.97 -45.44 18.80
CA ARG B 160 10.60 -45.32 20.10
C ARG B 160 12.05 -44.88 19.85
N MET B 161 12.69 -44.31 20.87
CA MET B 161 14.07 -43.87 20.75
C MET B 161 15.00 -45.06 20.54
N THR B 162 16.12 -44.82 19.88
CA THR B 162 17.17 -45.84 19.77
C THR B 162 17.79 -46.00 21.14
N ALA B 163 18.60 -47.04 21.32
CA ALA B 163 19.26 -47.29 22.60
C ALA B 163 20.23 -46.16 22.90
N ARG B 164 21.03 -45.79 21.90
CA ARG B 164 22.00 -44.71 22.06
C ARG B 164 21.34 -43.36 22.42
N GLN B 165 20.17 -43.08 21.87
CA GLN B 165 19.45 -41.81 22.15
C GLN B 165 18.97 -41.75 23.62
N VAL B 166 18.53 -42.88 24.16
CA VAL B 166 18.18 -42.93 25.58
C VAL B 166 19.42 -42.60 26.41
N VAL B 167 20.55 -43.23 26.06
CA VAL B 167 21.84 -42.97 26.72
C VAL B 167 22.18 -41.49 26.66
N ILE B 168 21.96 -40.86 25.51
CA ILE B 168 22.26 -39.44 25.34
C ILE B 168 21.33 -38.56 26.17
N ALA B 169 20.04 -38.85 26.12
CA ALA B 169 19.07 -38.08 26.88
C ALA B 169 19.32 -38.18 28.38
N ARG B 170 19.72 -39.35 28.86
CA ARG B 170 20.07 -39.50 30.28
C ARG B 170 21.26 -38.63 30.65
N GLU B 171 22.29 -38.62 29.81
CA GLU B 171 23.49 -37.81 30.06
C GLU B 171 23.21 -36.30 30.04
N ILE B 172 22.23 -35.85 29.24
CA ILE B 172 21.90 -34.43 29.22
C ILE B 172 21.03 -34.09 30.42
N TRP B 173 19.98 -34.90 30.64
CA TRP B 173 19.08 -34.68 31.78
C TRP B 173 19.78 -34.86 33.13
N LYS B 174 20.78 -35.73 33.20
CA LYS B 174 21.64 -35.78 34.39
C LYS B 174 22.20 -34.39 34.67
N ARG B 175 22.75 -33.76 33.65
CA ARG B 175 23.43 -32.48 33.80
C ARG B 175 22.47 -31.31 34.04
N VAL B 176 21.22 -31.45 33.60
CA VAL B 176 20.21 -30.40 33.77
C VAL B 176 19.51 -30.47 35.13
N TRP B 177 18.95 -31.64 35.45
CA TRP B 177 18.31 -31.86 36.74
C TRP B 177 19.32 -31.83 37.87
N GLY B 178 20.56 -32.25 37.57
CA GLY B 178 21.62 -32.40 38.57
C GLY B 178 22.33 -31.12 38.97
N HIS B 179 21.84 -29.98 38.50
CA HIS B 179 22.40 -28.68 38.88
C HIS B 179 21.28 -27.68 39.09
N MET B 180 21.38 -26.95 40.18
CA MET B 180 20.37 -25.98 40.59
C MET B 180 21.03 -24.67 40.98
N LYS B 181 20.52 -23.57 40.45
CA LYS B 181 20.89 -22.27 40.95
C LYS B 181 19.62 -21.67 41.54
N PRO B 182 19.45 -21.77 42.89
CA PRO B 182 18.22 -21.27 43.51
C PRO B 182 17.91 -19.84 43.05
N THR B 183 16.70 -19.63 42.56
CA THR B 183 16.32 -18.32 42.04
C THR B 183 14.91 -18.01 42.45
N ALA B 184 14.57 -16.72 42.51
CA ALA B 184 13.25 -16.30 42.91
C ALA B 184 12.19 -16.81 41.94
N ILE B 185 11.09 -17.30 42.48
CA ILE B 185 9.94 -17.71 41.67
C ILE B 185 9.12 -16.48 41.28
N LYS B 186 8.67 -16.44 40.03
CA LYS B 186 7.84 -15.35 39.54
C LYS B 186 6.36 -15.65 39.75
N ILE B 187 5.61 -14.66 40.24
CA ILE B 187 4.20 -14.82 40.48
C ILE B 187 3.48 -13.88 39.52
N PRO B 188 2.80 -14.43 38.50
CA PRO B 188 2.22 -13.54 37.48
C PRO B 188 1.07 -12.67 38.00
N LYS B 189 1.12 -11.37 37.74
CA LYS B 189 0.05 -10.44 38.12
C LYS B 189 -1.10 -10.42 37.11
N MET B 190 -0.80 -10.76 35.86
CA MET B 190 -1.78 -10.55 34.79
CA MET B 190 -1.69 -10.54 34.72
C MET B 190 -2.20 -11.85 34.11
N SER B 191 -2.36 -12.90 34.93
CA SER B 191 -2.97 -14.14 34.47
C SER B 191 -3.75 -14.84 35.57
N THR B 192 -4.71 -15.68 35.16
CA THR B 192 -5.58 -16.37 36.10
C THR B 192 -4.81 -17.42 36.91
N SER B 193 -5.23 -17.61 38.16
CA SER B 193 -4.65 -18.65 39.00
C SER B 193 -5.03 -20.05 38.52
N GLY B 194 -6.00 -20.14 37.62
CA GLY B 194 -6.59 -21.43 37.27
C GLY B 194 -7.52 -21.86 38.38
N PRO B 195 -8.02 -23.10 38.31
CA PRO B 195 -8.90 -23.62 39.35
C PRO B 195 -8.14 -23.84 40.67
N PRO B 196 -8.83 -23.70 41.82
CA PRO B 196 -10.26 -23.49 42.03
C PRO B 196 -10.76 -22.05 42.14
N ARG B 197 -9.88 -21.05 42.26
CA ARG B 197 -10.32 -19.68 42.46
C ARG B 197 -10.51 -18.92 41.15
N ASN B 198 -9.74 -19.28 40.13
CA ASN B 198 -9.88 -18.66 38.82
C ASN B 198 -9.87 -17.13 38.91
N VAL B 199 -8.94 -16.57 39.68
CA VAL B 199 -8.77 -15.12 39.78
C VAL B 199 -7.35 -14.69 39.40
N ASN B 200 -7.25 -13.48 38.85
CA ASN B 200 -5.97 -12.80 38.65
C ASN B 200 -5.64 -12.04 39.93
N ASP B 201 -5.21 -12.77 40.96
CA ASP B 201 -4.89 -12.15 42.25
C ASP B 201 -3.52 -12.63 42.71
N ALA B 202 -2.48 -11.84 42.42
CA ALA B 202 -1.11 -12.25 42.74
C ALA B 202 -0.87 -12.28 44.24
N GLU B 203 -1.66 -11.51 44.99
CA GLU B 203 -1.56 -11.54 46.45
C GLU B 203 -1.93 -12.92 47.02
N MET B 204 -3.04 -13.48 46.55
CA MET B 204 -3.44 -14.84 46.95
C MET B 204 -2.40 -15.86 46.46
N LYS B 205 -1.95 -15.73 45.21
CA LYS B 205 -0.91 -16.63 44.68
C LYS B 205 0.30 -16.66 45.59
N LEU B 206 0.81 -15.47 45.92
CA LEU B 206 1.93 -15.31 46.85
C LEU B 206 1.60 -15.93 48.21
N GLN B 207 0.45 -15.56 48.76
CA GLN B 207 0.06 -16.08 50.06
C GLN B 207 -0.03 -17.59 50.01
N TYR B 208 -0.55 -18.13 48.91
CA TYR B 208 -0.67 -19.57 48.76
C TYR B 208 0.71 -20.22 48.76
N ALA B 209 1.65 -19.58 48.09
CA ALA B 209 3.04 -20.06 48.04
C ALA B 209 3.70 -20.04 49.41
N LEU B 210 3.60 -18.92 50.11
CA LEU B 210 4.12 -18.83 51.48
C LEU B 210 3.51 -19.93 52.37
N ALA B 211 2.18 -20.10 52.26
CA ALA B 211 1.44 -21.15 52.97
C ALA B 211 2.01 -22.54 52.68
N LEU B 212 2.23 -22.83 51.40
CA LEU B 212 2.72 -24.14 50.98
C LEU B 212 4.16 -24.41 51.44
N PHE B 213 5.01 -23.38 51.38
CA PHE B 213 6.42 -23.57 51.71
C PHE B 213 6.75 -23.34 53.19
N SER B 214 5.72 -23.16 54.02
CA SER B 214 5.89 -23.14 55.47
C SER B 214 5.59 -24.51 56.08
N GLY B 215 6.43 -24.93 57.02
CA GLY B 215 6.19 -26.14 57.80
C GLY B 215 6.10 -27.41 56.97
N ASN B 216 5.23 -28.32 57.41
CA ASN B 216 5.08 -29.61 56.75
C ASN B 216 3.97 -29.60 55.69
N ARG B 217 3.62 -28.42 55.19
CA ARG B 217 2.54 -28.30 54.19
C ARG B 217 2.88 -28.83 52.80
N TYR B 218 4.14 -28.71 52.37
CA TYR B 218 4.57 -29.22 51.05
C TYR B 218 4.56 -30.75 51.05
N ASN B 219 5.10 -31.35 52.10
CA ASN B 219 5.03 -32.80 52.29
C ASN B 219 3.59 -33.31 52.37
N GLY B 220 2.74 -32.57 53.08
CA GLY B 220 1.32 -32.92 53.18
C GLY B 220 0.58 -32.77 51.87
N TYR B 221 0.93 -31.73 51.11
CA TYR B 221 0.42 -31.49 49.77
C TYR B 221 0.74 -32.68 48.85
N LEU B 222 1.98 -33.16 48.91
CA LEU B 222 2.41 -34.31 48.10
C LEU B 222 1.68 -35.58 48.54
N ASP B 223 1.44 -35.70 49.85
CA ASP B 223 0.69 -36.82 50.41
C ASP B 223 -0.77 -36.82 49.96
N ALA B 224 -1.43 -35.66 50.02
CA ALA B 224 -2.81 -35.55 49.56
C ALA B 224 -2.87 -35.78 48.05
N PHE B 225 -1.85 -35.31 47.34
CA PHE B 225 -1.75 -35.54 45.90
C PHE B 225 -1.63 -37.02 45.58
N LYS B 226 -0.64 -37.69 46.18
CA LYS B 226 -0.42 -39.11 45.91
C LYS B 226 -1.57 -40.01 46.40
N SER B 227 -2.34 -39.55 47.39
CA SER B 227 -3.49 -40.29 47.92
C SER B 227 -4.48 -40.76 46.84
N GLY B 228 -4.62 -39.97 45.78
CA GLY B 228 -5.60 -40.23 44.73
C GLY B 228 -6.94 -39.55 44.99
N ASP B 229 -7.13 -39.03 46.20
CA ASP B 229 -8.40 -38.45 46.63
C ASP B 229 -8.46 -36.97 46.26
N LEU B 230 -8.91 -36.68 45.03
CA LEU B 230 -9.06 -35.31 44.53
C LEU B 230 -9.89 -34.44 45.49
N SER B 231 -10.90 -35.03 46.14
CA SER B 231 -11.72 -34.30 47.10
C SER B 231 -10.91 -33.83 48.31
N ARG B 232 -9.92 -34.63 48.71
CA ARG B 232 -9.00 -34.25 49.78
C ARG B 232 -8.06 -33.17 49.26
N PHE B 233 -7.45 -33.44 48.12
CA PHE B 233 -6.49 -32.54 47.48
C PHE B 233 -7.10 -31.14 47.29
N TYR B 234 -8.30 -31.10 46.74
CA TYR B 234 -9.07 -29.87 46.56
C TYR B 234 -9.40 -29.19 47.89
N ARG B 235 -9.98 -29.95 48.80
CA ARG B 235 -10.46 -29.43 50.09
C ARG B 235 -9.34 -28.86 50.99
N ASP B 236 -8.26 -29.62 51.13
CA ASP B 236 -7.16 -29.27 52.04
C ASP B 236 -6.05 -28.42 51.41
N TYR B 237 -5.99 -28.34 50.08
CA TYR B 237 -4.90 -27.63 49.39
C TYR B 237 -5.32 -26.76 48.21
N GLU B 238 -6.64 -26.66 47.97
CA GLU B 238 -7.15 -25.88 46.86
C GLU B 238 -6.43 -26.25 45.56
N ALA B 239 -6.29 -27.56 45.34
CA ALA B 239 -5.56 -28.10 44.17
C ALA B 239 -6.39 -29.13 43.40
N ALA B 240 -6.28 -29.05 42.08
CA ALA B 240 -6.93 -29.99 41.16
C ALA B 240 -6.05 -30.09 39.91
N VAL B 241 -5.60 -31.30 39.60
CA VAL B 241 -4.77 -31.53 38.44
C VAL B 241 -5.68 -31.51 37.21
N ILE B 242 -5.82 -30.32 36.62
CA ILE B 242 -6.57 -30.15 35.40
C ILE B 242 -6.03 -28.93 34.66
N MET B 243 -6.26 -28.87 33.35
CA MET B 243 -5.81 -27.74 32.55
C MET B 243 -6.95 -26.88 32.06
N GLY B 244 -6.73 -25.57 32.07
CA GLY B 244 -7.58 -24.65 31.37
C GLY B 244 -7.12 -24.55 29.94
N THR B 245 -7.86 -23.79 29.14
CA THR B 245 -7.46 -23.52 27.77
CA THR B 245 -7.50 -23.53 27.76
C THR B 245 -7.59 -22.04 27.46
N ASN B 246 -6.59 -21.52 26.76
CA ASN B 246 -6.64 -20.21 26.16
CA ASN B 246 -6.68 -20.21 26.13
C ASN B 246 -6.22 -20.39 24.69
N VAL B 247 -6.33 -19.33 23.90
CA VAL B 247 -5.89 -19.38 22.52
C VAL B 247 -4.81 -18.33 22.31
N ARG B 248 -3.86 -18.62 21.41
CA ARG B 248 -2.89 -17.65 20.93
C ARG B 248 -3.15 -17.45 19.44
N TRP B 249 -3.04 -16.21 19.00
CA TRP B 249 -3.37 -15.82 17.64
C TRP B 249 -2.11 -15.38 16.94
N GLN B 250 -2.03 -15.62 15.63
CA GLN B 250 -0.98 -15.03 14.81
C GLN B 250 -1.45 -14.96 13.37
N VAL B 251 -0.75 -14.16 12.58
CA VAL B 251 -1.11 -13.95 11.19
C VAL B 251 -0.95 -15.25 10.42
N ASP B 252 -1.51 -15.27 9.21
CA ASP B 252 -1.38 -16.42 8.32
C ASP B 252 -1.26 -15.92 6.89
N ASN B 253 -0.82 -16.81 6.00
CA ASN B 253 -0.86 -16.53 4.58
C ASN B 253 -2.30 -16.68 4.10
N PRO B 254 -2.82 -15.69 3.35
CA PRO B 254 -4.09 -15.84 2.69
C PRO B 254 -4.17 -17.18 1.95
N GLY B 255 -5.24 -17.93 2.19
CA GLY B 255 -5.52 -19.17 1.47
C GLY B 255 -4.70 -20.39 1.85
N LYS B 256 -3.89 -20.29 2.91
CA LYS B 256 -3.04 -21.42 3.33
C LYS B 256 -3.95 -22.50 3.94
N LYS B 257 -3.89 -23.70 3.39
CA LYS B 257 -4.74 -24.79 3.89
C LYS B 257 -4.29 -25.19 5.29
N ARG B 258 -5.24 -25.24 6.22
CA ARG B 258 -4.97 -25.63 7.60
C ARG B 258 -6.00 -26.66 8.05
N ASP B 259 -5.61 -27.51 8.98
CA ASP B 259 -6.52 -28.52 9.52
CA ASP B 259 -6.47 -28.57 9.51
C ASP B 259 -6.67 -28.38 11.02
N TYR B 260 -7.65 -29.08 11.57
CA TYR B 260 -7.94 -29.01 13.00
C TYR B 260 -8.60 -30.29 13.51
N TRP B 261 -8.29 -30.62 14.76
CA TRP B 261 -9.02 -31.63 15.51
C TRP B 261 -10.36 -31.06 15.99
N ALA B 262 -11.45 -31.68 15.57
CA ALA B 262 -12.80 -31.26 15.94
C ALA B 262 -13.15 -31.67 17.36
N GLN B 263 -13.90 -30.83 18.06
CA GLN B 263 -14.43 -31.21 19.38
C GLN B 263 -15.26 -32.50 19.33
N ALA B 264 -16.16 -32.56 18.35
CA ALA B 264 -17.03 -33.73 18.15
C ALA B 264 -16.27 -35.04 17.84
N ASP B 265 -15.06 -34.94 17.30
CA ASP B 265 -14.24 -36.13 16.98
C ASP B 265 -13.37 -36.62 18.14
N ILE B 266 -13.17 -35.82 19.19
CA ILE B 266 -12.18 -36.21 20.21
C ILE B 266 -12.60 -37.42 21.05
N GLU B 267 -13.91 -37.68 21.15
CA GLU B 267 -14.42 -38.90 21.81
C GLU B 267 -14.59 -40.10 20.86
N ARG B 268 -14.49 -39.87 19.55
CA ARG B 268 -14.73 -40.93 18.56
C ARG B 268 -13.62 -42.00 18.61
N GLU B 269 -12.40 -41.57 18.94
CA GLU B 269 -11.23 -42.46 19.08
C GLU B 269 -10.06 -41.70 19.72
N LEU B 270 -9.01 -42.41 20.13
CA LEU B 270 -7.88 -41.77 20.83
C LEU B 270 -7.12 -40.78 19.92
N ALA B 271 -6.89 -41.19 18.67
CA ALA B 271 -6.12 -40.38 17.72
C ALA B 271 -6.87 -40.16 16.40
N PRO B 272 -7.96 -39.37 16.42
CA PRO B 272 -8.78 -39.13 15.23
C PRO B 272 -8.11 -38.22 14.22
N SER B 273 -8.53 -38.31 12.96
CA SER B 273 -7.98 -37.48 11.90
C SER B 273 -8.51 -36.05 12.03
N LYS B 274 -7.80 -35.13 11.40
CA LYS B 274 -8.18 -33.72 11.43
C LYS B 274 -9.11 -33.39 10.27
N ARG B 275 -9.95 -32.38 10.46
CA ARG B 275 -10.79 -31.85 9.39
C ARG B 275 -10.15 -30.56 8.90
N PRO B 276 -10.47 -30.15 7.66
CA PRO B 276 -9.96 -28.91 7.10
C PRO B 276 -10.63 -27.66 7.65
N ILE B 277 -9.84 -26.67 8.03
CA ILE B 277 -10.37 -25.36 8.36
C ILE B 277 -10.86 -24.71 7.07
N THR B 278 -12.07 -24.17 7.08
CA THR B 278 -12.65 -23.54 5.88
C THR B 278 -13.06 -22.09 6.09
N THR B 279 -12.65 -21.47 7.21
CA THR B 279 -13.04 -20.09 7.48
C THR B 279 -12.62 -19.14 6.34
N LYS B 280 -13.58 -18.33 5.87
CA LYS B 280 -13.34 -17.28 4.88
C LYS B 280 -13.49 -15.97 5.62
N VAL B 281 -12.74 -14.95 5.21
CA VAL B 281 -12.89 -13.62 5.82
C VAL B 281 -14.12 -12.97 5.20
N GLU B 282 -15.19 -12.88 5.99
CA GLU B 282 -16.44 -12.28 5.55
C GLU B 282 -16.98 -11.40 6.68
N ILE B 283 -17.06 -10.11 6.40
CA ILE B 283 -17.40 -9.10 7.38
C ILE B 283 -18.64 -8.38 6.90
N ASN B 284 -19.73 -8.54 7.63
CA ASN B 284 -21.00 -7.89 7.29
C ASN B 284 -21.33 -8.03 5.80
N GLY B 285 -21.19 -9.24 5.28
CA GLY B 285 -21.60 -9.57 3.92
C GLY B 285 -20.55 -9.46 2.82
N THR B 286 -19.51 -8.67 3.03
CA THR B 286 -18.47 -8.51 2.02
C THR B 286 -17.37 -9.57 2.19
N VAL B 287 -17.17 -10.38 1.14
CA VAL B 287 -16.16 -11.45 1.17
C VAL B 287 -14.79 -10.89 0.75
N TYR B 288 -13.77 -11.14 1.57
CA TYR B 288 -12.39 -10.69 1.28
C TYR B 288 -11.53 -11.94 1.04
N ASP B 289 -11.59 -12.49 -0.17
CA ASP B 289 -10.90 -13.74 -0.47
C ASP B 289 -9.38 -13.56 -0.49
N ASP B 290 -8.92 -12.34 -0.72
CA ASP B 290 -7.48 -12.05 -0.66
C ASP B 290 -6.94 -11.92 0.77
N PHE B 291 -7.80 -12.10 1.78
CA PHE B 291 -7.38 -11.97 3.18
C PHE B 291 -7.37 -13.27 3.97
N ALA B 292 -6.47 -13.34 4.94
CA ALA B 292 -6.36 -14.47 5.87
C ALA B 292 -7.04 -14.16 7.21
N ALA B 293 -7.77 -15.13 7.72
CA ALA B 293 -8.25 -15.10 9.09
C ALA B 293 -7.06 -15.49 9.94
N MET B 294 -7.04 -15.05 11.20
CA MET B 294 -5.89 -15.28 12.08
C MET B 294 -5.77 -16.76 12.45
N ARG B 295 -4.59 -17.30 12.24
CA ARG B 295 -4.28 -18.62 12.76
C ARG B 295 -4.44 -18.62 14.30
N THR B 296 -5.18 -19.60 14.82
CA THR B 296 -5.42 -19.74 16.25
C THR B 296 -4.90 -21.07 16.75
N ARG B 297 -4.19 -21.07 17.87
CA ARG B 297 -3.66 -22.32 18.42
C ARG B 297 -4.03 -22.45 19.88
N LEU B 298 -4.54 -23.64 20.21
CA LEU B 298 -4.93 -23.95 21.59
CA LEU B 298 -4.93 -23.94 21.59
C LEU B 298 -3.69 -24.00 22.47
N VAL B 299 -3.80 -23.41 23.65
CA VAL B 299 -2.75 -23.46 24.67
C VAL B 299 -3.40 -23.85 25.98
N ASN B 300 -2.81 -24.80 26.67
CA ASN B 300 -3.26 -25.17 27.99
C ASN B 300 -2.64 -24.25 29.05
N ALA B 301 -3.35 -24.05 30.14
CA ALA B 301 -2.84 -23.30 31.28
C ALA B 301 -3.03 -24.12 32.55
N GLY B 302 -1.92 -24.48 33.18
CA GLY B 302 -1.93 -25.26 34.42
C GLY B 302 -2.28 -24.36 35.58
N PRO B 303 -2.94 -24.91 36.62
CA PRO B 303 -3.31 -24.04 37.74
C PRO B 303 -2.09 -23.63 38.55
N TRP B 304 -2.13 -22.43 39.13
CA TRP B 304 -1.05 -21.94 39.99
C TRP B 304 -0.77 -22.89 41.15
N THR B 305 -1.83 -23.40 41.77
CA THR B 305 -1.68 -24.27 42.94
C THR B 305 -1.08 -25.64 42.61
N ILE B 306 -1.01 -25.97 41.32
CA ILE B 306 -0.22 -27.12 40.88
C ILE B 306 1.20 -26.70 40.46
N ASN B 307 1.32 -25.72 39.57
CA ASN B 307 2.64 -25.27 39.06
C ASN B 307 3.58 -24.66 40.10
N VAL B 308 3.04 -23.98 41.10
CA VAL B 308 3.88 -23.36 42.13
C VAL B 308 4.74 -24.40 42.86
N ALA B 309 4.24 -25.63 42.96
CA ALA B 309 4.98 -26.72 43.59
C ALA B 309 6.15 -27.18 42.70
N LEU B 310 6.03 -26.90 41.40
CA LEU B 310 7.03 -27.32 40.41
C LEU B 310 7.97 -26.20 40.04
N GLN B 311 7.50 -24.95 40.02
CA GLN B 311 8.29 -23.86 39.43
C GLN B 311 9.69 -23.64 40.04
N PRO B 312 9.84 -23.85 41.37
CA PRO B 312 11.19 -23.71 41.97
C PRO B 312 12.27 -24.53 41.25
N PHE B 313 11.94 -25.76 40.89
CA PHE B 313 12.88 -26.64 40.21
C PHE B 313 13.11 -26.20 38.76
N ALA B 314 12.05 -25.79 38.08
CA ALA B 314 12.15 -25.30 36.70
C ALA B 314 13.12 -24.11 36.58
N THR B 315 12.85 -23.05 37.33
CA THR B 315 13.69 -21.85 37.27
C THR B 315 15.11 -22.11 37.79
N GLY B 316 15.23 -22.90 38.86
CA GLY B 316 16.55 -23.24 39.44
C GLY B 316 17.41 -24.08 38.52
N CYS B 317 16.83 -25.13 37.95
CA CYS B 317 17.53 -25.92 36.95
C CYS B 317 17.84 -25.10 35.69
N MET B 318 16.87 -24.32 35.22
CA MET B 318 17.12 -23.52 34.03
C MET B 318 18.22 -22.48 34.24
N ASN B 319 18.24 -21.84 35.41
CA ASN B 319 19.25 -20.78 35.65
C ASN B 319 20.67 -21.28 35.82
N ALA B 320 20.81 -22.52 36.29
CA ALA B 320 22.12 -23.18 36.32
C ALA B 320 22.56 -23.52 34.89
N MET B 321 21.62 -24.10 34.14
CA MET B 321 21.80 -24.45 32.73
C MET B 321 22.30 -23.24 31.91
N PHE B 322 21.70 -22.08 32.14
CA PHE B 322 22.15 -20.83 31.49
C PHE B 322 23.56 -20.42 31.90
N GLU B 323 23.97 -20.80 33.10
CA GLU B 323 25.29 -20.42 33.61
C GLU B 323 26.35 -21.45 33.24
N LEU B 324 26.12 -22.71 33.59
CA LEU B 324 27.10 -23.77 33.32
C LEU B 324 27.34 -24.05 31.83
N TYR B 325 26.30 -23.91 30.99
CA TYR B 325 26.41 -24.24 29.57
C TYR B 325 25.94 -23.08 28.71
N ARG B 326 26.51 -21.90 28.97
CA ARG B 326 26.06 -20.65 28.40
C ARG B 326 26.04 -20.70 26.87
N ALA B 327 27.10 -21.23 26.27
CA ALA B 327 27.24 -21.28 24.79
C ALA B 327 26.07 -21.99 24.08
N THR B 328 25.41 -22.92 24.77
CA THR B 328 24.28 -23.63 24.18
C THR B 328 22.98 -22.88 24.42
N TRP B 329 22.70 -22.53 25.68
CA TRP B 329 21.36 -22.10 26.07
C TRP B 329 21.15 -20.61 26.40
N HIS B 330 22.23 -19.87 26.61
CA HIS B 330 22.06 -18.45 26.93
C HIS B 330 23.22 -17.57 26.53
N PRO B 331 23.65 -17.65 25.25
CA PRO B 331 24.68 -16.70 24.86
C PRO B 331 24.09 -15.31 24.73
N ASP B 332 24.95 -14.30 24.82
CA ASP B 332 24.60 -12.94 24.51
C ASP B 332 24.04 -12.91 23.09
N GLU B 333 22.79 -12.48 22.94
CA GLU B 333 22.11 -12.50 21.64
C GLU B 333 22.69 -11.50 20.66
N ASP B 334 23.21 -10.40 21.19
CA ASP B 334 23.88 -9.38 20.40
C ASP B 334 25.20 -9.88 19.80
N LYS B 335 25.78 -10.94 20.36
CA LYS B 335 27.08 -11.42 19.89
C LYS B 335 27.00 -12.63 18.96
N ILE B 336 25.81 -13.23 18.80
CA ILE B 336 25.67 -14.45 17.99
C ILE B 336 26.28 -14.33 16.57
N ALA B 337 25.96 -13.26 15.84
CA ALA B 337 26.48 -13.08 14.48
C ALA B 337 28.00 -13.06 14.44
N GLY B 338 28.61 -12.40 15.43
CA GLY B 338 30.07 -12.40 15.58
C GLY B 338 30.63 -13.77 15.95
N PHE B 339 29.94 -14.49 16.82
CA PHE B 339 30.31 -15.87 17.15
C PHE B 339 30.29 -16.80 15.93
N LEU B 340 29.34 -16.56 15.02
CA LEU B 340 29.18 -17.41 13.86
C LEU B 340 30.18 -17.12 12.75
N GLU B 341 30.85 -15.97 12.79
CA GLU B 341 31.77 -15.61 11.71
C GLU B 341 32.83 -16.68 11.55
N GLY B 342 32.99 -17.17 10.33
CA GLY B 342 33.96 -18.22 10.02
C GLY B 342 33.42 -19.61 10.20
N LYS B 343 32.17 -19.73 10.66
CA LYS B 343 31.55 -21.02 10.90
C LYS B 343 30.43 -21.25 9.89
N HIS B 344 30.24 -22.52 9.52
CA HIS B 344 29.08 -22.90 8.73
C HIS B 344 27.91 -23.10 9.67
N ALA B 345 26.71 -22.74 9.25
CA ALA B 345 25.56 -22.74 10.14
C ALA B 345 24.31 -23.30 9.49
N PHE B 346 23.69 -24.28 10.16
CA PHE B 346 22.37 -24.81 9.83
C PHE B 346 21.33 -24.28 10.83
N PHE B 347 20.27 -23.68 10.29
CA PHE B 347 19.20 -23.11 11.10
C PHE B 347 18.01 -24.06 10.99
N GLY B 348 17.63 -24.66 12.11
CA GLY B 348 16.56 -25.66 12.12
C GLY B 348 15.16 -25.06 12.21
N ASP B 349 14.22 -25.68 11.50
CA ASP B 349 12.79 -25.41 11.58
C ASP B 349 12.12 -26.74 11.98
N VAL B 350 11.36 -26.76 13.08
CA VAL B 350 10.74 -28.00 13.54
C VAL B 350 9.22 -28.00 13.41
N SER B 351 8.67 -29.03 12.76
CA SER B 351 7.22 -29.13 12.56
C SER B 351 6.52 -29.61 13.83
N SER B 352 5.52 -28.85 14.28
CA SER B 352 4.68 -29.28 15.41
C SER B 352 5.51 -29.82 16.58
N TYR B 353 6.51 -29.05 17.01
CA TYR B 353 7.52 -29.53 17.95
C TYR B 353 6.99 -30.05 19.29
N ASP B 354 6.39 -29.18 20.09
CA ASP B 354 5.91 -29.57 21.43
C ASP B 354 4.95 -30.76 21.42
N HIS B 355 3.97 -30.73 20.54
CA HIS B 355 2.94 -31.77 20.47
C HIS B 355 3.51 -33.10 19.95
N SER B 356 4.65 -33.05 19.25
CA SER B 356 5.29 -34.27 18.72
C SER B 356 6.13 -35.05 19.74
N PHE B 357 6.26 -34.54 20.97
CA PHE B 357 6.96 -35.28 22.03
C PHE B 357 6.18 -36.55 22.34
N SER B 358 6.87 -37.69 22.29
CA SER B 358 6.26 -38.97 22.64
C SER B 358 6.11 -39.13 24.16
N GLU B 359 5.14 -39.93 24.55
CA GLU B 359 5.00 -40.36 25.93
C GLU B 359 6.35 -40.82 26.52
N GLU B 360 7.10 -41.62 25.76
CA GLU B 360 8.40 -42.16 26.20
C GLU B 360 9.37 -41.05 26.60
N LYS B 361 9.48 -40.03 25.75
CA LYS B 361 10.37 -38.88 25.98
C LYS B 361 9.98 -38.10 27.24
N ILE B 362 8.67 -37.84 27.38
CA ILE B 362 8.18 -37.13 28.56
C ILE B 362 8.50 -37.96 29.81
N ASP B 363 8.15 -39.24 29.78
CA ASP B 363 8.36 -40.14 30.91
C ASP B 363 9.83 -40.27 31.29
N LEU B 364 10.71 -40.36 30.29
CA LEU B 364 12.16 -40.49 30.52
C LEU B 364 12.77 -39.25 31.19
N SER B 365 12.31 -38.07 30.80
CA SER B 365 12.76 -36.83 31.43
C SER B 365 12.42 -36.84 32.93
N LEU B 366 11.18 -37.20 33.26
CA LEU B 366 10.74 -37.23 34.65
C LEU B 366 11.40 -38.36 35.44
N GLU B 367 11.52 -39.54 34.81
CA GLU B 367 12.28 -40.65 35.38
C GLU B 367 13.70 -40.22 35.81
N VAL B 368 14.41 -39.49 34.96
CA VAL B 368 15.79 -39.04 35.28
C VAL B 368 15.78 -37.97 36.36
N GLY B 369 14.75 -37.12 36.35
CA GLY B 369 14.52 -36.19 37.44
C GLY B 369 14.46 -36.86 38.80
N LYS B 370 13.89 -38.07 38.84
CA LYS B 370 13.70 -38.81 40.09
C LYS B 370 15.02 -39.20 40.79
N GLU B 371 16.12 -39.13 40.04
CA GLU B 371 17.46 -39.38 40.61
C GLU B 371 17.98 -38.17 41.41
N PHE B 372 17.35 -37.02 41.20
CA PHE B 372 17.76 -35.77 41.85
C PHE B 372 16.67 -35.07 42.67
N ILE B 373 15.43 -35.47 42.46
CA ILE B 373 14.25 -34.80 43.02
C ILE B 373 13.26 -35.87 43.47
N SER B 374 12.60 -35.63 44.59
CA SER B 374 11.69 -36.60 45.17
C SER B 374 10.66 -37.09 44.13
N PRO B 375 10.48 -38.42 44.02
CA PRO B 375 9.68 -38.96 42.94
C PRO B 375 8.21 -38.53 42.96
N GLU B 376 7.69 -38.18 44.14
CA GLU B 376 6.30 -37.70 44.22
C GLU B 376 6.16 -36.36 43.50
N ILE B 377 7.26 -35.60 43.46
CA ILE B 377 7.31 -34.32 42.75
C ILE B 377 7.35 -34.52 41.21
N MET B 378 8.01 -35.59 40.75
CA MET B 378 8.05 -35.89 39.31
C MET B 378 6.74 -36.53 38.85
N GLU B 379 6.01 -37.16 39.78
CA GLU B 379 4.71 -37.74 39.50
C GLU B 379 3.65 -36.65 39.39
N LEU B 380 3.75 -35.62 40.23
CA LEU B 380 2.93 -34.42 40.07
C LEU B 380 3.15 -33.82 38.67
N ALA B 381 4.41 -33.60 38.32
CA ALA B 381 4.79 -33.15 36.99
C ALA B 381 4.13 -34.02 35.93
N SER B 382 4.22 -35.33 36.12
CA SER B 382 3.73 -36.28 35.13
C SER B 382 2.24 -36.14 35.01
N SER B 383 1.56 -36.19 36.15
CA SER B 383 0.13 -36.02 36.20
C SER B 383 -0.32 -34.73 35.50
N LEU B 384 0.48 -33.67 35.60
CA LEU B 384 0.11 -32.40 34.96
C LEU B 384 0.35 -32.44 33.44
N PHE B 385 1.45 -33.03 33.00
CA PHE B 385 1.67 -33.26 31.57
C PHE B 385 0.49 -33.99 30.93
N TYR B 386 -0.07 -34.95 31.67
CA TYR B 386 -1.08 -35.86 31.14
C TYR B 386 -2.51 -35.51 31.59
N ALA B 387 -2.69 -34.30 32.08
CA ALA B 387 -3.93 -33.89 32.73
C ALA B 387 -5.12 -33.82 31.78
N ALA B 388 -6.30 -34.13 32.31
CA ALA B 388 -7.53 -33.75 31.62
C ALA B 388 -7.51 -32.24 31.37
N TYR B 389 -8.40 -31.76 30.50
CA TYR B 389 -8.59 -30.34 30.32
C TYR B 389 -10.06 -30.01 30.07
N PHE B 390 -10.47 -28.85 30.55
CA PHE B 390 -11.75 -28.27 30.22
C PHE B 390 -11.51 -27.13 29.26
N THR B 391 -12.45 -26.94 28.34
CA THR B 391 -12.41 -25.81 27.43
C THR B 391 -13.81 -25.27 27.20
N ARG B 392 -13.89 -23.98 26.90
CA ARG B 392 -15.11 -23.40 26.42
C ARG B 392 -15.16 -23.62 24.90
N PRO B 393 -16.29 -23.29 24.25
CA PRO B 393 -16.41 -23.65 22.84
C PRO B 393 -15.23 -23.16 21.99
N LEU B 394 -14.63 -24.07 21.23
CA LEU B 394 -13.52 -23.71 20.35
C LEU B 394 -14.00 -23.19 19.00
N GLY B 395 -15.27 -23.41 18.71
CA GLY B 395 -15.92 -22.87 17.51
C GLY B 395 -17.36 -22.50 17.83
N PRO B 396 -18.01 -21.73 16.94
CA PRO B 396 -19.35 -21.22 17.22
C PRO B 396 -20.43 -22.31 17.21
N ASP B 397 -20.15 -23.44 16.57
CA ASP B 397 -21.05 -24.58 16.57
C ASP B 397 -20.69 -25.63 17.64
N ASP B 398 -19.88 -25.27 18.61
CA ASP B 398 -19.51 -26.19 19.69
C ASP B 398 -20.06 -25.72 21.04
N GLY B 399 -20.03 -26.62 22.01
CA GLY B 399 -20.30 -26.27 23.40
C GLY B 399 -19.08 -26.54 24.27
N PRO B 400 -19.16 -26.19 25.57
CA PRO B 400 -18.07 -26.48 26.52
C PRO B 400 -17.84 -27.98 26.62
N GLN B 401 -16.62 -28.38 26.96
CA GLN B 401 -16.26 -29.80 26.94
C GLN B 401 -15.11 -30.15 27.89
N LEU B 402 -15.30 -31.25 28.62
CA LEU B 402 -14.27 -31.83 29.47
C LEU B 402 -13.69 -33.01 28.72
N VAL B 403 -12.37 -33.00 28.53
CA VAL B 403 -11.65 -34.07 27.85
C VAL B 403 -10.79 -34.78 28.89
N GLY B 404 -11.11 -36.05 29.12
CA GLY B 404 -10.45 -36.82 30.16
C GLY B 404 -11.13 -36.60 31.49
N ASN B 405 -10.70 -37.36 32.49
CA ASN B 405 -11.38 -37.42 33.76
C ASN B 405 -10.42 -37.07 34.90
N PRO B 406 -10.58 -35.87 35.49
CA PRO B 406 -9.66 -35.41 36.54
C PRO B 406 -9.80 -36.14 37.88
N ASN B 407 -10.92 -36.85 38.09
CA ASN B 407 -11.05 -37.73 39.27
C ASN B 407 -10.01 -38.85 39.25
N ARG B 408 -9.54 -39.20 38.04
CA ARG B 408 -8.54 -40.25 37.85
C ARG B 408 -7.19 -39.64 37.45
N TYR B 409 -6.79 -38.57 38.14
CA TYR B 409 -5.60 -37.78 37.77
C TYR B 409 -4.25 -38.53 37.88
N LEU B 410 -4.19 -39.65 38.60
CA LEU B 410 -2.95 -40.43 38.68
C LEU B 410 -2.75 -41.35 37.47
N GLU B 411 -3.83 -41.58 36.72
CA GLU B 411 -3.78 -42.26 35.43
C GLU B 411 -3.73 -41.18 34.37
N LYS B 412 -2.93 -41.41 33.34
CA LYS B 412 -2.73 -40.43 32.27
C LYS B 412 -4.04 -40.20 31.51
N GLN B 413 -4.43 -38.94 31.36
CA GLN B 413 -5.71 -38.62 30.74
C GLN B 413 -5.56 -38.17 29.30
N VAL B 414 -4.59 -37.28 29.06
CA VAL B 414 -4.38 -36.68 27.74
C VAL B 414 -2.90 -36.70 27.40
N LYS B 415 -2.54 -37.44 26.35
CA LYS B 415 -1.17 -37.57 25.91
C LYS B 415 -0.95 -36.59 24.76
N ALA B 416 -0.44 -35.41 25.09
CA ALA B 416 -0.30 -34.32 24.14
C ALA B 416 1.14 -33.80 24.06
N GLY B 417 2.11 -34.64 24.41
CA GLY B 417 3.52 -34.29 24.33
C GLY B 417 3.92 -33.25 25.35
N ASN B 418 4.68 -32.26 24.92
CA ASN B 418 5.23 -31.23 25.80
C ASN B 418 4.17 -30.18 26.08
N ARG B 419 3.37 -30.47 27.08
CA ARG B 419 2.14 -29.73 27.33
C ARG B 419 2.43 -28.26 27.56
N SER B 420 1.66 -27.39 26.91
CA SER B 420 1.70 -25.97 27.23
C SER B 420 1.04 -25.74 28.59
N GLY B 421 1.49 -24.71 29.30
CA GLY B 421 0.93 -24.37 30.62
C GLY B 421 1.51 -25.15 31.78
N HIS B 422 2.56 -25.91 31.52
CA HIS B 422 3.28 -26.67 32.55
C HIS B 422 4.53 -25.86 32.94
N ALA B 423 4.91 -25.92 34.21
CA ALA B 423 6.11 -25.22 34.71
C ALA B 423 7.40 -25.68 34.02
N PHE B 424 7.39 -26.90 33.48
CA PHE B 424 8.55 -27.48 32.80
C PHE B 424 8.51 -27.35 31.28
N THR B 425 7.48 -26.71 30.72
CA THR B 425 7.32 -26.64 29.26
C THR B 425 8.56 -26.05 28.62
N SER B 426 8.99 -24.88 29.09
CA SER B 426 10.18 -24.24 28.52
C SER B 426 11.45 -25.06 28.75
N LEU B 427 11.57 -25.67 29.92
CA LEU B 427 12.71 -26.55 30.20
C LEU B 427 12.77 -27.72 29.20
N PHE B 428 11.66 -28.45 29.06
CA PHE B 428 11.62 -29.62 28.18
C PHE B 428 11.85 -29.23 26.71
N ALA B 429 11.27 -28.10 26.30
CA ALA B 429 11.50 -27.53 24.98
C ALA B 429 12.99 -27.35 24.68
N LYS B 430 13.69 -26.65 25.56
CA LYS B 430 15.12 -26.33 25.38
C LYS B 430 16.04 -27.56 25.39
N VAL B 431 15.81 -28.45 26.37
CA VAL B 431 16.69 -29.60 26.55
C VAL B 431 16.55 -30.61 25.41
N TRP B 432 15.32 -30.92 25.01
CA TRP B 432 15.08 -31.98 24.03
C TRP B 432 15.60 -31.67 22.64
N LYS B 433 15.59 -30.39 22.25
CA LYS B 433 16.12 -29.98 20.94
C LYS B 433 17.65 -30.15 20.91
N VAL B 434 18.30 -29.86 22.02
CA VAL B 434 19.73 -30.13 22.17
C VAL B 434 20.06 -31.64 22.16
N ILE B 435 19.26 -32.44 22.86
CA ILE B 435 19.41 -33.90 22.86
C ILE B 435 19.36 -34.45 21.42
N ASP B 436 18.36 -33.99 20.66
CA ASP B 436 18.21 -34.39 19.26
C ASP B 436 19.43 -34.01 18.43
N THR B 437 19.89 -32.76 18.58
CA THR B 437 21.06 -32.31 17.80
C THR B 437 22.36 -33.02 18.20
N VAL B 438 22.49 -33.29 19.50
CA VAL B 438 23.65 -34.02 20.01
C VAL B 438 23.60 -35.48 19.58
N SER B 439 22.40 -36.07 19.56
CA SER B 439 22.21 -37.38 18.94
C SER B 439 22.67 -37.38 17.48
N LYS B 440 22.42 -36.28 16.77
CA LYS B 440 22.86 -36.14 15.38
C LYS B 440 24.39 -36.09 15.26
N PHE B 441 25.04 -35.31 16.13
CA PHE B 441 26.52 -35.35 16.25
C PHE B 441 27.05 -36.78 16.49
N ASP B 442 26.33 -37.57 17.29
CA ASP B 442 26.70 -38.97 17.55
C ASP B 442 26.55 -39.85 16.29
N GLN B 443 25.46 -39.62 15.55
CA GLN B 443 25.19 -40.34 14.29
C GLN B 443 26.23 -40.00 13.21
N MET B 444 26.76 -38.77 13.22
CA MET B 444 27.91 -38.39 12.39
C MET B 444 29.19 -39.13 12.78
N GLY B 445 29.21 -39.72 13.97
CA GLY B 445 30.32 -40.55 14.42
C GLY B 445 31.18 -39.96 15.52
N TYR B 446 30.78 -38.82 16.10
CA TYR B 446 31.47 -38.23 17.25
C TYR B 446 30.96 -38.83 18.57
N ASP B 447 31.87 -39.04 19.52
CA ASP B 447 31.50 -39.59 20.83
C ASP B 447 31.00 -38.43 21.68
N VAL B 448 29.68 -38.34 21.77
CA VAL B 448 29.03 -37.22 22.42
C VAL B 448 28.99 -37.41 23.94
N VAL B 449 29.01 -38.66 24.40
CA VAL B 449 29.00 -38.93 25.86
C VAL B 449 30.37 -38.52 26.41
N ALA B 450 31.43 -38.98 25.75
CA ALA B 450 32.80 -38.67 26.16
C ALA B 450 33.09 -37.17 26.15
N ASN B 451 32.55 -36.45 25.17
CA ASN B 451 32.80 -35.03 25.02
C ASN B 451 31.58 -34.16 25.33
N MET B 452 30.62 -34.68 26.10
CA MET B 452 29.35 -33.97 26.32
C MET B 452 29.57 -32.59 26.90
N ASP B 453 30.43 -32.47 27.91
CA ASP B 453 30.61 -31.19 28.61
C ASP B 453 31.18 -30.11 27.69
N ALA B 454 32.18 -30.46 26.88
CA ALA B 454 32.77 -29.51 25.93
C ALA B 454 31.87 -29.19 24.72
N ILE B 455 30.99 -30.11 24.34
CA ILE B 455 30.00 -29.81 23.29
C ILE B 455 29.07 -28.70 23.79
N LEU B 456 28.50 -28.92 24.97
CA LEU B 456 27.54 -28.00 25.58
C LEU B 456 28.15 -26.66 26.03
N LYS B 457 29.40 -26.67 26.48
CA LYS B 457 30.12 -25.42 26.86
C LYS B 457 30.66 -24.65 25.65
N GLY B 458 30.64 -25.29 24.48
CA GLY B 458 31.01 -24.64 23.23
C GLY B 458 32.48 -24.72 22.88
N ASP B 459 33.16 -25.79 23.31
CA ASP B 459 34.62 -25.94 23.13
C ASP B 459 35.02 -26.99 22.08
N MET B 460 34.05 -27.62 21.45
CA MET B 460 34.31 -28.59 20.38
C MET B 460 34.30 -27.88 19.02
N PRO B 461 34.69 -28.58 17.94
CA PRO B 461 34.63 -27.88 16.65
C PRO B 461 33.20 -27.73 16.11
N PHE B 462 32.20 -28.19 16.86
CA PHE B 462 30.80 -28.03 16.50
C PHE B 462 30.01 -27.78 17.76
N GLY B 463 28.77 -27.31 17.59
CA GLY B 463 27.89 -27.05 18.73
C GLY B 463 26.52 -26.60 18.27
N CYS B 464 25.65 -26.31 19.23
CA CYS B 464 24.36 -25.72 18.91
C CYS B 464 23.99 -24.60 19.88
N ILE B 465 23.37 -23.56 19.32
CA ILE B 465 22.78 -22.46 20.09
C ILE B 465 21.28 -22.68 20.07
N ASN B 466 20.68 -22.78 21.25
CA ASN B 466 19.29 -23.17 21.37
C ASN B 466 18.37 -22.06 21.91
N ASN B 467 17.19 -21.96 21.31
CA ASN B 467 16.01 -21.31 21.91
C ASN B 467 14.75 -22.15 21.67
N GLY B 468 14.69 -23.32 22.31
CA GLY B 468 13.52 -24.20 22.20
C GLY B 468 13.54 -24.90 20.87
N ASP B 469 12.45 -24.78 20.09
CA ASP B 469 12.39 -25.38 18.75
C ASP B 469 13.24 -24.62 17.73
N ASP B 470 13.69 -23.43 18.13
CA ASP B 470 14.61 -22.58 17.34
C ASP B 470 16.05 -22.93 17.71
N GLU B 471 16.88 -23.21 16.72
CA GLU B 471 18.27 -23.53 17.01
C GLU B 471 19.19 -23.15 15.86
N ILE B 472 20.45 -22.93 16.19
CA ILE B 472 21.52 -22.82 15.21
C ILE B 472 22.53 -23.92 15.51
N VAL B 473 22.87 -24.71 14.50
CA VAL B 473 23.86 -25.76 14.61
C VAL B 473 25.08 -25.34 13.81
N TRP B 474 26.22 -25.22 14.49
CA TRP B 474 27.40 -24.58 13.90
C TRP B 474 28.59 -25.52 13.78
N PHE B 475 29.42 -25.27 12.78
CA PHE B 475 30.56 -26.13 12.45
C PHE B 475 31.74 -25.28 12.03
N LYS B 476 32.90 -25.49 12.65
CA LYS B 476 34.15 -24.85 12.19
C LYS B 476 34.64 -25.53 10.92
N SER B 477 34.33 -26.82 10.78
CA SER B 477 34.78 -27.64 9.65
C SER B 477 33.67 -27.74 8.61
N GLU B 478 33.96 -27.34 7.38
CA GLU B 478 33.03 -27.55 6.28
C GLU B 478 32.74 -29.04 6.07
N ARG B 479 33.73 -29.89 6.32
CA ARG B 479 33.54 -31.32 6.14
C ARG B 479 32.53 -31.91 7.13
N ASP B 480 32.53 -31.41 8.37
CA ASP B 480 31.50 -31.79 9.35
C ASP B 480 30.11 -31.28 8.93
N TYR B 481 30.05 -30.01 8.54
CA TYR B 481 28.82 -29.39 8.04
C TYR B 481 28.15 -30.18 6.92
N ARG B 482 28.88 -30.57 5.89
CA ARG B 482 28.31 -31.32 4.75
C ARG B 482 27.87 -32.72 5.15
N LEU B 483 28.58 -33.33 6.11
CA LEU B 483 28.19 -34.64 6.66
C LEU B 483 26.89 -34.55 7.46
N PHE B 484 26.75 -33.46 8.21
CA PHE B 484 25.56 -33.20 8.98
C PHE B 484 24.35 -33.02 8.06
N LEU B 485 24.47 -32.17 7.04
CA LEU B 485 23.38 -31.99 6.07
C LEU B 485 23.02 -33.34 5.41
N ARG B 486 24.04 -34.10 4.98
CA ARG B 486 23.86 -35.47 4.47
C ARG B 486 23.04 -36.32 5.45
N LEU B 487 23.45 -36.30 6.71
CA LEU B 487 22.81 -37.06 7.76
C LEU B 487 21.30 -36.80 7.80
N LEU B 488 20.92 -35.53 7.79
CA LEU B 488 19.51 -35.14 7.86
C LEU B 488 18.73 -35.69 6.70
N GLU B 489 19.25 -35.44 5.50
CA GLU B 489 18.61 -35.86 4.27
C GLU B 489 18.37 -37.38 4.22
N THR B 490 19.25 -38.17 4.82
CA THR B 490 19.22 -39.63 4.68
C THR B 490 18.78 -40.37 5.95
N GLN B 491 18.41 -39.64 7.00
CA GLN B 491 18.14 -40.22 8.30
C GLN B 491 16.92 -41.14 8.25
N PRO B 492 17.09 -42.40 8.69
CA PRO B 492 15.92 -43.28 8.67
C PRO B 492 14.93 -42.92 9.79
N GLN B 493 13.73 -43.48 9.69
CA GLN B 493 12.65 -43.15 10.62
C GLN B 493 12.98 -43.52 12.07
N GLU B 494 13.69 -44.63 12.28
CA GLU B 494 14.03 -45.07 13.64
C GLU B 494 14.93 -44.09 14.41
N GLN B 495 15.64 -43.19 13.69
CA GLN B 495 16.52 -42.17 14.31
C GLN B 495 15.81 -40.82 14.52
N ARG B 496 14.64 -40.66 13.93
CA ARG B 496 13.95 -39.37 13.85
C ARG B 496 13.13 -39.11 15.13
N MET B 497 13.62 -38.20 15.97
CA MET B 497 12.94 -37.74 17.18
C MET B 497 11.90 -36.69 16.83
N PHE B 498 12.32 -35.69 16.09
CA PHE B 498 11.47 -34.59 15.72
C PHE B 498 11.55 -34.36 14.22
N LYS B 499 10.54 -33.68 13.68
CA LYS B 499 10.54 -33.39 12.25
C LYS B 499 11.26 -32.06 12.07
N VAL B 500 12.56 -32.13 11.79
CA VAL B 500 13.39 -30.95 11.59
C VAL B 500 13.74 -30.77 10.12
N GLY B 501 13.77 -29.52 9.68
CA GLY B 501 14.26 -29.15 8.36
C GLY B 501 14.94 -27.78 8.40
N PRO B 502 15.64 -27.41 7.31
CA PRO B 502 16.31 -26.10 7.27
C PRO B 502 15.28 -24.97 7.27
N GLU B 503 15.51 -23.93 8.04
CA GLU B 503 14.55 -22.84 8.09
C GLU B 503 14.77 -21.85 6.93
N GLU B 504 13.67 -21.50 6.25
CA GLU B 504 13.70 -20.44 5.23
C GLU B 504 14.22 -19.15 5.82
N GLY B 505 15.36 -18.68 5.31
CA GLY B 505 15.89 -17.38 5.69
C GLY B 505 16.73 -17.33 6.95
N ALA B 506 17.06 -18.51 7.50
CA ALA B 506 17.99 -18.61 8.62
C ALA B 506 17.58 -17.70 9.78
N VAL B 507 16.45 -18.01 10.40
CA VAL B 507 15.91 -17.17 11.46
C VAL B 507 16.26 -17.78 12.80
N PHE B 508 16.75 -16.95 13.72
CA PHE B 508 16.90 -17.36 15.11
C PHE B 508 16.42 -16.28 16.06
N SER B 509 15.57 -16.69 16.99
CA SER B 509 14.98 -15.79 17.97
C SER B 509 14.55 -14.46 17.33
N GLY B 510 13.82 -14.57 16.24
CA GLY B 510 13.13 -13.42 15.66
C GLY B 510 13.91 -12.64 14.65
N SER B 511 15.20 -12.98 14.48
CA SER B 511 16.08 -12.28 13.55
C SER B 511 16.57 -13.16 12.39
N VAL B 512 16.52 -12.60 11.20
CA VAL B 512 17.11 -13.19 10.00
C VAL B 512 18.61 -13.00 10.05
N TYR B 513 19.34 -14.08 9.80
CA TYR B 513 20.79 -14.02 9.75
C TYR B 513 21.23 -13.89 8.30
N GLN B 514 21.27 -12.63 7.86
CA GLN B 514 21.59 -12.30 6.49
C GLN B 514 23.02 -12.69 6.20
N LEU B 515 23.23 -13.38 5.08
CA LEU B 515 24.57 -13.74 4.64
C LEU B 515 25.14 -12.54 3.92
N ILE B 516 26.08 -11.85 4.55
CA ILE B 516 26.69 -10.64 3.98
C ILE B 516 28.14 -10.85 3.53
N GLY B 517 28.67 -12.05 3.72
CA GLY B 517 30.03 -12.40 3.28
C GLY B 517 30.25 -13.90 3.42
N PRO B 518 31.43 -14.38 3.00
CA PRO B 518 31.68 -15.81 3.17
C PRO B 518 31.71 -16.16 4.67
N LEU B 519 30.74 -16.96 5.09
CA LEU B 519 30.54 -17.27 6.51
C LEU B 519 30.52 -16.00 7.37
N LYS B 520 29.91 -14.94 6.85
CA LYS B 520 29.74 -13.71 7.61
C LYS B 520 28.26 -13.35 7.66
N TYR B 521 27.77 -13.11 8.88
CA TYR B 521 26.33 -13.02 9.13
C TYR B 521 25.96 -11.69 9.78
N GLN B 522 24.75 -11.24 9.54
CA GLN B 522 24.28 -9.95 10.02
C GLN B 522 22.84 -10.10 10.45
N ALA B 523 22.57 -9.93 11.75
CA ALA B 523 21.22 -10.13 12.26
C ALA B 523 20.36 -8.92 11.90
N VAL B 524 19.12 -9.18 11.49
CA VAL B 524 18.11 -8.11 11.40
C VAL B 524 16.76 -8.70 11.78
N GLU B 525 15.95 -7.92 12.51
CA GLU B 525 14.62 -8.40 12.88
C GLU B 525 13.85 -8.67 11.60
N ARG B 526 13.18 -9.82 11.53
CA ARG B 526 12.37 -10.11 10.36
C ARG B 526 11.62 -8.83 9.96
N ILE B 527 11.76 -8.44 8.70
CA ILE B 527 11.29 -7.16 8.17
C ILE B 527 9.75 -7.14 8.14
N THR B 528 9.15 -8.32 8.10
CA THR B 528 7.72 -8.49 8.28
C THR B 528 7.20 -8.20 9.71
N THR B 529 8.06 -8.30 10.73
CA THR B 529 7.59 -8.27 12.11
C THR B 529 6.98 -6.93 12.56
N PRO B 530 7.66 -5.79 12.31
CA PRO B 530 7.08 -4.51 12.74
C PRO B 530 5.66 -4.29 12.22
N PHE B 531 5.45 -4.64 10.96
CA PHE B 531 4.21 -4.35 10.28
C PHE B 531 3.13 -5.37 10.65
N GLN B 532 3.54 -6.62 10.87
CA GLN B 532 2.63 -7.61 11.45
C GLN B 532 2.16 -7.20 12.85
N ARG B 533 3.08 -6.71 13.69
CA ARG B 533 2.73 -6.36 15.08
C ARG B 533 1.88 -5.11 15.19
N ILE B 534 2.05 -4.18 14.26
CA ILE B 534 1.22 -2.97 14.22
C ILE B 534 -0.15 -3.24 13.56
N ILE B 535 -0.12 -3.75 12.33
CA ILE B 535 -1.30 -3.83 11.50
C ILE B 535 -2.17 -5.06 11.85
N CYS B 536 -1.53 -6.15 12.31
CA CYS B 536 -2.22 -7.42 12.55
C CYS B 536 -1.92 -7.95 13.95
N PRO B 537 -2.25 -7.18 14.98
CA PRO B 537 -1.89 -7.59 16.32
C PRO B 537 -2.76 -8.74 16.84
N GLU B 538 -2.18 -9.55 17.72
CA GLU B 538 -2.92 -10.54 18.48
C GLU B 538 -3.97 -9.89 19.39
N ARG B 539 -3.58 -8.83 20.10
CA ARG B 539 -4.50 -8.11 21.00
C ARG B 539 -4.70 -6.64 20.62
N SER B 540 -5.80 -6.09 21.12
CA SER B 540 -6.04 -4.65 21.03
C SER B 540 -5.02 -3.93 21.89
N ILE B 541 -4.69 -2.71 21.49
CA ILE B 541 -3.85 -1.83 22.30
C ILE B 541 -4.48 -1.66 23.67
N GLY B 542 -3.64 -1.34 24.67
CA GLY B 542 -4.10 -1.13 26.03
C GLY B 542 -4.48 -2.44 26.70
N GLY B 543 -5.58 -2.41 27.47
CA GLY B 543 -6.01 -3.59 28.21
C GLY B 543 -5.00 -3.97 29.28
N ASN B 544 -4.77 -5.27 29.44
CA ASN B 544 -3.84 -5.74 30.47
C ASN B 544 -2.60 -6.44 29.89
N PHE B 545 -2.62 -6.74 28.60
CA PHE B 545 -1.50 -7.38 27.91
C PHE B 545 -0.76 -6.44 26.95
N ARG B 546 -1.31 -5.27 26.68
CA ARG B 546 -0.67 -4.32 25.77
C ARG B 546 -0.65 -2.90 26.33
N LYS B 547 -0.32 -2.75 27.61
CA LYS B 547 -0.25 -1.43 28.25
C LYS B 547 0.85 -0.55 27.66
N PHE B 548 1.90 -1.18 27.15
CA PHE B 548 3.14 -0.50 26.79
C PHE B 548 3.41 -0.55 25.29
N TRP B 549 2.34 -0.66 24.51
CA TRP B 549 2.40 -0.81 23.05
C TRP B 549 3.21 0.22 22.23
N PRO B 550 3.28 1.50 22.66
CA PRO B 550 4.02 2.46 21.84
C PRO B 550 5.54 2.24 21.80
N LEU B 551 6.08 1.56 22.82
CA LEU B 551 7.53 1.41 22.99
C LEU B 551 8.16 0.59 21.86
N GLY B 552 7.55 -0.54 21.53
CA GLY B 552 8.04 -1.40 20.45
C GLY B 552 7.99 -0.73 19.09
N ILE B 553 6.93 0.03 18.87
CA ILE B 553 6.73 0.74 17.62
C ILE B 553 7.82 1.78 17.47
N LEU B 554 7.98 2.61 18.51
CA LEU B 554 8.97 3.69 18.47
C LEU B 554 10.41 3.16 18.36
N GLU B 555 10.70 2.07 19.06
CA GLU B 555 12.01 1.45 18.96
C GLU B 555 12.27 1.06 17.51
N ARG B 556 11.30 0.37 16.93
CA ARG B 556 11.38 -0.06 15.54
C ARG B 556 11.43 1.10 14.57
N TYR B 557 10.60 2.11 14.79
CA TYR B 557 10.54 3.21 13.85
C TYR B 557 11.86 3.98 13.82
N ASN B 558 12.47 4.13 15.00
CA ASN B 558 13.73 4.83 15.14
C ASN B 558 14.91 4.11 14.48
N LYS B 559 14.82 2.79 14.34
CA LYS B 559 15.89 2.02 13.71
C LYS B 559 15.55 1.62 12.26
N ARG B 560 14.73 2.41 11.58
CA ARG B 560 14.33 2.05 10.22
C ARG B 560 15.45 2.28 9.20
N ASN B 561 16.42 3.13 9.55
CA ASN B 561 17.56 3.43 8.69
C ASN B 561 18.66 2.37 8.81
N SER B 562 18.51 1.44 9.75
CA SER B 562 19.56 0.45 10.02
C SER B 562 19.72 -0.66 8.96
N HIS B 563 18.89 -0.67 7.93
CA HIS B 563 18.90 -1.74 6.91
C HIS B 563 18.16 -1.21 5.66
N PRO B 564 18.74 -1.39 4.46
CA PRO B 564 18.18 -0.75 3.28
C PRO B 564 16.79 -1.23 2.85
N VAL B 565 16.50 -2.51 2.99
CA VAL B 565 15.16 -3.02 2.68
C VAL B 565 14.15 -2.53 3.71
N LEU B 566 14.50 -2.65 4.99
CA LEU B 566 13.66 -2.16 6.08
C LEU B 566 13.26 -0.70 5.85
N GLU B 567 14.21 0.12 5.41
CA GLU B 567 13.93 1.53 5.13
C GLU B 567 12.90 1.71 4.03
N GLU B 568 13.09 1.01 2.92
CA GLU B 568 12.16 1.05 1.77
C GLU B 568 10.73 0.66 2.18
N VAL B 569 10.62 -0.40 2.96
CA VAL B 569 9.31 -0.87 3.41
C VAL B 569 8.66 0.12 4.37
N TRP B 570 9.43 0.68 5.30
CA TRP B 570 8.91 1.76 6.14
C TRP B 570 8.48 2.98 5.33
N ARG B 571 9.13 3.22 4.19
CA ARG B 571 8.76 4.35 3.34
C ARG B 571 7.38 4.12 2.74
N VAL B 572 7.22 2.93 2.15
CA VAL B 572 5.94 2.44 1.65
C VAL B 572 4.84 2.50 2.71
N PHE B 573 5.14 2.04 3.93
CA PHE B 573 4.19 2.16 5.03
C PHE B 573 3.73 3.61 5.24
N ASP B 574 4.70 4.52 5.39
CA ASP B 574 4.40 5.93 5.56
C ASP B 574 3.60 6.56 4.43
N ASP B 575 3.88 6.20 3.18
CA ASP B 575 3.14 6.78 2.06
C ASP B 575 1.70 6.30 2.01
N THR B 576 1.52 5.00 2.17
CA THR B 576 0.20 4.39 2.09
C THR B 576 -0.65 4.77 3.30
N TYR B 577 -0.04 4.81 4.48
CA TYR B 577 -0.72 5.35 5.66
C TYR B 577 -1.13 6.80 5.39
N ALA B 578 -0.21 7.59 4.84
CA ALA B 578 -0.48 9.00 4.60
C ALA B 578 -1.71 9.17 3.73
N THR B 579 -1.79 8.37 2.68
CA THR B 579 -2.86 8.47 1.70
C THR B 579 -4.16 7.83 2.18
N LEU B 580 -4.05 6.65 2.78
CA LEU B 580 -5.22 5.81 3.05
C LEU B 580 -5.73 5.84 4.50
N MET B 581 -4.87 6.20 5.45
CA MET B 581 -5.24 6.18 6.86
C MET B 581 -5.33 7.56 7.52
N GLU B 582 -4.33 8.41 7.28
CA GLU B 582 -4.21 9.70 7.98
C GLU B 582 -5.45 10.57 7.88
N PRO B 583 -6.05 10.71 6.67
CA PRO B 583 -7.20 11.63 6.56
C PRO B 583 -8.36 11.26 7.49
N HIS B 584 -8.45 9.97 7.83
CA HIS B 584 -9.49 9.45 8.73
C HIS B 584 -9.07 9.44 10.21
N TYR B 585 -7.80 9.16 10.50
CA TYR B 585 -7.38 8.81 11.86
C TYR B 585 -6.29 9.67 12.51
N GLY B 586 -5.68 10.59 11.75
CA GLY B 586 -4.54 11.35 12.22
C GLY B 586 -3.23 10.67 11.87
N SER B 587 -2.12 11.39 12.04
CA SER B 587 -0.80 10.86 11.68
C SER B 587 -0.43 9.66 12.52
N PHE B 588 0.24 8.69 11.88
CA PHE B 588 0.73 7.49 12.54
C PHE B 588 1.60 7.85 13.73
N LEU B 589 2.59 8.71 13.49
CA LEU B 589 3.60 8.98 14.50
C LEU B 589 2.96 9.75 15.65
N GLY B 590 2.05 10.68 15.31
CA GLY B 590 1.30 11.44 16.30
C GLY B 590 0.56 10.56 17.29
N ILE B 591 -0.15 9.56 16.77
CA ILE B 591 -0.92 8.62 17.59
C ILE B 591 0.01 7.88 18.56
N VAL B 592 1.12 7.37 18.03
CA VAL B 592 2.07 6.63 18.85
C VAL B 592 2.73 7.52 19.91
N GLN B 593 3.11 8.74 19.54
CA GLN B 593 3.78 9.68 20.47
C GLN B 593 2.85 10.14 21.60
N ARG B 594 1.58 10.39 21.29
CA ARG B 594 0.61 10.76 22.33
C ARG B 594 0.45 9.62 23.35
N ALA B 595 0.33 8.39 22.87
CA ALA B 595 0.16 7.23 23.76
C ALA B 595 1.43 6.99 24.57
N HIS B 596 2.58 7.13 23.92
CA HIS B 596 3.87 7.08 24.61
C HIS B 596 3.91 8.02 25.82
N LYS B 597 3.38 9.23 25.68
CA LYS B 597 3.34 10.20 26.78
C LYS B 597 2.58 9.70 28.00
N GLU B 598 1.58 8.84 27.78
CA GLU B 598 0.69 8.38 28.85
C GLU B 598 1.09 7.07 29.57
N ILE B 599 2.20 6.45 29.16
CA ILE B 599 2.70 5.24 29.85
C ILE B 599 3.92 5.57 30.71
N PRO B 600 4.15 4.78 31.79
CA PRO B 600 5.17 5.14 32.76
C PRO B 600 6.62 4.77 32.38
N PHE B 601 6.86 4.40 31.13
CA PHE B 601 8.20 4.09 30.61
C PHE B 601 8.51 4.92 29.35
N SER B 602 9.77 5.32 29.20
CA SER B 602 10.25 6.03 28.02
C SER B 602 11.11 5.12 27.18
N VAL B 603 10.88 5.12 25.87
CA VAL B 603 11.62 4.24 24.94
C VAL B 603 13.14 4.45 25.02
N ASP B 604 13.60 5.68 25.26
CA ASP B 604 15.04 5.95 25.35
C ASP B 604 15.69 5.25 26.53
N ASP B 605 14.99 5.18 27.67
CA ASP B 605 15.58 4.60 28.88
C ASP B 605 15.70 3.07 28.86
N LEU B 606 15.04 2.37 27.93
CA LEU B 606 14.96 0.91 27.99
C LEU B 606 15.85 0.18 26.97
N SER B 607 16.35 -0.98 27.36
CA SER B 607 17.08 -1.83 26.43
C SER B 607 16.08 -2.48 25.48
N TRP B 608 16.59 -3.03 24.39
CA TRP B 608 15.75 -3.84 23.53
C TRP B 608 15.14 -5.03 24.29
N LYS B 609 15.88 -5.58 25.25
CA LYS B 609 15.40 -6.75 26.02
C LYS B 609 14.22 -6.38 26.93
N GLU B 610 14.29 -5.21 27.54
CA GLU B 610 13.27 -4.75 28.46
C GLU B 610 11.95 -4.43 27.72
N ILE B 611 12.07 -3.91 26.50
CA ILE B 611 10.89 -3.66 25.64
C ILE B 611 10.19 -4.96 25.20
N MET B 612 10.97 -5.99 24.85
CA MET B 612 10.40 -7.31 24.54
C MET B 612 9.69 -7.88 25.76
N VAL B 613 10.26 -7.69 26.95
CA VAL B 613 9.63 -8.18 28.18
C VAL B 613 8.31 -7.44 28.44
N LEU B 614 8.31 -6.12 28.24
CA LEU B 614 7.07 -5.35 28.44
C LEU B 614 5.97 -5.73 27.43
N ASP B 615 6.34 -6.19 26.24
CA ASP B 615 5.37 -6.69 25.25
C ASP B 615 4.96 -8.15 25.51
N ASP B 616 5.83 -8.91 26.16
CA ASP B 616 5.62 -10.33 26.43
C ASP B 616 6.47 -10.76 27.63
N PRO B 617 5.95 -10.56 28.86
CA PRO B 617 6.72 -10.84 30.05
C PRO B 617 7.01 -12.33 30.27
N ASN B 618 6.26 -13.21 29.62
CA ASN B 618 6.56 -14.64 29.71
C ASN B 618 7.93 -15.03 29.13
N LYS B 619 8.60 -14.08 28.49
CA LYS B 619 9.99 -14.25 28.09
C LYS B 619 10.95 -14.25 29.28
N MET B 620 10.46 -13.82 30.45
CA MET B 620 11.20 -13.94 31.70
C MET B 620 11.34 -15.39 32.15
N TYR B 621 10.44 -16.24 31.68
CA TYR B 621 10.44 -17.69 31.96
C TYR B 621 11.40 -18.51 31.11
N HIS B 622 12.02 -17.90 30.10
CA HIS B 622 12.89 -18.66 29.19
C HIS B 622 13.96 -17.89 28.41
N ARG B 623 13.76 -16.59 28.18
CA ARG B 623 14.67 -15.84 27.30
C ARG B 623 15.67 -14.96 28.06
N PHE B 624 15.19 -14.27 29.08
CA PHE B 624 16.03 -13.33 29.80
C PHE B 624 16.04 -13.64 31.28
N THR B 625 17.19 -13.45 31.91
CA THR B 625 17.37 -13.67 33.34
C THR B 625 17.13 -12.38 34.13
N ASP B 626 17.04 -12.51 35.45
CA ASP B 626 16.83 -11.35 36.36
C ASP B 626 17.81 -10.18 36.13
N GLU B 627 19.04 -10.52 35.75
CA GLU B 627 20.12 -9.55 35.57
C GLU B 627 20.03 -8.69 34.30
N GLU B 628 19.41 -9.22 33.24
CA GLU B 628 19.31 -8.51 31.96
C GLU B 628 18.17 -7.49 31.89
N ILE B 629 17.26 -7.55 32.88
CA ILE B 629 16.05 -6.74 32.88
C ILE B 629 15.94 -6.05 34.22
N ARG B 630 15.93 -4.72 34.23
CA ARG B 630 15.81 -3.97 35.49
C ARG B 630 14.51 -4.32 36.20
N ASP B 631 14.51 -4.17 37.52
CA ASP B 631 13.40 -4.65 38.36
C ASP B 631 12.10 -3.90 38.11
N GLN B 632 12.20 -2.62 37.79
CA GLN B 632 11.03 -1.80 37.51
C GLN B 632 10.22 -2.39 36.35
N VAL B 633 10.92 -2.85 35.31
CA VAL B 633 10.32 -3.57 34.19
C VAL B 633 9.71 -4.92 34.64
N GLN B 634 10.45 -5.66 35.47
CA GLN B 634 9.97 -6.95 35.99
C GLN B 634 8.70 -6.81 36.86
N GLU B 635 8.67 -5.76 37.69
CA GLU B 635 7.58 -5.57 38.65
C GLU B 635 6.24 -5.24 37.99
N SER B 636 6.28 -4.83 36.72
CA SER B 636 5.06 -4.56 35.94
C SER B 636 4.24 -5.82 35.66
N ALA B 637 4.90 -6.98 35.60
CA ALA B 637 4.23 -8.24 35.27
C ALA B 637 4.28 -9.30 36.37
N PHE B 638 5.24 -9.17 37.29
CA PHE B 638 5.50 -10.23 38.27
C PHE B 638 5.76 -9.71 39.66
N ARG B 639 5.21 -10.39 40.65
CA ARG B 639 5.72 -10.34 42.00
C ARG B 639 6.79 -11.43 42.02
N LYS B 640 7.68 -11.40 43.00
CA LYS B 640 8.66 -12.47 43.16
C LYS B 640 8.66 -13.04 44.57
N LEU B 641 8.91 -14.34 44.70
CA LEU B 641 9.18 -14.97 45.99
C LEU B 641 10.64 -15.40 46.01
N GLN B 642 11.44 -14.79 46.87
CA GLN B 642 12.87 -15.10 46.98
C GLN B 642 13.10 -16.53 47.49
N PRO B 643 14.18 -17.19 47.03
CA PRO B 643 14.45 -18.60 47.34
C PRO B 643 14.58 -18.95 48.83
N ILE B 644 14.99 -17.98 49.64
CA ILE B 644 14.99 -18.12 51.09
C ILE B 644 13.73 -18.88 51.57
N PHE B 645 12.59 -18.53 51.00
CA PHE B 645 11.31 -19.06 51.46
C PHE B 645 11.02 -20.51 51.06
N PHE B 646 11.71 -21.05 50.05
CA PHE B 646 11.60 -22.49 49.72
C PHE B 646 12.91 -23.30 49.83
N GLU B 647 13.92 -22.68 50.44
CA GLU B 647 15.19 -23.37 50.73
C GLU B 647 15.01 -24.68 51.51
N ARG B 648 14.14 -24.67 52.53
CA ARG B 648 13.87 -25.87 53.32
C ARG B 648 13.28 -26.98 52.45
N MET B 649 12.51 -26.61 51.46
CA MET B 649 11.89 -27.56 50.54
C MET B 649 12.97 -28.18 49.68
N PHE B 650 13.89 -27.37 49.17
CA PHE B 650 15.05 -27.89 48.44
C PHE B 650 15.87 -28.83 49.34
N LYS B 651 16.16 -28.38 50.57
CA LYS B 651 17.01 -29.19 51.47
C LYS B 651 16.48 -30.60 51.59
N GLU B 652 15.18 -30.74 51.88
CA GLU B 652 14.56 -32.05 52.02
C GLU B 652 14.37 -32.74 50.67
N HIS B 653 13.95 -31.99 49.65
CA HIS B 653 13.49 -32.60 48.40
C HIS B 653 14.44 -32.61 47.20
N TYR B 654 15.59 -31.96 47.32
CA TYR B 654 16.56 -31.91 46.21
C TYR B 654 17.89 -32.59 46.55
N LYS B 655 18.35 -33.46 45.65
CA LYS B 655 19.57 -34.27 45.84
C LYS B 655 20.71 -33.94 44.83
N GLY B 656 20.52 -32.89 44.03
CA GLY B 656 21.55 -32.48 43.07
C GLY B 656 22.54 -31.51 43.69
N ASN B 657 23.23 -30.77 42.83
CA ASN B 657 24.28 -29.84 43.23
C ASN B 657 23.80 -28.39 43.08
N TYR B 658 23.97 -27.59 44.13
CA TYR B 658 23.69 -26.16 44.06
C TYR B 658 24.86 -25.46 43.38
N VAL B 659 24.55 -24.61 42.41
CA VAL B 659 25.55 -23.81 41.72
C VAL B 659 25.20 -22.33 41.96
N HIS C 10 40.07 58.79 -2.07
CA HIS C 10 40.89 57.54 -2.14
C HIS C 10 40.21 56.49 -3.02
N ALA C 11 41.01 55.54 -3.51
CA ALA C 11 40.51 54.39 -4.25
C ALA C 11 41.08 53.08 -3.68
N GLU C 12 41.32 53.06 -2.37
CA GLU C 12 41.71 51.85 -1.64
C GLU C 12 40.67 50.75 -1.84
N THR C 13 41.12 49.50 -1.99
CA THR C 13 40.22 48.39 -2.30
C THR C 13 39.89 47.45 -1.12
N ARG C 14 40.73 47.46 -0.08
CA ARG C 14 40.56 46.60 1.09
C ARG C 14 39.85 47.33 2.22
N ILE C 15 38.99 46.62 2.95
CA ILE C 15 38.42 47.17 4.18
C ILE C 15 39.48 47.19 5.29
N VAL C 16 40.30 46.13 5.35
CA VAL C 16 41.36 46.04 6.34
C VAL C 16 42.69 46.30 5.67
N THR C 17 43.21 47.51 5.89
CA THR C 17 44.44 47.97 5.24
C THR C 17 45.66 47.55 6.08
N ASP C 18 46.80 48.22 5.86
CA ASP C 18 48.03 47.96 6.59
C ASP C 18 48.14 48.74 7.90
N ALA C 19 47.20 49.65 8.18
CA ALA C 19 47.32 50.55 9.35
C ALA C 19 47.23 49.80 10.68
N PRO C 20 47.90 50.32 11.72
CA PRO C 20 47.81 49.71 13.05
C PRO C 20 46.37 49.61 13.54
N ARG C 21 45.98 48.44 14.02
CA ARG C 21 44.60 48.22 14.42
C ARG C 21 44.40 48.65 15.86
N ASN C 22 43.17 49.06 16.19
CA ASN C 22 42.88 49.65 17.50
C ASN C 22 43.69 50.92 17.86
N SER C 23 44.27 51.58 16.86
CA SER C 23 45.01 52.83 17.09
C SER C 23 44.11 54.05 17.18
N GLU C 24 42.85 53.92 16.78
CA GLU C 24 41.84 54.95 17.02
C GLU C 24 40.61 54.33 17.70
N SER C 25 39.65 55.17 18.08
CA SER C 25 38.39 54.70 18.66
C SER C 25 37.19 55.17 17.87
N VAL C 26 36.26 54.25 17.67
CA VAL C 26 34.98 54.55 17.02
C VAL C 26 34.23 55.72 17.68
N GLY C 27 34.42 55.91 18.98
CA GLY C 27 33.84 57.05 19.70
C GLY C 27 34.20 58.43 19.14
N ASP C 28 35.36 58.53 18.49
CA ASP C 28 35.78 59.80 17.89
C ASP C 28 35.36 59.93 16.42
N HIS C 29 34.68 58.90 15.89
CA HIS C 29 34.30 58.84 14.49
C HIS C 29 32.88 58.28 14.30
N LEU C 30 31.95 58.71 15.15
CA LEU C 30 30.55 58.33 15.02
C LEU C 30 29.96 58.96 13.76
N PHE C 31 29.02 58.24 13.15
CA PHE C 31 28.44 58.63 11.87
C PHE C 31 27.37 59.70 12.08
N ASN C 32 27.48 60.80 11.35
CA ASN C 32 26.56 61.93 11.50
C ASN C 32 25.40 61.97 10.48
N GLY C 33 25.21 60.87 9.74
CA GLY C 33 24.17 60.81 8.71
C GLY C 33 24.41 61.67 7.46
N GLY C 34 25.43 62.54 7.50
CA GLY C 34 25.67 63.48 6.42
C GLY C 34 26.82 63.09 5.52
N VAL C 35 27.94 62.67 6.13
CA VAL C 35 29.16 62.33 5.40
C VAL C 35 29.71 60.98 5.83
N ASN C 36 30.17 60.18 4.86
CA ASN C 36 30.86 58.94 5.17
C ASN C 36 32.34 59.21 5.46
N HIS C 37 32.68 59.26 6.74
CA HIS C 37 34.07 59.52 7.16
C HIS C 37 35.06 58.49 6.60
N HIS C 38 34.56 57.33 6.19
CA HIS C 38 35.42 56.33 5.55
C HIS C 38 35.82 56.72 4.13
N ASP C 39 35.06 57.61 3.48
CA ASP C 39 35.48 58.21 2.21
C ASP C 39 36.71 59.09 2.41
N GLU C 40 36.79 59.78 3.55
CA GLU C 40 37.90 60.68 3.84
C GLU C 40 39.16 59.91 4.21
N ASP C 41 39.01 58.91 5.10
CA ASP C 41 40.12 58.15 5.66
C ASP C 41 39.92 56.65 5.39
N PRO C 42 40.64 56.11 4.39
CA PRO C 42 40.51 54.69 4.03
C PRO C 42 41.04 53.68 5.05
N ASP C 43 41.78 54.16 6.06
CA ASP C 43 42.33 53.29 7.10
C ASP C 43 41.45 53.28 8.36
N ALA C 44 40.37 54.05 8.35
CA ALA C 44 39.61 54.31 9.57
C ALA C 44 39.08 53.02 10.17
N TYR C 45 38.38 52.22 9.37
CA TYR C 45 37.82 50.97 9.88
C TYR C 45 38.92 50.07 10.46
N THR C 46 40.03 49.98 9.74
CA THR C 46 41.21 49.23 10.19
C THR C 46 41.68 49.69 11.57
N LYS C 47 41.77 50.99 11.76
CA LYS C 47 42.31 51.57 12.99
C LYS C 47 41.33 51.47 14.16
N MET C 48 40.04 51.64 13.89
CA MET C 48 39.07 51.75 14.97
C MET C 48 38.67 50.40 15.55
N TYR C 49 38.89 49.31 14.81
CA TYR C 49 38.67 47.96 15.33
C TYR C 49 39.94 47.11 15.42
N GLY C 50 39.86 46.06 16.22
CA GLY C 50 41.03 45.28 16.60
C GLY C 50 41.38 44.22 15.58
N PRO C 51 42.48 43.48 15.83
CA PRO C 51 42.88 42.40 14.95
C PRO C 51 41.93 41.21 15.03
N LEU C 52 41.76 40.52 13.92
CA LEU C 52 40.95 39.31 13.89
C LEU C 52 41.77 38.14 14.41
N VAL C 53 41.11 37.17 15.04
CA VAL C 53 41.82 36.06 15.72
C VAL C 53 42.75 35.23 14.81
N GLY C 54 42.49 35.23 13.51
CA GLY C 54 43.30 34.44 12.57
C GLY C 54 42.52 33.22 12.12
N TYR C 55 42.56 32.93 10.82
CA TYR C 55 41.82 31.81 10.26
C TYR C 55 42.77 30.66 9.91
N ASP C 56 42.44 29.46 10.35
CA ASP C 56 43.19 28.25 10.01
C ASP C 56 42.24 27.32 9.26
N PRO C 57 42.48 27.13 7.94
CA PRO C 57 41.61 26.26 7.14
C PRO C 57 41.37 24.87 7.72
N ARG C 58 42.25 24.39 8.59
CA ARG C 58 42.11 23.08 9.23
C ARG C 58 41.20 23.08 10.45
N ASN C 59 40.74 24.26 10.85
CA ASN C 59 39.89 24.40 12.02
C ASN C 59 38.93 25.58 11.83
N PRO C 60 37.99 25.46 10.86
CA PRO C 60 37.08 26.57 10.57
C PRO C 60 36.16 26.99 11.72
N THR C 61 35.93 26.10 12.68
CA THR C 61 35.05 26.39 13.81
C THR C 61 35.51 27.58 14.65
N THR C 62 36.80 27.89 14.63
CA THR C 62 37.29 29.04 15.39
C THR C 62 36.72 30.37 14.87
N LEU C 63 36.17 30.37 13.65
CA LEU C 63 35.40 31.53 13.17
C LEU C 63 34.31 31.96 14.17
N PHE C 64 33.73 31.00 14.89
CA PHE C 64 32.67 31.28 15.87
C PHE C 64 33.13 31.32 17.33
N ALA C 65 34.39 30.93 17.60
CA ALA C 65 34.86 30.70 18.97
C ALA C 65 34.85 31.90 19.92
N ASN C 66 34.76 33.12 19.39
CA ASN C 66 34.65 34.30 20.25
C ASN C 66 33.19 34.64 20.58
N ALA C 67 32.27 33.80 20.10
CA ALA C 67 30.83 34.05 20.27
C ALA C 67 30.46 34.05 21.75
N ARG C 68 29.25 34.49 22.07
CA ARG C 68 28.83 34.60 23.46
C ARG C 68 28.63 33.20 24.06
N GLN C 69 27.86 32.38 23.36
CA GLN C 69 27.64 30.99 23.75
C GLN C 69 28.69 30.16 23.04
N THR C 70 29.37 29.29 23.80
CA THR C 70 30.61 28.67 23.37
C THR C 70 30.48 27.15 23.25
N GLY C 71 31.42 26.55 22.54
CA GLY C 71 31.67 25.11 22.54
C GLY C 71 30.45 24.21 22.54
N THR C 72 30.06 23.76 23.73
CA THR C 72 29.08 22.70 23.86
C THR C 72 27.74 23.13 24.46
N GLN C 73 27.52 24.43 24.67
CA GLN C 73 26.22 24.88 25.19
C GLN C 73 25.17 24.64 24.12
N LEU C 74 24.01 24.13 24.54
CA LEU C 74 22.98 23.73 23.61
C LEU C 74 22.39 24.94 22.89
N VAL C 75 22.03 24.73 21.63
CA VAL C 75 21.33 25.76 20.87
C VAL C 75 19.97 26.08 21.50
N ALA C 76 19.31 25.05 22.04
CA ALA C 76 18.04 25.20 22.75
C ALA C 76 18.08 24.56 24.14
N PRO C 77 18.63 25.29 25.13
CA PRO C 77 18.70 24.76 26.49
C PRO C 77 17.32 24.72 27.12
N ARG C 78 17.12 23.78 28.03
CA ARG C 78 15.88 23.70 28.80
C ARG C 78 15.95 24.71 29.95
N LYS C 79 15.08 25.71 29.91
CA LYS C 79 15.07 26.76 30.94
C LYS C 79 13.74 27.50 30.98
N ALA C 80 13.12 27.47 32.17
CA ALA C 80 11.83 28.09 32.39
C ALA C 80 11.84 29.54 31.90
N ARG C 81 10.73 29.95 31.30
CA ARG C 81 10.59 31.32 30.87
C ARG C 81 9.85 32.08 31.95
N GLU C 82 10.18 33.36 32.07
CA GLU C 82 9.36 34.28 32.86
C GLU C 82 8.26 34.76 31.94
N ILE C 83 7.06 34.24 32.14
CA ILE C 83 5.93 34.54 31.25
C ILE C 83 5.29 35.87 31.61
N LEU C 84 5.22 36.15 32.92
CA LEU C 84 4.81 37.46 33.45
C LEU C 84 5.70 37.75 34.65
N THR C 85 5.78 39.01 35.07
CA THR C 85 6.68 39.40 36.16
C THR C 85 6.46 38.51 37.40
N GLY C 86 7.53 37.81 37.81
CA GLY C 86 7.48 36.93 38.97
C GLY C 86 6.86 35.56 38.74
N ILE C 87 6.52 35.22 37.49
CA ILE C 87 5.86 33.95 37.16
C ILE C 87 6.71 33.19 36.17
N TYR C 88 7.09 31.96 36.54
CA TYR C 88 7.97 31.12 35.72
C TYR C 88 7.31 29.79 35.31
N SER C 89 7.64 29.37 34.10
CA SER C 89 6.86 28.37 33.37
C SER C 89 6.95 26.93 33.87
N PHE C 90 7.97 26.60 34.67
CA PHE C 90 8.13 25.24 35.22
C PHE C 90 7.45 25.06 36.59
N GLU C 91 6.77 26.10 37.08
CA GLU C 91 6.10 26.05 38.39
C GLU C 91 4.79 25.26 38.32
N PRO C 92 4.59 24.32 39.26
CA PRO C 92 3.35 23.56 39.40
C PRO C 92 2.06 24.39 39.36
N THR C 93 2.09 25.58 39.96
CA THR C 93 0.91 26.44 40.00
C THR C 93 0.53 26.93 38.59
N VAL C 94 1.53 27.27 37.80
CA VAL C 94 1.31 27.71 36.42
C VAL C 94 0.75 26.55 35.57
N LEU C 95 1.36 25.38 35.71
CA LEU C 95 0.91 24.17 35.00
C LEU C 95 -0.52 23.79 35.39
N ALA C 96 -0.88 23.99 36.65
CA ALA C 96 -2.26 23.78 37.10
C ALA C 96 -3.22 24.76 36.44
N PHE C 97 -2.85 26.03 36.39
CA PHE C 97 -3.64 27.07 35.74
C PHE C 97 -3.87 26.72 34.26
N GLN C 98 -2.81 26.32 33.56
CA GLN C 98 -2.90 25.95 32.15
C GLN C 98 -3.90 24.84 31.91
N ARG C 99 -3.87 23.80 32.74
CA ARG C 99 -4.83 22.70 32.66
C ARG C 99 -6.24 23.20 32.71
N GLU C 100 -6.51 23.97 33.75
CA GLU C 100 -7.86 24.41 34.07
C GLU C 100 -8.37 25.44 33.10
N PHE C 101 -7.50 26.37 32.70
CA PHE C 101 -7.86 27.33 31.67
C PHE C 101 -8.20 26.63 30.36
N VAL C 102 -7.34 25.73 29.91
CA VAL C 102 -7.58 25.05 28.64
C VAL C 102 -8.88 24.26 28.70
N LYS C 103 -9.12 23.58 29.81
CA LYS C 103 -10.38 22.86 30.03
C LYS C 103 -11.60 23.78 29.93
N ARG C 104 -11.54 24.92 30.59
CA ARG C 104 -12.67 25.85 30.62
C ARG C 104 -12.85 26.50 29.25
N ALA C 105 -11.74 26.82 28.59
CA ALA C 105 -11.79 27.43 27.26
C ALA C 105 -12.43 26.49 26.23
N ASN C 106 -11.97 25.24 26.20
CA ASN C 106 -12.52 24.22 25.28
C ASN C 106 -14.01 24.02 25.48
N ALA C 107 -14.47 24.21 26.72
CA ALA C 107 -15.88 24.07 27.07
C ALA C 107 -16.74 25.23 26.55
N VAL C 108 -16.24 26.45 26.65
CA VAL C 108 -17.02 27.61 26.21
C VAL C 108 -17.01 27.76 24.68
N ALA C 109 -15.95 27.29 24.02
CA ALA C 109 -15.81 27.46 22.57
C ALA C 109 -15.12 26.28 21.87
N GLN C 110 -15.73 25.81 20.78
CA GLN C 110 -15.13 24.79 19.92
C GLN C 110 -15.07 25.31 18.48
N PRO C 111 -14.09 24.85 17.70
CA PRO C 111 -13.99 25.33 16.33
C PRO C 111 -15.11 24.81 15.43
N ASP C 112 -15.59 25.69 14.56
CA ASP C 112 -16.70 25.39 13.66
C ASP C 112 -16.23 25.63 12.23
N LEU C 113 -15.77 24.55 11.60
CA LEU C 113 -15.19 24.63 10.27
C LEU C 113 -16.06 23.92 9.25
N ASN C 114 -16.26 24.52 8.08
CA ASN C 114 -16.96 23.86 6.97
C ASN C 114 -15.99 23.04 6.09
N SER C 115 -16.53 22.33 5.11
CA SER C 115 -15.73 21.43 4.26
C SER C 115 -14.66 22.16 3.44
N ASP C 116 -14.88 23.44 3.13
CA ASP C 116 -13.89 24.25 2.43
C ASP C 116 -12.76 24.73 3.36
N GLY C 117 -12.93 24.52 4.66
CA GLY C 117 -11.91 24.84 5.65
C GLY C 117 -12.16 26.12 6.43
N PHE C 118 -13.22 26.84 6.09
CA PHE C 118 -13.50 28.13 6.71
C PHE C 118 -14.15 27.97 8.06
N SER C 119 -13.73 28.80 9.01
CA SER C 119 -14.39 28.87 10.31
C SER C 119 -15.68 29.67 10.22
N LEU C 120 -16.75 29.13 10.82
CA LEU C 120 -18.06 29.79 10.83
C LEU C 120 -18.26 30.62 12.10
N ASN C 121 -17.56 30.27 13.17
CA ASN C 121 -17.62 31.02 14.42
C ASN C 121 -16.37 31.84 14.76
N GLY C 122 -15.30 31.67 13.98
CA GLY C 122 -14.04 32.39 14.19
C GLY C 122 -12.94 31.60 14.87
N LEU C 123 -13.30 30.48 15.49
CA LEU C 123 -12.34 29.58 16.11
C LEU C 123 -11.97 28.51 15.08
N HIS C 124 -10.66 28.27 14.93
CA HIS C 124 -10.11 27.41 13.87
C HIS C 124 -9.44 26.15 14.40
N THR C 125 -9.20 26.11 15.71
CA THR C 125 -8.58 24.97 16.36
C THR C 125 -9.10 24.92 17.79
N THR C 126 -8.73 23.88 18.54
CA THR C 126 -9.06 23.81 19.96
C THR C 126 -7.99 24.60 20.73
N PHE C 127 -8.08 24.60 22.05
CA PHE C 127 -7.14 25.33 22.90
C PHE C 127 -6.04 24.44 23.49
N ASP C 128 -6.01 23.16 23.10
CA ASP C 128 -5.09 22.17 23.72
C ASP C 128 -3.62 22.56 23.68
N SER C 129 -3.21 23.26 22.61
CA SER C 129 -1.82 23.63 22.42
C SER C 129 -1.28 24.56 23.53
N ILE C 130 -2.19 25.18 24.28
CA ILE C 130 -1.81 26.04 25.39
C ILE C 130 -1.36 25.22 26.62
N ARG C 131 -1.58 23.90 26.61
CA ARG C 131 -0.88 23.01 27.55
C ARG C 131 0.50 22.70 26.99
N SER C 132 1.28 23.76 26.78
CA SER C 132 2.67 23.66 26.38
C SER C 132 3.51 24.36 27.44
N VAL C 133 4.68 23.80 27.71
CA VAL C 133 5.61 24.32 28.71
C VAL C 133 6.69 25.12 28.02
N SER C 134 6.57 26.44 28.10
CA SER C 134 7.57 27.31 27.52
C SER C 134 8.93 27.05 28.15
N GLY C 135 9.98 27.11 27.33
CA GLY C 135 11.35 26.88 27.78
C GLY C 135 11.73 25.41 27.94
N TYR C 136 10.79 24.51 27.67
CA TYR C 136 11.00 23.07 27.71
C TYR C 136 10.98 22.58 26.26
N PRO C 137 12.15 22.46 25.62
CA PRO C 137 12.21 22.14 24.21
C PRO C 137 11.95 20.67 23.89
N GLN C 138 11.34 20.43 22.74
CA GLN C 138 11.44 19.14 22.08
C GLN C 138 12.90 18.97 21.64
N TRP C 139 13.51 17.85 22.02
CA TRP C 139 14.90 17.55 21.68
C TRP C 139 14.96 16.23 20.91
N PRO C 140 15.99 16.07 20.03
CA PRO C 140 16.91 17.12 19.59
C PRO C 140 16.20 18.09 18.65
N VAL C 141 16.76 19.30 18.50
CA VAL C 141 16.35 20.19 17.43
C VAL C 141 16.78 19.53 16.12
N SER C 142 15.87 19.49 15.14
CA SER C 142 16.15 18.83 13.87
C SER C 142 17.27 19.56 13.13
N ALA C 143 18.25 18.78 12.66
CA ALA C 143 19.40 19.32 11.94
C ALA C 143 19.04 19.55 10.48
N LEU C 144 19.91 20.26 9.76
CA LEU C 144 19.70 20.50 8.33
C LEU C 144 20.59 19.54 7.54
N PRO C 145 19.99 18.60 6.79
CA PRO C 145 20.81 17.71 5.99
C PRO C 145 21.50 18.43 4.83
N LYS C 146 22.51 17.79 4.26
CA LYS C 146 23.30 18.37 3.19
C LYS C 146 22.52 18.41 1.86
N SER C 147 21.43 17.63 1.78
CA SER C 147 20.54 17.68 0.63
C SER C 147 19.07 17.58 1.03
N ASN C 148 18.24 18.40 0.40
CA ASN C 148 16.79 18.38 0.65
C ASN C 148 16.03 17.45 -0.32
N VAL C 149 16.75 16.67 -1.12
CA VAL C 149 16.13 15.89 -2.21
C VAL C 149 15.25 14.72 -1.68
N GLY C 150 15.62 14.16 -0.53
CA GLY C 150 14.75 13.22 0.19
C GLY C 150 13.43 13.86 0.60
N LEU C 151 13.45 15.14 0.99
CA LEU C 151 12.22 15.88 1.31
C LEU C 151 11.37 16.13 0.06
N LEU C 152 12.03 16.46 -1.06
CA LEU C 152 11.32 16.68 -2.32
C LEU C 152 10.57 15.42 -2.75
N ARG C 153 11.21 14.27 -2.57
CA ARG C 153 10.58 12.96 -2.78
C ARG C 153 9.42 12.72 -1.82
N ASP C 154 9.68 12.87 -0.53
CA ASP C 154 8.68 12.68 0.55
CA ASP C 154 8.66 12.62 0.49
C ASP C 154 7.41 13.50 0.31
N LEU C 155 7.60 14.71 -0.20
CA LEU C 155 6.52 15.64 -0.53
C LEU C 155 5.93 15.45 -1.94
N LYS C 156 6.51 14.54 -2.73
CA LYS C 156 5.98 14.19 -4.05
C LYS C 156 5.94 15.40 -4.99
N LEU C 157 6.99 16.21 -4.93
CA LEU C 157 7.11 17.38 -5.79
C LEU C 157 7.80 17.00 -7.09
N GLN C 158 7.72 17.88 -8.08
CA GLN C 158 8.39 17.67 -9.36
C GLN C 158 9.89 17.49 -9.16
N GLU C 159 10.52 16.76 -10.07
CA GLU C 159 11.98 16.65 -10.09
C GLU C 159 12.63 17.85 -10.77
N ARG C 160 11.87 18.50 -11.66
CA ARG C 160 12.31 19.70 -12.35
C ARG C 160 11.09 20.51 -12.75
N MET C 161 11.28 21.79 -13.03
CA MET C 161 10.18 22.61 -13.50
C MET C 161 9.84 22.29 -14.95
N THR C 162 8.57 22.52 -15.32
CA THR C 162 8.14 22.35 -16.70
C THR C 162 8.68 23.54 -17.48
N ALA C 163 8.76 23.42 -18.80
CA ALA C 163 9.29 24.49 -19.65
C ALA C 163 8.49 25.79 -19.49
N ARG C 164 7.16 25.66 -19.34
CA ARG C 164 6.27 26.82 -19.23
C ARG C 164 6.41 27.50 -17.88
N GLN C 165 6.60 26.72 -16.82
CA GLN C 165 6.88 27.27 -15.49
C GLN C 165 8.18 28.07 -15.46
N VAL C 166 9.16 27.64 -16.25
CA VAL C 166 10.44 28.35 -16.36
C VAL C 166 10.25 29.69 -17.06
N VAL C 167 9.48 29.69 -18.15
CA VAL C 167 9.15 30.93 -18.87
C VAL C 167 8.37 31.90 -17.98
N ILE C 168 7.42 31.37 -17.21
CA ILE C 168 6.66 32.14 -16.23
C ILE C 168 7.56 32.72 -15.12
N ALA C 169 8.48 31.88 -14.63
CA ALA C 169 9.36 32.25 -13.53
C ALA C 169 10.40 33.28 -13.99
N ARG C 170 10.86 33.13 -15.22
CA ARG C 170 11.72 34.14 -15.85
C ARG C 170 10.98 35.46 -15.98
N GLU C 171 9.72 35.39 -16.40
CA GLU C 171 8.93 36.60 -16.61
C GLU C 171 8.67 37.36 -15.31
N ILE C 172 8.36 36.62 -14.25
CA ILE C 172 8.11 37.25 -12.94
C ILE C 172 9.41 37.81 -12.34
N TRP C 173 10.49 37.04 -12.34
CA TRP C 173 11.77 37.55 -11.83
C TRP C 173 12.32 38.73 -12.63
N LYS C 174 11.97 38.81 -13.91
CA LYS C 174 12.33 39.96 -14.74
C LYS C 174 11.80 41.24 -14.11
N ARG C 175 10.55 41.20 -13.68
CA ARG C 175 9.87 42.35 -13.09
C ARG C 175 10.32 42.66 -11.66
N VAL C 176 10.72 41.62 -10.91
CA VAL C 176 11.21 41.80 -9.54
C VAL C 176 12.62 42.41 -9.57
N TRP C 177 13.61 41.64 -10.05
CA TRP C 177 15.00 42.12 -10.14
C TRP C 177 15.09 43.42 -10.95
N GLY C 178 14.26 43.56 -11.98
CA GLY C 178 14.38 44.67 -12.93
C GLY C 178 13.93 46.04 -12.46
N HIS C 179 13.42 46.11 -11.23
CA HIS C 179 12.98 47.37 -10.64
C HIS C 179 13.52 47.52 -9.23
N MET C 180 14.00 48.72 -8.92
CA MET C 180 14.61 49.01 -7.65
C MET C 180 14.08 50.32 -7.12
N LYS C 181 13.60 50.31 -5.88
CA LYS C 181 13.29 51.52 -5.15
C LYS C 181 14.35 51.67 -4.05
N PRO C 182 15.40 52.48 -4.30
CA PRO C 182 16.45 52.72 -3.32
C PRO C 182 15.89 52.97 -1.92
N THR C 183 16.36 52.18 -0.96
CA THR C 183 15.83 52.22 0.40
C THR C 183 16.91 51.91 1.42
N ALA C 184 16.92 52.63 2.53
CA ALA C 184 17.90 52.43 3.59
C ALA C 184 18.11 50.94 3.95
N ILE C 185 19.38 50.54 4.05
CA ILE C 185 19.74 49.24 4.62
C ILE C 185 19.41 49.32 6.10
N LYS C 186 18.77 48.28 6.63
CA LYS C 186 18.52 48.19 8.06
C LYS C 186 19.63 47.38 8.73
N ILE C 187 20.15 47.91 9.83
CA ILE C 187 21.22 47.28 10.59
C ILE C 187 20.65 46.86 11.95
N PRO C 188 20.45 45.55 12.19
CA PRO C 188 19.85 45.10 13.45
C PRO C 188 20.68 45.35 14.71
N LYS C 189 20.05 45.93 15.72
CA LYS C 189 20.72 46.23 16.98
C LYS C 189 20.92 44.98 17.85
N MET C 190 19.94 44.08 17.85
CA MET C 190 19.84 43.06 18.89
C MET C 190 20.50 41.74 18.51
N SER C 191 20.79 41.53 17.22
CA SER C 191 21.30 40.24 16.77
C SER C 191 22.80 40.26 16.53
N THR C 192 23.38 39.05 16.47
CA THR C 192 24.82 38.89 16.31
C THR C 192 25.27 39.37 14.92
N SER C 193 26.53 39.83 14.85
CA SER C 193 27.15 40.07 13.57
C SER C 193 27.53 38.74 12.92
N GLY C 194 27.66 37.69 13.73
CA GLY C 194 28.13 36.41 13.24
C GLY C 194 29.62 36.55 12.98
N PRO C 195 30.22 35.55 12.32
CA PRO C 195 31.68 35.59 12.23
C PRO C 195 32.20 36.63 11.24
N PRO C 196 33.42 37.14 11.47
CA PRO C 196 34.38 36.72 12.49
C PRO C 196 34.19 37.32 13.91
N ARG C 197 33.57 38.48 14.02
CA ARG C 197 33.52 39.21 15.30
C ARG C 197 32.49 38.68 16.32
N ASN C 198 31.35 38.21 15.84
CA ASN C 198 30.35 37.58 16.71
C ASN C 198 29.95 38.44 17.92
N VAL C 199 29.68 39.71 17.66
CA VAL C 199 29.20 40.64 18.68
C VAL C 199 27.87 41.22 18.22
N ASN C 200 27.01 41.53 19.19
CA ASN C 200 25.75 42.21 18.93
C ASN C 200 26.00 43.72 18.90
N ASP C 201 26.75 44.19 17.90
CA ASP C 201 27.26 45.57 17.86
C ASP C 201 26.90 46.28 16.55
N ALA C 202 25.83 47.07 16.58
CA ALA C 202 25.33 47.76 15.40
C ALA C 202 26.27 48.88 14.97
N GLU C 203 26.90 49.56 15.91
CA GLU C 203 27.94 50.54 15.57
C GLU C 203 28.98 49.93 14.63
N MET C 204 29.55 48.79 15.02
CA MET C 204 30.54 48.06 14.18
C MET C 204 29.93 47.65 12.87
N LYS C 205 28.70 47.13 12.89
CA LYS C 205 28.01 46.77 11.66
C LYS C 205 27.94 47.96 10.70
N LEU C 206 27.58 49.13 11.24
CA LEU C 206 27.44 50.36 10.46
C LEU C 206 28.77 50.89 9.91
N GLN C 207 29.80 50.93 10.75
CA GLN C 207 31.12 51.38 10.32
C GLN C 207 31.64 50.42 9.24
N TYR C 208 31.30 49.13 9.35
CA TYR C 208 31.68 48.17 8.31
C TYR C 208 30.95 48.45 7.00
N ALA C 209 29.66 48.75 7.08
CA ALA C 209 28.91 49.13 5.88
C ALA C 209 29.54 50.38 5.25
N LEU C 210 29.82 51.40 6.07
CA LEU C 210 30.43 52.64 5.58
C LEU C 210 31.77 52.37 4.84
N ALA C 211 32.62 51.54 5.43
CA ALA C 211 33.89 51.18 4.79
C ALA C 211 33.67 50.49 3.45
N LEU C 212 32.73 49.55 3.44
CA LEU C 212 32.41 48.72 2.27
C LEU C 212 31.97 49.57 1.09
N PHE C 213 31.17 50.61 1.37
CA PHE C 213 30.56 51.43 0.32
C PHE C 213 31.36 52.70 0.01
N SER C 214 32.53 52.84 0.62
CA SER C 214 33.42 53.97 0.35
C SER C 214 34.56 53.52 -0.57
N GLY C 215 35.04 54.45 -1.39
CA GLY C 215 36.18 54.18 -2.29
C GLY C 215 35.90 53.00 -3.19
N ASN C 216 36.91 52.17 -3.42
CA ASN C 216 36.77 50.99 -4.28
C ASN C 216 36.64 49.68 -3.49
N ARG C 217 36.02 49.73 -2.31
CA ARG C 217 35.94 48.57 -1.44
C ARG C 217 34.91 47.51 -1.89
N TYR C 218 33.80 47.93 -2.48
CA TYR C 218 32.80 46.95 -2.92
C TYR C 218 33.34 46.08 -4.06
N ASN C 219 33.99 46.70 -5.06
CA ASN C 219 34.66 45.95 -6.11
C ASN C 219 35.80 45.09 -5.56
N GLY C 220 36.58 45.64 -4.64
CA GLY C 220 37.65 44.86 -4.00
C GLY C 220 37.11 43.68 -3.22
N TYR C 221 36.00 43.91 -2.52
CA TYR C 221 35.30 42.85 -1.80
C TYR C 221 34.94 41.70 -2.72
N LEU C 222 34.37 42.03 -3.88
CA LEU C 222 33.94 41.03 -4.87
C LEU C 222 35.11 40.28 -5.50
N ASP C 223 36.20 41.00 -5.75
CA ASP C 223 37.40 40.39 -6.32
C ASP C 223 37.96 39.35 -5.37
N ALA C 224 38.03 39.68 -4.08
CA ALA C 224 38.53 38.72 -3.10
C ALA C 224 37.58 37.53 -3.03
N PHE C 225 36.27 37.82 -3.04
CA PHE C 225 35.28 36.76 -2.96
C PHE C 225 35.41 35.79 -4.12
N LYS C 226 35.38 36.31 -5.35
CA LYS C 226 35.39 35.47 -6.55
C LYS C 226 36.71 34.74 -6.75
N SER C 227 37.75 35.22 -6.08
CA SER C 227 39.06 34.58 -6.14
C SER C 227 39.05 33.18 -5.55
N GLY C 228 38.17 32.94 -4.57
CA GLY C 228 38.08 31.64 -3.91
C GLY C 228 39.02 31.51 -2.73
N ASP C 229 39.74 32.59 -2.43
CA ASP C 229 40.76 32.60 -1.39
C ASP C 229 40.13 33.06 -0.07
N LEU C 230 39.70 32.10 0.74
CA LEU C 230 39.03 32.42 2.00
C LEU C 230 39.95 33.18 2.96
N SER C 231 41.24 32.85 3.00
CA SER C 231 42.16 33.58 3.86
C SER C 231 42.24 35.07 3.47
N ARG C 232 42.32 35.33 2.17
CA ARG C 232 42.26 36.70 1.64
C ARG C 232 40.94 37.41 1.99
N PHE C 233 39.82 36.79 1.61
CA PHE C 233 38.50 37.35 1.83
C PHE C 233 38.28 37.66 3.32
N TYR C 234 38.76 36.75 4.18
CA TYR C 234 38.77 36.91 5.63
C TYR C 234 39.68 38.04 6.10
N ARG C 235 40.91 38.05 5.60
CA ARG C 235 41.92 38.98 6.07
C ARG C 235 41.62 40.43 5.69
N ASP C 236 41.19 40.66 4.45
CA ASP C 236 41.08 42.03 3.93
C ASP C 236 39.67 42.61 4.03
N TYR C 237 38.68 41.75 4.24
CA TYR C 237 37.29 42.19 4.33
C TYR C 237 36.52 41.62 5.53
N GLU C 238 37.20 40.94 6.43
CA GLU C 238 36.57 40.33 7.61
C GLU C 238 35.32 39.52 7.23
N ALA C 239 35.41 38.77 6.13
CA ALA C 239 34.25 38.05 5.61
C ALA C 239 34.57 36.57 5.42
N ALA C 240 33.61 35.72 5.74
CA ALA C 240 33.72 34.29 5.47
C ALA C 240 32.32 33.77 5.12
N VAL C 241 32.20 32.98 4.05
CA VAL C 241 30.89 32.46 3.65
C VAL C 241 30.54 31.24 4.48
N ILE C 242 29.76 31.46 5.53
CA ILE C 242 29.40 30.40 6.46
C ILE C 242 28.19 30.79 7.31
N MET C 243 27.27 29.87 7.50
CA MET C 243 26.09 30.10 8.32
C MET C 243 26.32 29.65 9.78
N GLY C 244 25.87 30.49 10.71
CA GLY C 244 25.67 30.06 12.10
C GLY C 244 24.28 29.48 12.25
N THR C 245 23.93 29.03 13.46
CA THR C 245 22.63 28.40 13.72
CA THR C 245 22.65 28.38 13.72
C THR C 245 21.98 28.93 14.99
N ASN C 246 20.67 29.16 14.91
CA ASN C 246 19.80 29.50 16.04
CA ASN C 246 19.86 29.44 16.10
C ASN C 246 18.60 28.58 16.07
N VAL C 247 17.75 28.74 17.08
CA VAL C 247 16.53 27.96 17.21
C VAL C 247 15.36 28.90 17.47
N ARG C 248 14.27 28.66 16.76
CA ARG C 248 13.01 29.34 17.04
C ARG C 248 12.12 28.34 17.76
N TRP C 249 11.34 28.86 18.70
CA TRP C 249 10.46 28.05 19.53
C TRP C 249 9.01 28.40 19.24
N GLN C 250 8.14 27.41 19.17
CA GLN C 250 6.71 27.66 19.01
C GLN C 250 5.92 26.56 19.69
N VAL C 251 4.67 26.84 20.04
CA VAL C 251 3.82 25.82 20.64
C VAL C 251 3.49 24.81 19.54
N ASP C 252 3.46 23.54 19.89
CA ASP C 252 3.12 22.50 18.94
C ASP C 252 1.62 22.30 18.87
N ASN C 253 1.14 21.83 17.72
CA ASN C 253 -0.26 21.45 17.58
C ASN C 253 -0.34 19.97 17.94
N PRO C 254 -1.37 19.57 18.73
CA PRO C 254 -1.49 18.17 19.10
C PRO C 254 -1.85 17.28 17.90
N GLY C 255 -1.50 16.01 17.97
CA GLY C 255 -1.78 15.07 16.88
C GLY C 255 -0.66 14.94 15.86
N LYS C 256 0.20 15.96 15.78
CA LYS C 256 1.14 16.07 14.67
C LYS C 256 2.38 15.22 14.84
N LYS C 257 2.84 14.65 13.73
CA LYS C 257 4.03 13.81 13.75
C LYS C 257 5.24 14.68 13.95
N ARG C 258 5.98 14.42 15.02
CA ARG C 258 7.19 15.14 15.32
C ARG C 258 8.41 14.24 15.14
N ASP C 259 9.22 14.61 14.15
CA ASP C 259 10.43 13.89 13.81
CA ASP C 259 10.43 13.88 13.83
C ASP C 259 11.59 14.86 13.61
N TYR C 260 12.80 14.32 13.48
CA TYR C 260 13.99 15.16 13.43
C TYR C 260 15.10 14.49 12.64
N TRP C 261 15.97 15.30 12.05
CA TRP C 261 17.20 14.81 11.44
C TRP C 261 18.28 14.81 12.51
N ALA C 262 18.92 13.65 12.70
CA ALA C 262 19.96 13.49 13.72
C ALA C 262 21.29 13.98 13.22
N GLN C 263 22.01 14.73 14.07
CA GLN C 263 23.35 15.22 13.73
C GLN C 263 24.27 14.11 13.21
N ALA C 264 24.23 12.94 13.85
CA ALA C 264 25.10 11.82 13.48
C ALA C 264 24.74 11.23 12.13
N ASP C 265 23.51 11.42 11.68
CA ASP C 265 23.06 10.91 10.38
C ASP C 265 23.46 11.81 9.19
N ILE C 266 23.71 13.10 9.42
CA ILE C 266 23.95 14.03 8.31
C ILE C 266 25.26 13.75 7.54
N GLU C 267 26.33 13.34 8.22
CA GLU C 267 27.61 13.05 7.53
C GLU C 267 27.65 11.66 6.89
N ARG C 268 26.65 10.82 7.16
CA ARG C 268 26.57 9.46 6.58
C ARG C 268 25.87 9.40 5.22
N GLU C 269 24.82 10.20 5.05
CA GLU C 269 24.09 10.27 3.78
C GLU C 269 23.75 11.73 3.51
N LEU C 270 23.57 12.07 2.23
CA LEU C 270 23.14 13.42 1.87
C LEU C 270 21.70 13.69 2.32
N ALA C 271 20.82 12.72 2.09
CA ALA C 271 19.41 12.85 2.45
C ALA C 271 18.97 11.68 3.33
N PRO C 272 19.32 11.71 4.62
CA PRO C 272 18.92 10.65 5.52
C PRO C 272 17.46 10.74 5.92
N SER C 273 16.94 9.63 6.44
CA SER C 273 15.59 9.62 6.97
C SER C 273 15.57 10.18 8.39
N LYS C 274 14.40 10.59 8.83
CA LYS C 274 14.23 11.19 10.14
C LYS C 274 13.88 10.18 11.21
N ARG C 275 14.07 10.61 12.46
CA ARG C 275 13.79 9.81 13.66
C ARG C 275 12.71 10.51 14.43
N PRO C 276 11.96 9.76 15.26
CA PRO C 276 10.86 10.37 16.01
C PRO C 276 11.35 11.11 17.25
N ILE C 277 10.76 12.26 17.51
CA ILE C 277 10.96 12.93 18.79
C ILE C 277 10.16 12.17 19.84
N THR C 278 10.78 11.90 20.99
CA THR C 278 10.12 11.17 22.09
C THR C 278 10.13 11.95 23.41
N THR C 279 10.42 13.26 23.35
CA THR C 279 10.49 14.09 24.56
C THR C 279 9.18 14.10 25.33
N LYS C 280 9.26 13.89 26.64
CA LYS C 280 8.12 14.07 27.51
C LYS C 280 8.41 15.17 28.51
N VAL C 281 7.34 15.77 29.03
CA VAL C 281 7.46 16.83 30.02
C VAL C 281 7.46 16.19 31.40
N GLU C 282 8.62 16.20 32.03
CA GLU C 282 8.77 15.78 33.42
C GLU C 282 9.50 16.88 34.17
N ILE C 283 8.88 17.37 35.24
CA ILE C 283 9.40 18.51 35.99
C ILE C 283 9.62 18.06 37.43
N ASN C 284 10.90 17.89 37.78
CA ASN C 284 11.32 17.27 39.03
C ASN C 284 10.48 16.06 39.43
N GLY C 285 10.56 15.00 38.64
CA GLY C 285 9.95 13.72 38.96
C GLY C 285 8.44 13.63 38.79
N THR C 286 7.82 14.57 38.08
CA THR C 286 6.41 14.46 37.75
C THR C 286 6.21 14.61 36.26
N VAL C 287 5.81 13.51 35.61
CA VAL C 287 5.47 13.55 34.19
C VAL C 287 4.13 14.26 34.05
N TYR C 288 4.07 15.21 33.12
CA TYR C 288 2.83 15.85 32.73
C TYR C 288 2.38 15.26 31.40
N ASP C 289 1.59 14.19 31.52
CA ASP C 289 1.14 13.35 30.40
C ASP C 289 0.38 14.10 29.33
N ASP C 290 -0.29 15.18 29.75
CA ASP C 290 -1.18 15.96 28.89
C ASP C 290 -0.52 17.24 28.38
N PHE C 291 0.75 17.46 28.71
CA PHE C 291 1.46 18.65 28.27
C PHE C 291 2.43 18.34 27.14
N ALA C 292 2.65 19.35 26.30
CA ALA C 292 3.57 19.25 25.19
C ALA C 292 4.81 20.08 25.46
N ALA C 293 5.95 19.57 25.00
CA ALA C 293 7.18 20.33 24.92
C ALA C 293 7.06 21.30 23.75
N MET C 294 7.83 22.38 23.80
CA MET C 294 7.82 23.39 22.73
C MET C 294 8.47 22.84 21.48
N ARG C 295 7.84 23.15 20.35
CA ARG C 295 8.39 22.81 19.06
C ARG C 295 9.60 23.72 18.87
N THR C 296 10.69 23.13 18.38
CA THR C 296 11.90 23.85 18.08
C THR C 296 12.17 23.68 16.60
N ARG C 297 12.76 24.68 15.98
CA ARG C 297 13.18 24.61 14.58
C ARG C 297 14.51 25.34 14.34
N LEU C 298 15.43 24.66 13.67
CA LEU C 298 16.75 25.22 13.37
CA LEU C 298 16.75 25.22 13.37
C LEU C 298 16.62 26.34 12.35
N VAL C 299 17.27 27.47 12.64
CA VAL C 299 17.32 28.58 11.71
C VAL C 299 18.79 28.91 11.50
N ASN C 300 19.18 29.19 10.25
CA ASN C 300 20.55 29.61 9.99
C ASN C 300 20.64 31.12 10.05
N ALA C 301 21.85 31.62 10.32
CA ALA C 301 22.11 33.05 10.41
C ALA C 301 23.33 33.40 9.58
N GLY C 302 23.11 34.23 8.55
CA GLY C 302 24.19 34.69 7.69
C GLY C 302 25.03 35.78 8.35
N PRO C 303 26.34 35.78 8.11
CA PRO C 303 27.12 36.84 8.75
C PRO C 303 26.76 38.21 8.20
N TRP C 304 26.87 39.24 9.04
CA TRP C 304 26.60 40.61 8.60
C TRP C 304 27.48 41.03 7.42
N THR C 305 28.76 40.64 7.49
CA THR C 305 29.73 41.04 6.48
C THR C 305 29.49 40.39 5.10
N ILE C 306 28.60 39.41 5.02
CA ILE C 306 28.10 38.90 3.74
C ILE C 306 26.81 39.61 3.35
N ASN C 307 25.82 39.55 4.24
CA ASN C 307 24.49 40.05 3.92
C ASN C 307 24.43 41.55 3.62
N VAL C 308 25.35 42.33 4.20
CA VAL C 308 25.37 43.77 3.96
C VAL C 308 25.60 44.07 2.48
N ALA C 309 26.37 43.22 1.80
CA ALA C 309 26.63 43.38 0.37
C ALA C 309 25.39 43.08 -0.48
N LEU C 310 24.46 42.31 0.09
CA LEU C 310 23.25 41.88 -0.62
C LEU C 310 21.97 42.64 -0.25
N GLN C 311 21.90 43.17 0.98
CA GLN C 311 20.63 43.76 1.45
C GLN C 311 20.13 44.93 0.59
N PRO C 312 21.04 45.81 0.11
CA PRO C 312 20.55 46.93 -0.71
C PRO C 312 19.68 46.47 -1.88
N PHE C 313 20.07 45.37 -2.51
CA PHE C 313 19.31 44.80 -3.61
C PHE C 313 17.99 44.20 -3.14
N ALA C 314 18.03 43.41 -2.07
CA ALA C 314 16.85 42.75 -1.53
C ALA C 314 15.81 43.81 -1.20
N THR C 315 16.19 44.75 -0.34
CA THR C 315 15.25 45.77 0.12
C THR C 315 14.83 46.69 -1.04
N GLY C 316 15.74 46.92 -1.98
CA GLY C 316 15.46 47.74 -3.16
C GLY C 316 14.39 47.18 -4.08
N CYS C 317 14.50 45.90 -4.43
CA CYS C 317 13.50 45.23 -5.26
C CYS C 317 12.20 44.99 -4.53
N MET C 318 12.26 44.69 -3.24
CA MET C 318 11.05 44.39 -2.50
C MET C 318 10.17 45.63 -2.39
N ASN C 319 10.77 46.78 -2.10
CA ASN C 319 10.03 48.05 -2.04
C ASN C 319 9.47 48.53 -3.39
N ALA C 320 10.18 48.22 -4.48
CA ALA C 320 9.65 48.47 -5.82
C ALA C 320 8.48 47.52 -6.09
N MET C 321 8.65 46.26 -5.68
CA MET C 321 7.64 45.21 -5.82
C MET C 321 6.34 45.63 -5.13
N PHE C 322 6.47 46.03 -3.87
CA PHE C 322 5.39 46.57 -3.05
C PHE C 322 4.65 47.75 -3.73
N GLU C 323 5.38 48.59 -4.46
CA GLU C 323 4.76 49.74 -5.12
C GLU C 323 4.17 49.41 -6.49
N LEU C 324 4.96 48.76 -7.34
CA LEU C 324 4.51 48.42 -8.69
C LEU C 324 3.43 47.34 -8.72
N TYR C 325 3.39 46.49 -7.70
CA TYR C 325 2.46 45.36 -7.67
C TYR C 325 1.78 45.21 -6.32
N ARG C 326 1.30 46.33 -5.81
CA ARG C 326 0.73 46.40 -4.45
C ARG C 326 -0.35 45.36 -4.21
N ALA C 327 -1.23 45.18 -5.20
CA ALA C 327 -2.34 44.24 -5.10
C ALA C 327 -1.89 42.83 -4.70
N THR C 328 -0.69 42.46 -5.11
CA THR C 328 -0.16 41.14 -4.84
C THR C 328 0.61 41.05 -3.53
N TRP C 329 1.57 41.95 -3.32
CA TRP C 329 2.54 41.81 -2.24
C TRP C 329 2.42 42.79 -1.07
N HIS C 330 1.56 43.81 -1.18
CA HIS C 330 1.47 44.80 -0.11
C HIS C 330 0.14 45.56 -0.08
N PRO C 331 -0.99 44.84 -0.16
CA PRO C 331 -2.27 45.52 -0.05
C PRO C 331 -2.56 45.94 1.39
N ASP C 332 -3.41 46.95 1.56
CA ASP C 332 -3.87 47.37 2.88
C ASP C 332 -4.49 46.17 3.59
N GLU C 333 -3.84 45.69 4.64
CA GLU C 333 -4.31 44.50 5.37
C GLU C 333 -5.70 44.69 6.01
N ASP C 334 -6.05 45.92 6.40
CA ASP C 334 -7.39 46.19 6.93
C ASP C 334 -8.49 46.15 5.86
N LYS C 335 -8.11 46.24 4.59
CA LYS C 335 -9.09 46.20 3.47
C LYS C 335 -9.25 44.82 2.82
N ILE C 336 -8.43 43.84 3.20
CA ILE C 336 -8.46 42.49 2.58
C ILE C 336 -9.85 41.84 2.66
N ALA C 337 -10.46 41.83 3.85
CA ALA C 337 -11.78 41.20 4.03
C ALA C 337 -12.87 41.85 3.18
N GLY C 338 -12.83 43.19 3.11
CA GLY C 338 -13.76 43.94 2.26
C GLY C 338 -13.52 43.67 0.79
N PHE C 339 -12.25 43.59 0.41
CA PHE C 339 -11.88 43.27 -0.97
C PHE C 339 -12.40 41.89 -1.41
N LEU C 340 -12.35 40.90 -0.51
CA LEU C 340 -12.77 39.52 -0.83
C LEU C 340 -14.29 39.34 -0.93
N GLU C 341 -15.07 40.32 -0.47
CA GLU C 341 -16.53 40.22 -0.55
C GLU C 341 -16.95 39.99 -2.01
N GLY C 342 -17.76 38.95 -2.22
CA GLY C 342 -18.27 38.64 -3.56
C GLY C 342 -17.30 37.86 -4.43
N LYS C 343 -16.15 37.49 -3.85
CA LYS C 343 -15.13 36.70 -4.54
C LYS C 343 -14.96 35.38 -3.82
N HIS C 344 -14.72 34.33 -4.59
CA HIS C 344 -14.33 33.04 -4.03
C HIS C 344 -12.85 33.17 -3.65
N ALA C 345 -12.49 32.57 -2.52
CA ALA C 345 -11.13 32.65 -2.01
C ALA C 345 -10.65 31.27 -1.59
N PHE C 346 -9.41 30.96 -1.97
CA PHE C 346 -8.71 29.76 -1.55
C PHE C 346 -7.55 30.19 -0.67
N PHE C 347 -7.55 29.70 0.56
CA PHE C 347 -6.50 30.01 1.53
C PHE C 347 -5.49 28.90 1.52
N GLY C 348 -4.34 29.14 0.90
CA GLY C 348 -3.29 28.15 0.74
C GLY C 348 -2.45 27.88 1.96
N ASP C 349 -2.06 26.61 2.11
CA ASP C 349 -1.26 26.11 3.22
C ASP C 349 -0.15 25.22 2.64
N VAL C 350 1.10 25.61 2.83
CA VAL C 350 2.22 24.89 2.24
C VAL C 350 2.99 24.10 3.30
N SER C 351 3.34 22.84 2.99
CA SER C 351 4.16 22.01 3.87
C SER C 351 5.65 22.22 3.56
N SER C 352 6.44 22.52 4.60
CA SER C 352 7.90 22.65 4.47
C SER C 352 8.33 23.55 3.32
N TYR C 353 7.77 24.75 3.27
CA TYR C 353 7.92 25.62 2.09
C TYR C 353 9.36 25.95 1.73
N ASP C 354 10.07 26.69 2.59
CA ASP C 354 11.43 27.15 2.26
C ASP C 354 12.39 25.99 1.98
N HIS C 355 12.32 24.96 2.82
CA HIS C 355 13.22 23.81 2.69
C HIS C 355 12.94 23.02 1.40
N SER C 356 11.71 23.09 0.89
CA SER C 356 11.37 22.39 -0.35
C SER C 356 11.82 23.05 -1.66
N PHE C 357 12.42 24.23 -1.61
CA PHE C 357 12.89 24.89 -2.85
C PHE C 357 13.95 24.01 -3.51
N SER C 358 13.80 23.73 -4.79
CA SER C 358 14.81 22.95 -5.51
C SER C 358 16.03 23.82 -5.82
N GLU C 359 17.15 23.14 -6.03
CA GLU C 359 18.39 23.74 -6.52
C GLU C 359 18.14 24.47 -7.85
N GLU C 360 17.30 23.88 -8.71
CA GLU C 360 16.92 24.52 -9.97
C GLU C 360 16.19 25.87 -9.75
N LYS C 361 15.27 25.93 -8.80
CA LYS C 361 14.53 27.18 -8.54
C LYS C 361 15.42 28.27 -7.96
N ILE C 362 16.23 27.92 -6.97
CA ILE C 362 17.17 28.87 -6.39
C ILE C 362 18.10 29.39 -7.49
N ASP C 363 18.68 28.49 -8.27
CA ASP C 363 19.60 28.86 -9.34
C ASP C 363 18.94 29.70 -10.45
N LEU C 364 17.71 29.35 -10.85
CA LEU C 364 16.99 30.13 -11.86
C LEU C 364 16.82 31.57 -11.41
N SER C 365 16.53 31.76 -10.12
CA SER C 365 16.28 33.09 -9.57
C SER C 365 17.51 33.98 -9.72
N LEU C 366 18.67 33.45 -9.35
CA LEU C 366 19.93 34.18 -9.41
C LEU C 366 20.41 34.36 -10.85
N GLU C 367 20.18 33.34 -11.69
CA GLU C 367 20.47 33.41 -13.12
C GLU C 367 19.83 34.67 -13.73
N VAL C 368 18.55 34.88 -13.46
CA VAL C 368 17.82 36.02 -14.01
C VAL C 368 18.22 37.34 -13.34
N GLY C 369 18.83 37.27 -12.16
CA GLY C 369 19.38 38.46 -11.52
C GLY C 369 20.60 39.01 -12.22
N LYS C 370 21.31 38.15 -12.94
CA LYS C 370 22.54 38.53 -13.62
C LYS C 370 22.28 39.47 -14.79
N GLU C 371 21.05 39.46 -15.30
CA GLU C 371 20.61 40.39 -16.33
C GLU C 371 20.52 41.83 -15.82
N PHE C 372 20.32 41.99 -14.51
CA PHE C 372 20.14 43.32 -13.90
C PHE C 372 21.20 43.67 -12.88
N ILE C 373 21.83 42.67 -12.28
CA ILE C 373 22.81 42.84 -11.22
C ILE C 373 24.12 42.17 -11.65
N SER C 374 25.27 42.79 -11.36
CA SER C 374 26.56 42.20 -11.74
C SER C 374 26.60 40.74 -11.28
N PRO C 375 27.13 39.84 -12.13
CA PRO C 375 27.02 38.41 -11.85
C PRO C 375 27.77 37.94 -10.58
N GLU C 376 28.78 38.69 -10.17
CA GLU C 376 29.54 38.34 -8.95
C GLU C 376 28.69 38.49 -7.69
N ILE C 377 27.73 39.40 -7.71
CA ILE C 377 26.83 39.63 -6.58
C ILE C 377 25.84 38.48 -6.44
N MET C 378 25.38 37.98 -7.58
CA MET C 378 24.51 36.81 -7.60
C MET C 378 25.25 35.54 -7.15
N GLU C 379 26.53 35.40 -7.51
CA GLU C 379 27.34 34.25 -7.06
C GLU C 379 27.67 34.25 -5.56
N LEU C 380 27.90 35.44 -5.00
CA LEU C 380 27.97 35.61 -3.54
C LEU C 380 26.67 35.15 -2.90
N ALA C 381 25.55 35.59 -3.47
CA ALA C 381 24.23 35.17 -3.05
C ALA C 381 24.07 33.66 -3.14
N SER C 382 24.50 33.11 -4.26
CA SER C 382 24.52 31.65 -4.48
C SER C 382 25.37 30.98 -3.40
N SER C 383 26.59 31.49 -3.22
CA SER C 383 27.50 30.95 -2.23
C SER C 383 26.88 30.92 -0.83
N LEU C 384 26.18 31.98 -0.43
CA LEU C 384 25.52 31.99 0.86
C LEU C 384 24.33 31.02 0.93
N PHE C 385 23.61 30.87 -0.18
CA PHE C 385 22.44 29.99 -0.21
C PHE C 385 22.83 28.54 0.02
N TYR C 386 23.98 28.15 -0.51
CA TYR C 386 24.46 26.78 -0.33
C TYR C 386 25.60 26.67 0.68
N ALA C 387 25.70 27.63 1.59
CA ALA C 387 26.84 27.70 2.51
C ALA C 387 26.88 26.55 3.51
N ALA C 388 28.10 26.14 3.85
CA ALA C 388 28.33 25.30 5.01
C ALA C 388 27.75 26.01 6.23
N TYR C 389 27.37 25.25 7.25
CA TYR C 389 26.96 25.86 8.50
C TYR C 389 27.66 25.24 9.69
N PHE C 390 27.84 26.03 10.74
CA PHE C 390 28.29 25.55 12.04
C PHE C 390 27.18 25.64 13.09
N THR C 391 27.04 24.59 13.89
CA THR C 391 26.06 24.57 14.95
C THR C 391 26.62 24.02 16.24
N ARG C 392 26.25 24.66 17.35
CA ARG C 392 26.43 24.06 18.65
C ARG C 392 25.42 22.90 18.81
N PRO C 393 25.57 22.07 19.85
CA PRO C 393 24.76 20.86 19.94
C PRO C 393 23.26 21.11 19.87
N LEU C 394 22.56 20.22 19.17
CA LEU C 394 21.14 20.38 18.90
C LEU C 394 20.30 19.62 19.94
N GLY C 395 20.93 18.65 20.59
CA GLY C 395 20.33 17.96 21.73
C GLY C 395 21.39 17.66 22.77
N PRO C 396 21.00 17.04 23.89
CA PRO C 396 21.90 16.82 25.02
C PRO C 396 22.93 15.68 24.83
N ASP C 397 22.86 14.95 23.72
CA ASP C 397 23.81 13.86 23.47
C ASP C 397 24.77 14.16 22.31
N ASP C 398 24.75 15.39 21.82
CA ASP C 398 25.53 15.78 20.64
C ASP C 398 26.66 16.75 20.98
N GLY C 399 27.63 16.86 20.07
CA GLY C 399 28.68 17.87 20.15
C GLY C 399 28.51 18.93 19.07
N PRO C 400 29.39 19.96 19.07
CA PRO C 400 29.35 20.96 18.00
C PRO C 400 29.74 20.33 16.64
N GLN C 401 29.17 20.87 15.56
CA GLN C 401 29.34 20.26 14.24
C GLN C 401 29.39 21.29 13.10
N LEU C 402 30.35 21.10 12.21
CA LEU C 402 30.50 21.89 10.99
C LEU C 402 29.98 21.05 9.84
N VAL C 403 28.99 21.57 9.12
CA VAL C 403 28.33 20.83 8.04
C VAL C 403 28.69 21.45 6.70
N GLY C 404 29.47 20.74 5.90
CA GLY C 404 29.98 21.26 4.64
C GLY C 404 31.39 21.78 4.82
N ASN C 405 32.00 22.20 3.72
CA ASN C 405 33.38 22.68 3.72
C ASN C 405 33.44 24.15 3.31
N PRO C 406 33.54 25.07 4.28
CA PRO C 406 33.59 26.49 3.92
C PRO C 406 34.89 26.92 3.23
N ASN C 407 35.89 26.04 3.15
CA ASN C 407 37.10 26.36 2.38
C ASN C 407 36.80 26.37 0.88
N ARG C 408 35.85 25.55 0.45
CA ARG C 408 35.41 25.48 -0.96
C ARG C 408 34.04 26.13 -1.14
N TYR C 409 33.99 27.43 -0.85
CA TYR C 409 32.71 28.16 -0.75
C TYR C 409 32.10 28.55 -2.10
N LEU C 410 32.87 28.42 -3.17
CA LEU C 410 32.35 28.64 -4.52
C LEU C 410 31.62 27.41 -5.04
N GLU C 411 31.79 26.28 -4.36
CA GLU C 411 31.08 25.05 -4.67
C GLU C 411 29.94 24.86 -3.67
N LYS C 412 28.86 24.25 -4.13
CA LYS C 412 27.67 24.10 -3.31
C LYS C 412 27.94 23.11 -2.16
N GLN C 413 27.69 23.55 -0.93
CA GLN C 413 28.03 22.77 0.26
C GLN C 413 26.80 22.15 0.91
N VAL C 414 25.76 22.95 1.11
CA VAL C 414 24.51 22.45 1.70
C VAL C 414 23.35 22.88 0.81
N LYS C 415 22.56 21.90 0.37
CA LYS C 415 21.40 22.18 -0.47
C LYS C 415 20.15 22.02 0.38
N ALA C 416 19.57 23.17 0.75
CA ALA C 416 18.47 23.25 1.72
C ALA C 416 17.44 24.31 1.34
N GLY C 417 17.19 24.47 0.04
CA GLY C 417 16.19 25.40 -0.47
C GLY C 417 16.40 26.87 -0.11
N ASN C 418 15.29 27.54 0.19
CA ASN C 418 15.30 28.97 0.51
C ASN C 418 15.88 29.12 1.90
N ARG C 419 17.21 29.15 1.92
CA ARG C 419 18.00 29.12 3.15
C ARG C 419 17.64 30.28 4.06
N SER C 420 17.36 29.99 5.34
CA SER C 420 17.13 31.01 6.34
C SER C 420 18.44 31.72 6.68
N GLY C 421 18.34 32.98 7.09
CA GLY C 421 19.52 33.81 7.34
C GLY C 421 20.17 34.42 6.10
N HIS C 422 19.46 34.39 4.97
CA HIS C 422 19.95 34.95 3.71
C HIS C 422 19.25 36.26 3.45
N ALA C 423 19.98 37.25 2.93
CA ALA C 423 19.39 38.56 2.61
C ALA C 423 18.15 38.43 1.73
N PHE C 424 18.19 37.46 0.82
CA PHE C 424 17.13 37.25 -0.15
C PHE C 424 16.05 36.29 0.31
N THR C 425 16.08 35.85 1.57
CA THR C 425 15.14 34.81 2.04
C THR C 425 13.68 35.21 1.88
N SER C 426 13.32 36.39 2.38
CA SER C 426 11.92 36.85 2.29
C SER C 426 11.51 37.14 0.84
N LEU C 427 12.40 37.78 0.09
CA LEU C 427 12.12 38.10 -1.31
C LEU C 427 11.84 36.83 -2.13
N PHE C 428 12.64 35.78 -1.91
CA PHE C 428 12.43 34.49 -2.59
C PHE C 428 11.14 33.81 -2.14
N ALA C 429 10.80 33.88 -0.85
CA ALA C 429 9.54 33.32 -0.35
C ALA C 429 8.34 33.98 -1.00
N LYS C 430 8.38 35.30 -1.09
CA LYS C 430 7.26 36.07 -1.61
C LYS C 430 7.04 35.82 -3.10
N VAL C 431 8.14 35.80 -3.86
CA VAL C 431 8.05 35.72 -5.31
C VAL C 431 7.70 34.32 -5.82
N TRP C 432 8.27 33.28 -5.22
CA TRP C 432 8.06 31.91 -5.71
C TRP C 432 6.65 31.37 -5.44
N LYS C 433 6.00 31.86 -4.38
CA LYS C 433 4.65 31.42 -4.09
C LYS C 433 3.70 32.03 -5.11
N VAL C 434 4.05 33.20 -5.62
CA VAL C 434 3.25 33.85 -6.66
C VAL C 434 3.50 33.18 -8.03
N ILE C 435 4.74 32.76 -8.27
CA ILE C 435 5.10 31.99 -9.48
C ILE C 435 4.34 30.66 -9.55
N ASP C 436 4.24 29.99 -8.41
CA ASP C 436 3.49 28.75 -8.28
C ASP C 436 1.99 28.94 -8.58
N THR C 437 1.41 30.00 -8.01
CA THR C 437 0.00 30.30 -8.21
C THR C 437 -0.31 30.75 -9.62
N VAL C 438 0.54 31.64 -10.16
CA VAL C 438 0.38 32.13 -11.52
C VAL C 438 0.57 31.02 -12.56
N SER C 439 1.41 30.05 -12.24
CA SER C 439 1.58 28.86 -13.06
C SER C 439 0.25 28.10 -13.15
N LYS C 440 -0.49 28.06 -12.04
CA LYS C 440 -1.78 27.39 -12.01
C LYS C 440 -2.83 28.16 -12.81
N PHE C 441 -2.78 29.50 -12.78
CA PHE C 441 -3.66 30.32 -13.62
C PHE C 441 -3.45 29.99 -15.11
N ASP C 442 -2.21 29.68 -15.48
CA ASP C 442 -1.85 29.35 -16.85
C ASP C 442 -2.31 27.93 -17.23
N GLN C 443 -2.26 27.00 -16.28
CA GLN C 443 -2.83 25.67 -16.43
C GLN C 443 -4.37 25.70 -16.51
N MET C 444 -4.98 26.84 -16.15
CA MET C 444 -6.43 27.00 -16.25
C MET C 444 -6.89 27.47 -17.64
N GLY C 445 -5.96 27.81 -18.52
CA GLY C 445 -6.27 28.28 -19.87
C GLY C 445 -6.04 29.76 -20.14
N TYR C 446 -5.42 30.47 -19.19
CA TYR C 446 -5.13 31.90 -19.37
C TYR C 446 -3.68 32.10 -19.82
N ASP C 447 -3.45 33.11 -20.65
CA ASP C 447 -2.09 33.47 -21.06
C ASP C 447 -1.53 34.43 -20.02
N VAL C 448 -0.86 33.86 -19.01
CA VAL C 448 -0.36 34.66 -17.88
C VAL C 448 0.86 35.52 -18.24
N VAL C 449 1.56 35.16 -19.32
CA VAL C 449 2.70 35.96 -19.80
C VAL C 449 2.19 37.22 -20.51
N ALA C 450 1.16 37.04 -21.35
CA ALA C 450 0.51 38.16 -22.04
C ALA C 450 -0.12 39.12 -21.03
N ASN C 451 -0.67 38.58 -19.95
CA ASN C 451 -1.40 39.37 -18.96
C ASN C 451 -0.72 39.47 -17.58
N MET C 452 0.59 39.29 -17.54
CA MET C 452 1.34 39.22 -16.26
C MET C 452 1.18 40.48 -15.41
N ASP C 453 1.37 41.64 -16.02
CA ASP C 453 1.23 42.89 -15.27
C ASP C 453 -0.19 43.05 -14.72
N ALA C 454 -1.19 42.79 -15.55
CA ALA C 454 -2.59 42.90 -15.13
C ALA C 454 -2.87 41.96 -13.95
N ILE C 455 -2.35 40.73 -14.03
CA ILE C 455 -2.53 39.75 -12.95
C ILE C 455 -1.91 40.23 -11.64
N LEU C 456 -0.67 40.69 -11.72
CA LEU C 456 0.07 41.10 -10.53
C LEU C 456 -0.47 42.42 -9.95
N LYS C 457 -0.96 43.30 -10.81
CA LYS C 457 -1.55 44.57 -10.35
C LYS C 457 -2.98 44.43 -9.82
N GLY C 458 -3.57 43.24 -9.96
CA GLY C 458 -4.93 42.98 -9.47
C GLY C 458 -6.03 43.44 -10.41
N ASP C 459 -5.74 43.47 -11.71
CA ASP C 459 -6.68 43.99 -12.74
C ASP C 459 -7.41 42.90 -13.52
N MET C 460 -7.12 41.62 -13.22
CA MET C 460 -7.76 40.50 -13.90
C MET C 460 -8.94 39.98 -13.09
N PRO C 461 -9.70 38.99 -13.61
CA PRO C 461 -10.81 38.40 -12.86
C PRO C 461 -10.38 37.50 -11.70
N PHE C 462 -9.07 37.26 -11.57
CA PHE C 462 -8.52 36.42 -10.50
C PHE C 462 -7.17 36.97 -10.12
N GLY C 463 -6.69 36.57 -8.94
CA GLY C 463 -5.38 36.98 -8.49
C GLY C 463 -4.98 36.34 -7.18
N CYS C 464 -3.86 36.79 -6.62
CA CYS C 464 -3.42 36.28 -5.33
C CYS C 464 -2.78 37.34 -4.44
N ILE C 465 -3.14 37.29 -3.15
CA ILE C 465 -2.62 38.16 -2.11
C ILE C 465 -1.56 37.35 -1.33
N ASN C 466 -0.35 37.90 -1.20
CA ASN C 466 0.81 37.10 -0.77
C ASN C 466 1.55 37.58 0.48
N ASN C 467 1.89 36.63 1.34
CA ASN C 467 2.81 36.84 2.46
C ASN C 467 3.69 35.60 2.61
N GLY C 468 4.65 35.45 1.69
CA GLY C 468 5.52 34.27 1.70
C GLY C 468 4.74 32.99 1.39
N ASP C 469 4.76 32.03 2.31
CA ASP C 469 4.00 30.78 2.10
C ASP C 469 2.53 30.87 2.51
N ASP C 470 2.12 32.07 2.95
CA ASP C 470 0.75 32.38 3.34
C ASP C 470 0.16 33.19 2.21
N GLU C 471 -0.92 32.70 1.61
CA GLU C 471 -1.51 33.41 0.47
C GLU C 471 -3.02 33.30 0.45
N ILE C 472 -3.64 34.22 -0.25
CA ILE C 472 -5.06 34.12 -0.58
C ILE C 472 -5.15 34.18 -2.09
N VAL C 473 -5.70 33.13 -2.70
CA VAL C 473 -5.93 33.13 -4.13
C VAL C 473 -7.41 33.40 -4.33
N TRP C 474 -7.73 34.50 -5.01
CA TRP C 474 -9.10 34.98 -5.14
C TRP C 474 -9.61 34.95 -6.58
N PHE C 475 -10.93 34.78 -6.71
CA PHE C 475 -11.59 34.61 -8.00
C PHE C 475 -12.93 35.33 -8.02
N LYS C 476 -13.15 36.17 -9.02
CA LYS C 476 -14.45 36.80 -9.25
C LYS C 476 -15.48 35.80 -9.82
N SER C 477 -15.01 34.88 -10.67
CA SER C 477 -15.87 33.91 -11.34
C SER C 477 -15.77 32.51 -10.73
N GLU C 478 -16.91 31.90 -10.45
CA GLU C 478 -16.93 30.55 -9.84
C GLU C 478 -16.27 29.51 -10.75
N ARG C 479 -16.54 29.59 -12.05
CA ARG C 479 -15.94 28.65 -13.01
C ARG C 479 -14.42 28.60 -12.84
N ASP C 480 -13.78 29.76 -12.83
CA ASP C 480 -12.33 29.87 -12.63
C ASP C 480 -11.95 29.23 -11.31
N TYR C 481 -12.70 29.54 -10.26
CA TYR C 481 -12.44 29.00 -8.92
C TYR C 481 -12.50 27.47 -8.88
N ARG C 482 -13.54 26.91 -9.49
CA ARG C 482 -13.71 25.45 -9.50
C ARG C 482 -12.63 24.76 -10.34
N LEU C 483 -12.19 25.42 -11.40
CA LEU C 483 -11.13 24.89 -12.25
C LEU C 483 -9.82 24.85 -11.47
N PHE C 484 -9.53 25.92 -10.73
CA PHE C 484 -8.35 25.98 -9.85
C PHE C 484 -8.32 24.84 -8.82
N LEU C 485 -9.44 24.65 -8.12
CA LEU C 485 -9.53 23.59 -7.10
C LEU C 485 -9.39 22.21 -7.72
N ARG C 486 -9.96 22.03 -8.92
CA ARG C 486 -9.82 20.80 -9.68
C ARG C 486 -8.36 20.52 -10.05
N LEU C 487 -7.65 21.56 -10.48
CA LEU C 487 -6.23 21.43 -10.85
C LEU C 487 -5.38 20.94 -9.69
N LEU C 488 -5.52 21.61 -8.53
CA LEU C 488 -4.80 21.23 -7.30
C LEU C 488 -5.13 19.80 -6.85
N GLU C 489 -6.36 19.41 -7.13
CA GLU C 489 -6.91 18.14 -6.71
C GLU C 489 -6.39 16.99 -7.58
N THR C 490 -6.13 17.27 -8.85
CA THR C 490 -5.69 16.25 -9.81
C THR C 490 -4.31 16.54 -10.40
N GLN C 491 -3.63 17.54 -9.85
CA GLN C 491 -2.35 17.98 -10.41
C GLN C 491 -1.36 16.82 -10.48
N PRO C 492 -0.78 16.56 -11.66
CA PRO C 492 0.25 15.53 -11.69
C PRO C 492 1.56 15.99 -11.03
N GLN C 493 2.41 15.03 -10.68
CA GLN C 493 3.62 15.30 -9.93
C GLN C 493 4.54 16.28 -10.66
N GLU C 494 4.65 16.13 -11.97
CA GLU C 494 5.55 16.98 -12.78
C GLU C 494 5.15 18.47 -12.80
N GLN C 495 3.91 18.77 -12.40
CA GLN C 495 3.45 20.16 -12.30
C GLN C 495 3.61 20.75 -10.89
N ARG C 496 3.98 19.91 -9.92
CA ARG C 496 3.89 20.28 -8.51
C ARG C 496 5.18 20.96 -8.04
N MET C 497 5.08 22.27 -7.77
CA MET C 497 6.23 23.06 -7.31
C MET C 497 6.41 22.94 -5.79
N PHE C 498 5.29 23.04 -5.05
CA PHE C 498 5.30 22.99 -3.59
C PHE C 498 4.12 22.14 -3.10
N LYS C 499 4.19 21.65 -1.86
CA LYS C 499 3.10 20.87 -1.28
C LYS C 499 2.07 21.84 -0.69
N VAL C 500 1.07 22.20 -1.52
CA VAL C 500 0.07 23.21 -1.16
C VAL C 500 -1.27 22.54 -0.92
N GLY C 501 -1.96 22.95 0.15
CA GLY C 501 -3.32 22.47 0.43
C GLY C 501 -4.20 23.58 1.00
N PRO C 502 -5.50 23.29 1.22
CA PRO C 502 -6.37 24.32 1.80
C PRO C 502 -6.07 24.46 3.29
N GLU C 503 -5.92 25.69 3.76
CA GLU C 503 -5.62 25.94 5.17
C GLU C 503 -6.89 25.83 6.03
N GLU C 504 -6.78 25.10 7.15
CA GLU C 504 -7.86 25.04 8.14
C GLU C 504 -7.98 26.36 8.89
N GLY C 505 -9.15 26.96 8.83
CA GLY C 505 -9.40 28.25 9.48
C GLY C 505 -9.22 29.42 8.54
N ALA C 506 -8.78 29.14 7.31
CA ALA C 506 -8.56 30.15 6.30
C ALA C 506 -7.89 31.36 6.92
N VAL C 507 -6.63 31.19 7.32
CA VAL C 507 -5.86 32.21 8.00
C VAL C 507 -4.94 32.95 7.05
N PHE C 508 -4.86 34.27 7.15
CA PHE C 508 -3.84 35.04 6.42
C PHE C 508 -3.26 36.10 7.31
N SER C 509 -1.93 36.10 7.43
CA SER C 509 -1.20 37.05 8.27
C SER C 509 -1.74 37.13 9.71
N GLY C 510 -1.99 35.98 10.31
CA GLY C 510 -2.44 35.89 11.72
C GLY C 510 -3.92 36.02 12.01
N SER C 511 -4.72 36.32 10.97
CA SER C 511 -6.16 36.49 11.15
C SER C 511 -6.98 35.38 10.47
N VAL C 512 -7.93 34.83 11.22
CA VAL C 512 -8.94 33.94 10.67
C VAL C 512 -9.88 34.78 9.84
N TYR C 513 -10.08 34.39 8.58
CA TYR C 513 -11.08 35.05 7.74
C TYR C 513 -12.37 34.28 7.83
N GLN C 514 -13.12 34.62 8.86
CA GLN C 514 -14.37 33.96 9.20
C GLN C 514 -15.38 34.19 8.09
N LEU C 515 -16.06 33.13 7.68
CA LEU C 515 -17.06 33.19 6.63
C LEU C 515 -18.39 33.51 7.32
N ILE C 516 -18.82 34.75 7.22
CA ILE C 516 -20.04 35.19 7.92
C ILE C 516 -21.25 35.22 6.99
N GLY C 517 -21.01 35.09 5.68
CA GLY C 517 -22.08 35.01 4.68
C GLY C 517 -21.53 34.54 3.34
N PRO C 518 -22.43 34.32 2.34
CA PRO C 518 -21.94 33.86 1.04
C PRO C 518 -20.90 34.82 0.43
N LEU C 519 -19.67 34.35 0.32
CA LEU C 519 -18.54 35.17 -0.12
C LEU C 519 -18.47 36.50 0.65
N LYS C 520 -18.69 36.44 1.96
CA LYS C 520 -18.51 37.59 2.84
C LYS C 520 -17.71 37.14 4.06
N TYR C 521 -16.53 37.73 4.22
CA TYR C 521 -15.54 37.30 5.19
C TYR C 521 -15.33 38.35 6.29
N GLN C 522 -14.84 37.93 7.45
CA GLN C 522 -14.56 38.82 8.57
C GLN C 522 -13.34 38.39 9.36
N ALA C 523 -12.29 39.22 9.36
CA ALA C 523 -11.03 38.86 10.00
C ALA C 523 -11.14 38.95 11.53
N VAL C 524 -10.59 37.95 12.21
CA VAL C 524 -10.37 38.00 13.65
C VAL C 524 -9.02 37.35 13.91
N GLU C 525 -8.18 37.99 14.74
CA GLU C 525 -6.90 37.40 15.09
C GLU C 525 -7.15 36.01 15.66
N ARG C 526 -6.35 35.04 15.25
CA ARG C 526 -6.47 33.69 15.80
C ARG C 526 -6.69 33.80 17.30
N ILE C 527 -7.76 33.17 17.78
CA ILE C 527 -8.23 33.37 19.15
C ILE C 527 -7.35 32.65 20.17
N THR C 528 -6.60 31.66 19.70
CA THR C 528 -5.57 31.01 20.49
C THR C 528 -4.33 31.88 20.70
N THR C 529 -4.08 32.79 19.76
CA THR C 529 -2.83 33.56 19.73
C THR C 529 -2.53 34.35 21.00
N PRO C 530 -3.49 35.16 21.49
CA PRO C 530 -3.25 35.94 22.70
C PRO C 530 -2.71 35.12 23.87
N PHE C 531 -3.33 33.97 24.08
CA PHE C 531 -3.07 33.15 25.27
C PHE C 531 -1.81 32.31 25.08
N GLN C 532 -1.52 31.91 23.85
CA GLN C 532 -0.24 31.29 23.55
C GLN C 532 0.92 32.26 23.84
N ARG C 533 0.78 33.49 23.38
CA ARG C 533 1.84 34.50 23.53
C ARG C 533 2.07 34.94 24.98
N ILE C 534 1.00 34.89 25.79
CA ILE C 534 1.09 35.14 27.23
C ILE C 534 1.67 33.93 27.98
N ILE C 535 0.99 32.80 27.84
CA ILE C 535 1.21 31.64 28.71
C ILE C 535 2.33 30.71 28.22
N CYS C 536 2.55 30.66 26.90
CA CYS C 536 3.56 29.77 26.31
C CYS C 536 4.53 30.51 25.39
N PRO C 537 5.23 31.52 25.93
CA PRO C 537 6.07 32.38 25.10
C PRO C 537 7.35 31.70 24.65
N GLU C 538 7.80 32.07 23.45
CA GLU C 538 9.11 31.70 22.95
C GLU C 538 10.20 32.15 23.93
N ARG C 539 10.15 33.42 24.33
CA ARG C 539 11.16 34.07 25.15
C ARG C 539 10.54 34.62 26.44
N SER C 540 11.35 34.75 27.47
CA SER C 540 10.99 35.47 28.70
C SER C 540 10.66 36.93 28.41
N ILE C 541 9.83 37.51 29.28
CA ILE C 541 9.53 38.94 29.22
C ILE C 541 10.81 39.75 29.44
N GLY C 542 10.89 40.91 28.81
CA GLY C 542 12.07 41.78 28.94
C GLY C 542 13.22 41.25 28.10
N GLY C 543 14.42 41.23 28.66
CA GLY C 543 15.60 40.78 27.91
C GLY C 543 15.78 41.54 26.60
N ASN C 544 16.32 40.87 25.60
CA ASN C 544 16.69 41.58 24.38
C ASN C 544 15.56 41.65 23.36
N PHE C 545 14.70 40.64 23.37
CA PHE C 545 13.71 40.46 22.31
C PHE C 545 12.29 40.88 22.69
N ARG C 546 12.04 41.09 23.99
CA ARG C 546 10.70 41.38 24.50
C ARG C 546 10.67 42.58 25.45
N LYS C 547 11.38 43.64 25.09
CA LYS C 547 11.40 44.87 25.89
C LYS C 547 10.04 45.56 25.94
N PHE C 548 9.16 45.28 24.97
CA PHE C 548 7.89 45.97 24.87
C PHE C 548 6.67 45.06 25.11
N TRP C 549 6.90 43.99 25.87
CA TRP C 549 5.91 42.93 26.08
C TRP C 549 4.53 43.36 26.61
N PRO C 550 4.44 44.44 27.42
CA PRO C 550 3.08 44.77 27.86
C PRO C 550 2.14 45.24 26.75
N LEU C 551 2.68 45.82 25.68
CA LEU C 551 1.87 46.43 24.61
C LEU C 551 1.04 45.41 23.86
N GLY C 552 1.65 44.30 23.48
CA GLY C 552 0.95 43.23 22.78
C GLY C 552 -0.22 42.71 23.61
N ILE C 553 0.03 42.46 24.90
CA ILE C 553 -1.00 41.93 25.78
C ILE C 553 -2.13 42.95 25.95
N LEU C 554 -1.77 44.20 26.24
CA LEU C 554 -2.78 45.25 26.45
C LEU C 554 -3.60 45.50 25.19
N GLU C 555 -2.97 45.46 24.02
CA GLU C 555 -3.69 45.65 22.76
C GLU C 555 -4.77 44.57 22.57
N ARG C 556 -4.45 43.32 22.93
CA ARG C 556 -5.38 42.19 22.78
C ARG C 556 -6.47 42.20 23.87
N TYR C 557 -6.08 42.50 25.11
CA TYR C 557 -7.04 42.60 26.21
C TYR C 557 -8.07 43.71 25.98
N ASN C 558 -7.63 44.83 25.41
CA ASN C 558 -8.51 45.99 25.15
C ASN C 558 -9.58 45.76 24.08
N LYS C 559 -9.34 44.84 23.15
CA LYS C 559 -10.32 44.52 22.10
C LYS C 559 -10.98 43.15 22.31
N ARG C 560 -10.94 42.66 23.55
CA ARG C 560 -11.48 41.33 23.87
C ARG C 560 -12.98 41.22 23.60
N ASN C 561 -13.69 42.35 23.63
CA ASN C 561 -15.13 42.37 23.33
C ASN C 561 -15.46 42.53 21.84
N SER C 562 -14.44 42.62 20.99
CA SER C 562 -14.66 42.86 19.57
C SER C 562 -15.29 41.65 18.86
N HIS C 563 -15.11 40.45 19.41
CA HIS C 563 -15.64 39.20 18.82
C HIS C 563 -16.27 38.35 19.93
N PRO C 564 -17.41 37.70 19.66
CA PRO C 564 -18.12 37.03 20.75
C PRO C 564 -17.42 35.79 21.33
N VAL C 565 -16.70 35.03 20.50
CA VAL C 565 -15.91 33.90 20.99
C VAL C 565 -14.66 34.38 21.75
N LEU C 566 -13.98 35.37 21.19
CA LEU C 566 -12.85 36.02 21.87
C LEU C 566 -13.25 36.51 23.24
N GLU C 567 -14.43 37.14 23.35
CA GLU C 567 -14.89 37.71 24.63
C GLU C 567 -15.00 36.65 25.70
N GLU C 568 -15.60 35.51 25.36
CA GLU C 568 -15.85 34.44 26.32
C GLU C 568 -14.57 33.76 26.78
N VAL C 569 -13.60 33.60 25.89
CA VAL C 569 -12.34 32.96 26.25
C VAL C 569 -11.56 33.86 27.24
N TRP C 570 -11.58 35.18 27.02
CA TRP C 570 -10.97 36.11 27.97
C TRP C 570 -11.67 36.07 29.34
N ARG C 571 -12.99 35.88 29.33
CA ARG C 571 -13.73 35.75 30.57
C ARG C 571 -13.20 34.58 31.37
N VAL C 572 -13.08 33.44 30.71
CA VAL C 572 -12.55 32.22 31.32
C VAL C 572 -11.08 32.41 31.75
N PHE C 573 -10.31 33.13 30.94
CA PHE C 573 -8.93 33.45 31.30
C PHE C 573 -8.88 34.28 32.59
N ASP C 574 -9.71 35.32 32.67
CA ASP C 574 -9.71 36.21 33.83
C ASP C 574 -10.17 35.49 35.11
N ASP C 575 -11.21 34.68 35.00
CA ASP C 575 -11.76 33.99 36.17
C ASP C 575 -10.86 32.83 36.64
N THR C 576 -10.27 32.09 35.70
CA THR C 576 -9.31 31.04 36.06
C THR C 576 -8.00 31.65 36.60
N TYR C 577 -7.57 32.77 36.02
CA TYR C 577 -6.41 33.48 36.56
C TYR C 577 -6.71 33.96 37.98
N ALA C 578 -7.86 34.60 38.16
CA ALA C 578 -8.25 35.14 39.48
C ALA C 578 -8.20 34.07 40.57
N THR C 579 -8.71 32.88 40.24
CA THR C 579 -8.82 31.75 41.18
C THR C 579 -7.51 30.98 41.44
N LEU C 580 -6.75 30.69 40.39
CA LEU C 580 -5.59 29.80 40.49
C LEU C 580 -4.22 30.48 40.37
N MET C 581 -4.17 31.71 39.87
CA MET C 581 -2.89 32.43 39.74
C MET C 581 -2.77 33.63 40.69
N GLU C 582 -3.78 34.50 40.71
CA GLU C 582 -3.68 35.78 41.43
C GLU C 582 -3.27 35.64 42.90
N PRO C 583 -3.80 34.64 43.61
CA PRO C 583 -3.41 34.51 45.01
C PRO C 583 -1.91 34.33 45.23
N HIS C 584 -1.24 33.66 44.30
CA HIS C 584 0.18 33.40 44.41
C HIS C 584 1.03 34.54 43.82
N TYR C 585 0.58 35.11 42.70
CA TYR C 585 1.42 36.02 41.91
C TYR C 585 0.89 37.45 41.78
N GLY C 586 -0.28 37.73 42.34
CA GLY C 586 -0.90 39.06 42.21
C GLY C 586 -1.68 39.18 40.92
N SER C 587 -2.35 40.32 40.72
CA SER C 587 -3.34 40.46 39.63
C SER C 587 -2.69 40.61 38.26
N PHE C 588 -3.35 40.02 37.27
CA PHE C 588 -2.89 40.03 35.90
C PHE C 588 -2.69 41.45 35.40
N LEU C 589 -3.75 42.24 35.47
CA LEU C 589 -3.70 43.64 35.04
C LEU C 589 -2.70 44.46 35.85
N GLY C 590 -2.60 44.21 37.15
CA GLY C 590 -1.60 44.86 37.98
C GLY C 590 -0.18 44.63 37.48
N ILE C 591 0.13 43.40 37.13
CA ILE C 591 1.46 43.06 36.58
C ILE C 591 1.69 43.76 35.23
N VAL C 592 0.70 43.69 34.35
CA VAL C 592 0.86 44.17 32.98
C VAL C 592 0.95 45.70 32.95
N GLN C 593 0.09 46.35 33.74
CA GLN C 593 0.06 47.80 33.82
C GLN C 593 1.35 48.35 34.47
N ARG C 594 1.83 47.74 35.56
CA ARG C 594 3.10 48.19 36.15
C ARG C 594 4.21 48.20 35.11
N ALA C 595 4.35 47.11 34.36
CA ALA C 595 5.37 47.04 33.30
C ALA C 595 5.06 48.02 32.16
N HIS C 596 3.78 48.22 31.88
CA HIS C 596 3.34 49.17 30.85
C HIS C 596 3.87 50.59 31.14
N LYS C 597 3.82 51.01 32.40
CA LYS C 597 4.20 52.37 32.77
C LYS C 597 5.70 52.61 32.71
N GLU C 598 6.49 51.54 32.64
CA GLU C 598 7.95 51.64 32.55
C GLU C 598 8.48 51.78 31.11
N ILE C 599 7.68 51.44 30.08
CA ILE C 599 8.24 51.43 28.71
C ILE C 599 8.03 52.76 27.97
N PRO C 600 8.82 53.01 26.90
CA PRO C 600 8.77 54.29 26.18
C PRO C 600 7.43 54.66 25.55
N PHE C 601 6.73 53.67 25.00
CA PHE C 601 5.47 53.91 24.29
C PHE C 601 4.26 53.43 25.07
N SER C 602 3.14 54.11 24.90
CA SER C 602 1.85 53.65 25.44
C SER C 602 1.17 52.77 24.40
N VAL C 603 0.31 51.87 24.86
CA VAL C 603 -0.50 51.04 23.96
C VAL C 603 -1.32 51.92 22.99
N ASP C 604 -1.75 53.08 23.47
CA ASP C 604 -2.51 54.04 22.65
C ASP C 604 -1.68 55.00 21.77
N ASP C 605 -0.37 55.09 21.99
CA ASP C 605 0.48 55.91 21.11
C ASP C 605 0.65 55.24 19.74
N LEU C 606 0.66 53.92 19.72
CA LEU C 606 1.13 53.13 18.58
C LEU C 606 0.00 52.51 17.80
N SER C 607 0.22 52.33 16.50
CA SER C 607 -0.70 51.59 15.63
C SER C 607 -0.51 50.09 15.86
N TRP C 608 -1.45 49.30 15.37
CA TRP C 608 -1.32 47.83 15.42
C TRP C 608 -0.02 47.37 14.72
N LYS C 609 0.31 48.01 13.61
CA LYS C 609 1.50 47.66 12.84
C LYS C 609 2.76 47.87 13.66
N GLU C 610 2.80 48.98 14.39
CA GLU C 610 3.97 49.36 15.16
C GLU C 610 4.21 48.41 16.34
N ILE C 611 3.13 48.01 16.99
CA ILE C 611 3.19 47.03 18.07
C ILE C 611 3.69 45.67 17.57
N MET C 612 3.21 45.23 16.41
CA MET C 612 3.74 44.01 15.76
C MET C 612 5.26 44.06 15.55
N VAL C 613 5.74 45.22 15.11
CA VAL C 613 7.17 45.39 14.86
C VAL C 613 7.97 45.38 16.16
N LEU C 614 7.42 45.98 17.22
CA LEU C 614 8.11 45.95 18.51
C LEU C 614 8.28 44.52 19.05
N ASP C 615 7.28 43.67 18.83
CA ASP C 615 7.39 42.27 19.23
C ASP C 615 8.16 41.41 18.20
N ASP C 616 8.13 41.81 16.93
CA ASP C 616 8.88 41.08 15.91
C ASP C 616 9.51 42.04 14.91
N PRO C 617 10.71 42.55 15.25
CA PRO C 617 11.38 43.57 14.43
C PRO C 617 11.63 43.16 12.99
N ASN C 618 11.79 41.86 12.73
CA ASN C 618 12.10 41.40 11.38
C ASN C 618 10.91 41.54 10.42
N LYS C 619 9.74 41.89 10.93
CA LYS C 619 8.62 42.30 10.07
C LYS C 619 8.93 43.57 9.27
N MET C 620 9.99 44.28 9.66
CA MET C 620 10.50 45.40 8.86
C MET C 620 11.18 44.95 7.57
N TYR C 621 11.66 43.72 7.53
CA TYR C 621 12.27 43.16 6.32
C TYR C 621 11.28 42.55 5.33
N HIS C 622 10.01 42.41 5.70
CA HIS C 622 9.06 41.74 4.78
C HIS C 622 7.57 42.12 4.83
N ARG C 623 7.12 42.82 5.87
CA ARG C 623 5.68 43.13 6.02
C ARG C 623 5.31 44.61 6.05
N PHE C 624 6.20 45.46 6.58
CA PHE C 624 5.91 46.89 6.67
C PHE C 624 7.03 47.73 6.07
N THR C 625 6.66 48.90 5.58
CA THR C 625 7.61 49.82 4.98
C THR C 625 7.93 50.94 5.98
N ASP C 626 9.05 51.65 5.75
CA ASP C 626 9.46 52.80 6.56
C ASP C 626 8.30 53.75 6.80
N GLU C 627 7.51 53.94 5.75
CA GLU C 627 6.40 54.88 5.74
C GLU C 627 5.31 54.49 6.75
N GLU C 628 5.17 53.20 7.06
CA GLU C 628 4.11 52.71 7.96
C GLU C 628 4.51 52.68 9.43
N ILE C 629 5.81 52.71 9.71
CA ILE C 629 6.33 52.55 11.06
C ILE C 629 7.16 53.78 11.40
N ARG C 630 6.73 54.56 12.38
CA ARG C 630 7.43 55.80 12.70
C ARG C 630 8.85 55.50 13.16
N ASP C 631 9.74 56.49 13.03
CA ASP C 631 11.18 56.30 13.15
C ASP C 631 11.56 55.82 14.54
N GLN C 632 10.86 56.36 15.54
CA GLN C 632 11.12 56.07 16.95
C GLN C 632 10.87 54.59 17.24
N VAL C 633 9.90 54.00 16.54
CA VAL C 633 9.64 52.58 16.66
C VAL C 633 10.75 51.77 16.00
N GLN C 634 11.10 52.14 14.77
CA GLN C 634 12.16 51.47 14.06
C GLN C 634 13.50 51.57 14.79
N GLU C 635 13.80 52.75 15.35
CA GLU C 635 15.09 53.00 15.99
C GLU C 635 15.31 52.08 17.20
N SER C 636 14.22 51.57 17.78
CA SER C 636 14.32 50.60 18.86
C SER C 636 15.06 49.31 18.45
N ALA C 637 14.91 48.90 17.19
CA ALA C 637 15.48 47.64 16.75
C ALA C 637 16.52 47.76 15.63
N PHE C 638 16.67 48.94 15.02
CA PHE C 638 17.61 49.12 13.88
C PHE C 638 18.32 50.45 13.82
N ARG C 639 19.56 50.40 13.33
CA ARG C 639 20.22 51.57 12.75
C ARG C 639 19.93 51.52 11.25
N LYS C 640 20.21 52.61 10.55
CA LYS C 640 19.96 52.69 9.10
C LYS C 640 21.09 53.41 8.37
N LEU C 641 21.33 52.99 7.12
CA LEU C 641 22.22 53.71 6.22
C LEU C 641 21.43 54.07 4.97
N GLN C 642 21.22 55.37 4.75
CA GLN C 642 20.39 55.84 3.65
C GLN C 642 21.04 55.56 2.28
N PRO C 643 20.23 55.43 1.20
CA PRO C 643 20.70 54.98 -0.12
C PRO C 643 21.77 55.84 -0.80
N ILE C 644 21.85 57.11 -0.44
CA ILE C 644 22.88 57.99 -1.01
C ILE C 644 24.29 57.43 -0.75
N PHE C 645 24.42 56.66 0.32
CA PHE C 645 25.71 56.14 0.74
C PHE C 645 26.14 54.85 0.02
N PHE C 646 25.21 54.24 -0.74
CA PHE C 646 25.59 53.16 -1.67
C PHE C 646 25.09 53.40 -3.10
N GLU C 647 24.80 54.65 -3.43
CA GLU C 647 24.36 55.02 -4.78
C GLU C 647 25.43 54.73 -5.83
N ARG C 648 26.68 54.99 -5.48
CA ARG C 648 27.81 54.69 -6.35
C ARG C 648 27.87 53.19 -6.65
N MET C 649 27.59 52.36 -5.66
CA MET C 649 27.59 50.92 -5.86
C MET C 649 26.50 50.50 -6.86
N PHE C 650 25.33 51.11 -6.74
CA PHE C 650 24.21 50.82 -7.64
C PHE C 650 24.51 51.29 -9.07
N LYS C 651 25.02 52.51 -9.21
CA LYS C 651 25.32 53.04 -10.55
C LYS C 651 26.22 52.09 -11.36
N GLU C 652 27.21 51.49 -10.71
CA GLU C 652 28.03 50.49 -11.40
C GLU C 652 27.31 49.15 -11.56
N HIS C 653 26.73 48.64 -10.48
CA HIS C 653 26.28 47.24 -10.40
C HIS C 653 24.78 46.98 -10.64
N TYR C 654 23.97 48.00 -10.88
CA TYR C 654 22.57 47.78 -11.24
C TYR C 654 22.25 48.30 -12.66
N LYS C 655 21.63 47.44 -13.47
CA LYS C 655 21.20 47.80 -14.83
C LYS C 655 19.66 47.93 -14.99
N GLY C 656 18.91 47.66 -13.92
CA GLY C 656 17.44 47.74 -14.00
C GLY C 656 16.94 49.17 -13.96
N ASN C 657 15.65 49.32 -13.67
CA ASN C 657 14.98 50.63 -13.65
C ASN C 657 14.69 51.14 -12.25
N TYR C 658 14.89 52.43 -12.04
CA TYR C 658 14.62 53.07 -10.75
C TYR C 658 13.18 53.57 -10.73
N VAL C 659 12.46 53.25 -9.64
CA VAL C 659 11.06 53.62 -9.47
C VAL C 659 10.86 54.32 -8.13
N HIS D 10 -32.22 17.98 21.53
CA HIS D 10 -30.98 18.49 20.86
C HIS D 10 -31.30 19.20 19.55
N ALA D 11 -30.40 20.09 19.13
CA ALA D 11 -30.58 20.87 17.89
C ALA D 11 -29.90 20.25 16.67
N GLU D 12 -28.88 19.42 16.89
CA GLU D 12 -28.10 18.75 15.84
C GLU D 12 -28.91 18.32 14.59
N THR D 13 -28.46 18.76 13.41
CA THR D 13 -29.12 18.45 12.14
C THR D 13 -28.55 17.24 11.41
N ARG D 14 -27.33 16.83 11.74
CA ARG D 14 -26.59 15.80 10.99
C ARG D 14 -26.65 14.42 11.64
N ILE D 15 -26.50 13.39 10.82
CA ILE D 15 -26.38 12.01 11.31
C ILE D 15 -24.93 11.75 11.71
N VAL D 16 -24.00 12.09 10.82
CA VAL D 16 -22.57 12.07 11.14
C VAL D 16 -22.14 13.45 11.65
N THR D 17 -21.75 13.53 12.92
CA THR D 17 -21.40 14.81 13.55
C THR D 17 -19.88 15.01 13.59
N ASP D 18 -19.39 15.86 14.49
CA ASP D 18 -17.95 16.12 14.64
C ASP D 18 -17.30 15.20 15.68
N ALA D 19 -18.09 14.31 16.28
CA ALA D 19 -17.58 13.40 17.29
C ALA D 19 -16.64 12.37 16.67
N PRO D 20 -15.70 11.84 17.48
CA PRO D 20 -14.73 10.88 16.96
C PRO D 20 -15.40 9.56 16.62
N ARG D 21 -15.12 9.04 15.43
CA ARG D 21 -15.77 7.82 14.98
C ARG D 21 -15.09 6.59 15.56
N ASN D 22 -15.88 5.53 15.79
CA ASN D 22 -15.41 4.32 16.46
C ASN D 22 -14.87 4.54 17.87
N SER D 23 -15.53 5.42 18.62
CA SER D 23 -15.12 5.73 20.00
C SER D 23 -15.99 5.04 21.07
N GLU D 24 -17.14 4.49 20.67
CA GLU D 24 -18.00 3.77 21.60
C GLU D 24 -18.53 2.49 20.98
N SER D 25 -18.82 1.51 21.81
CA SER D 25 -19.24 0.20 21.34
C SER D 25 -20.71 0.20 20.95
N VAL D 26 -21.05 -0.58 19.93
CA VAL D 26 -22.44 -0.77 19.49
C VAL D 26 -23.25 -1.47 20.59
N GLY D 27 -22.61 -2.42 21.26
CA GLY D 27 -23.22 -3.18 22.35
C GLY D 27 -23.52 -2.39 23.62
N ASP D 28 -23.11 -1.13 23.66
CA ASP D 28 -23.52 -0.22 24.72
C ASP D 28 -24.71 0.64 24.26
N HIS D 29 -25.07 0.55 22.98
CA HIS D 29 -26.17 1.33 22.41
C HIS D 29 -27.22 0.42 21.76
N LEU D 30 -27.57 -0.69 22.42
CA LEU D 30 -28.55 -1.62 21.87
C LEU D 30 -29.98 -1.10 22.06
N PHE D 31 -30.85 -1.43 21.12
CA PHE D 31 -32.19 -0.84 21.04
C PHE D 31 -33.23 -1.62 21.86
N ASN D 32 -33.93 -0.92 22.75
CA ASN D 32 -34.86 -1.55 23.70
C ASN D 32 -36.36 -1.48 23.30
N GLY D 33 -36.65 -1.24 22.03
CA GLY D 33 -38.04 -1.27 21.54
C GLY D 33 -39.02 -0.29 22.17
N GLY D 34 -38.50 0.66 22.96
CA GLY D 34 -39.32 1.58 23.73
C GLY D 34 -38.89 3.03 23.62
N VAL D 35 -37.58 3.27 23.74
CA VAL D 35 -37.00 4.61 23.67
C VAL D 35 -35.94 4.71 22.58
N ASN D 36 -35.91 5.83 21.86
CA ASN D 36 -34.88 6.10 20.86
C ASN D 36 -33.67 6.75 21.52
N HIS D 37 -32.66 5.93 21.79
CA HIS D 37 -31.41 6.39 22.41
C HIS D 37 -30.66 7.48 21.64
N HIS D 38 -30.97 7.65 20.35
CA HIS D 38 -30.36 8.73 19.58
C HIS D 38 -30.97 10.10 19.93
N ASP D 39 -32.15 10.09 20.56
CA ASP D 39 -32.71 11.33 21.13
C ASP D 39 -31.85 11.86 22.29
N GLU D 40 -31.41 10.97 23.18
CA GLU D 40 -30.58 11.36 24.34
C GLU D 40 -29.11 11.68 23.99
N ASP D 41 -28.58 11.05 22.95
CA ASP D 41 -27.18 11.24 22.53
C ASP D 41 -27.09 11.45 21.02
N PRO D 42 -27.02 12.72 20.56
CA PRO D 42 -26.96 13.01 19.13
C PRO D 42 -25.64 12.65 18.42
N ASP D 43 -24.59 12.33 19.19
CA ASP D 43 -23.32 11.89 18.61
C ASP D 43 -23.23 10.36 18.54
N ALA D 44 -24.25 9.66 19.04
CA ALA D 44 -24.21 8.21 19.22
C ALA D 44 -23.91 7.45 17.93
N TYR D 45 -24.58 7.82 16.84
CA TYR D 45 -24.39 7.14 15.55
C TYR D 45 -22.96 7.31 15.02
N THR D 46 -22.48 8.54 15.11
CA THR D 46 -21.13 8.89 14.69
C THR D 46 -20.08 8.11 15.48
N LYS D 47 -20.28 8.01 16.80
CA LYS D 47 -19.31 7.35 17.69
C LYS D 47 -19.25 5.83 17.57
N MET D 48 -20.39 5.20 17.26
CA MET D 48 -20.47 3.73 17.30
C MET D 48 -20.01 3.03 16.01
N TYR D 49 -19.95 3.76 14.91
CA TYR D 49 -19.49 3.20 13.64
C TYR D 49 -18.24 3.92 13.13
N GLY D 50 -17.51 3.23 12.25
CA GLY D 50 -16.26 3.75 11.71
C GLY D 50 -16.43 4.81 10.64
N PRO D 51 -15.31 5.34 10.14
CA PRO D 51 -15.37 6.35 9.10
C PRO D 51 -15.73 5.76 7.75
N LEU D 52 -16.48 6.52 6.96
CA LEU D 52 -16.72 6.18 5.57
C LEU D 52 -15.41 6.29 4.81
N VAL D 53 -15.25 5.45 3.79
CA VAL D 53 -14.01 5.43 3.01
C VAL D 53 -13.72 6.76 2.33
N GLY D 54 -14.77 7.52 2.01
CA GLY D 54 -14.62 8.83 1.37
C GLY D 54 -15.09 8.80 -0.08
N TYR D 55 -15.85 9.81 -0.48
CA TYR D 55 -16.36 9.91 -1.83
C TYR D 55 -15.42 10.72 -2.74
N ASP D 56 -15.12 10.15 -3.91
CA ASP D 56 -14.33 10.83 -4.94
C ASP D 56 -15.23 11.23 -6.10
N PRO D 57 -15.48 12.54 -6.27
CA PRO D 57 -16.39 12.99 -7.34
C PRO D 57 -15.92 12.69 -8.77
N ARG D 58 -14.62 12.49 -8.97
CA ARG D 58 -14.08 12.17 -10.29
C ARG D 58 -13.89 10.66 -10.51
N ASN D 59 -14.22 9.85 -9.49
CA ASN D 59 -14.23 8.39 -9.59
C ASN D 59 -15.41 7.80 -8.77
N PRO D 60 -16.66 8.05 -9.22
CA PRO D 60 -17.84 7.74 -8.41
C PRO D 60 -17.99 6.25 -8.04
N THR D 61 -17.27 5.40 -8.75
CA THR D 61 -17.19 3.97 -8.43
C THR D 61 -16.69 3.69 -7.00
N THR D 62 -16.05 4.69 -6.37
CA THR D 62 -15.66 4.61 -4.95
C THR D 62 -16.83 4.42 -3.98
N LEU D 63 -18.03 4.80 -4.41
CA LEU D 63 -19.24 4.56 -3.63
C LEU D 63 -19.45 3.07 -3.34
N PHE D 64 -18.95 2.22 -4.22
CA PHE D 64 -19.11 0.76 -4.10
C PHE D 64 -17.84 0.01 -3.67
N ALA D 65 -16.67 0.56 -4.01
CA ALA D 65 -15.40 -0.16 -3.85
C ALA D 65 -14.96 -0.25 -2.40
N GLN D 73 -15.42 -9.18 -11.67
CA GLN D 73 -16.25 -10.38 -11.51
C GLN D 73 -17.64 -10.18 -12.12
N LEU D 74 -18.03 -11.11 -13.00
CA LEU D 74 -19.32 -11.07 -13.69
C LEU D 74 -20.48 -11.01 -12.70
N VAL D 75 -21.49 -10.19 -13.01
CA VAL D 75 -22.70 -10.12 -12.17
C VAL D 75 -23.44 -11.47 -12.20
N ALA D 76 -23.32 -12.18 -13.32
CA ALA D 76 -23.97 -13.48 -13.51
C ALA D 76 -22.93 -14.54 -13.91
N PRO D 77 -22.12 -15.02 -12.92
CA PRO D 77 -21.13 -16.02 -13.27
C PRO D 77 -21.79 -17.35 -13.63
N ARG D 78 -21.19 -18.07 -14.57
CA ARG D 78 -21.64 -19.41 -14.91
C ARG D 78 -21.08 -20.36 -13.85
N LYS D 79 -21.95 -20.87 -12.98
CA LYS D 79 -21.55 -21.85 -11.97
C LYS D 79 -22.69 -22.79 -11.70
N ALA D 80 -22.41 -24.09 -11.71
CA ALA D 80 -23.42 -25.10 -11.44
C ALA D 80 -24.12 -24.81 -10.11
N ARG D 81 -25.43 -25.04 -10.07
CA ARG D 81 -26.18 -24.94 -8.83
C ARG D 81 -26.29 -26.31 -8.20
N GLU D 82 -26.29 -26.34 -6.87
CA GLU D 82 -26.62 -27.55 -6.14
C GLU D 82 -28.14 -27.56 -5.99
N ILE D 83 -28.81 -28.39 -6.80
CA ILE D 83 -30.28 -28.39 -6.86
C ILE D 83 -30.90 -29.24 -5.74
N LEU D 84 -30.18 -30.27 -5.33
CA LEU D 84 -30.53 -31.12 -4.19
C LEU D 84 -29.21 -31.54 -3.57
N THR D 85 -29.22 -31.99 -2.33
CA THR D 85 -28.00 -32.36 -1.63
C THR D 85 -27.13 -33.34 -2.44
N GLY D 86 -26.02 -32.84 -2.98
CA GLY D 86 -25.07 -33.66 -3.75
C GLY D 86 -25.31 -33.75 -5.25
N ILE D 87 -26.36 -33.09 -5.73
CA ILE D 87 -26.71 -33.09 -7.15
C ILE D 87 -26.43 -31.71 -7.75
N TYR D 88 -25.55 -31.65 -8.74
CA TYR D 88 -25.13 -30.39 -9.34
C TYR D 88 -25.56 -30.29 -10.80
N SER D 89 -25.99 -29.09 -11.20
CA SER D 89 -26.77 -28.91 -12.43
C SER D 89 -26.03 -29.12 -13.75
N PHE D 90 -24.70 -29.13 -13.74
CA PHE D 90 -23.93 -29.34 -14.97
C PHE D 90 -23.59 -30.82 -15.18
N GLU D 91 -23.98 -31.69 -14.25
CA GLU D 91 -23.70 -33.12 -14.35
C GLU D 91 -24.48 -33.73 -15.52
N PRO D 92 -23.80 -34.53 -16.37
CA PRO D 92 -24.47 -35.23 -17.46
C PRO D 92 -25.64 -36.12 -17.02
N THR D 93 -25.51 -36.75 -15.84
CA THR D 93 -26.59 -37.55 -15.30
C THR D 93 -27.86 -36.72 -15.11
N VAL D 94 -27.72 -35.48 -14.66
CA VAL D 94 -28.87 -34.59 -14.43
C VAL D 94 -29.54 -34.19 -15.75
N LEU D 95 -28.73 -33.77 -16.74
CA LEU D 95 -29.25 -33.42 -18.06
C LEU D 95 -30.01 -34.57 -18.70
N ALA D 96 -29.44 -35.78 -18.64
CA ALA D 96 -30.11 -36.96 -19.21
C ALA D 96 -31.44 -37.22 -18.51
N PHE D 97 -31.50 -36.95 -17.22
CA PHE D 97 -32.73 -37.06 -16.46
C PHE D 97 -33.74 -35.98 -16.86
N GLN D 98 -33.27 -34.74 -17.05
CA GLN D 98 -34.13 -33.62 -17.49
C GLN D 98 -34.79 -33.93 -18.83
N ARG D 99 -34.05 -34.61 -19.70
CA ARG D 99 -34.56 -34.98 -21.02
C ARG D 99 -35.70 -35.96 -20.91
N GLU D 100 -35.50 -37.03 -20.15
CA GLU D 100 -36.47 -38.12 -20.03
C GLU D 100 -37.72 -37.66 -19.27
N PHE D 101 -37.54 -36.91 -18.18
CA PHE D 101 -38.67 -36.32 -17.47
C PHE D 101 -39.54 -35.45 -18.37
N VAL D 102 -38.92 -34.57 -19.13
CA VAL D 102 -39.67 -33.65 -19.97
C VAL D 102 -40.40 -34.41 -21.08
N LYS D 103 -39.72 -35.34 -21.76
CA LYS D 103 -40.36 -36.15 -22.79
C LYS D 103 -41.61 -36.84 -22.24
N ARG D 104 -41.47 -37.47 -21.09
CA ARG D 104 -42.57 -38.23 -20.53
C ARG D 104 -43.65 -37.36 -19.91
N ALA D 105 -43.27 -36.22 -19.35
CA ALA D 105 -44.25 -35.24 -18.88
C ALA D 105 -45.07 -34.71 -20.05
N ASN D 106 -44.41 -34.30 -21.13
CA ASN D 106 -45.13 -33.84 -22.33
C ASN D 106 -46.03 -34.94 -22.92
N ALA D 107 -45.59 -36.19 -22.83
CA ALA D 107 -46.35 -37.31 -23.36
C ALA D 107 -47.66 -37.53 -22.60
N VAL D 108 -47.65 -37.29 -21.30
CA VAL D 108 -48.80 -37.65 -20.46
C VAL D 108 -49.78 -36.50 -20.30
N ALA D 109 -49.31 -35.26 -20.40
CA ALA D 109 -50.19 -34.08 -20.35
C ALA D 109 -49.70 -33.02 -21.33
N GLN D 110 -50.61 -32.55 -22.18
CA GLN D 110 -50.37 -31.40 -23.04
C GLN D 110 -51.37 -30.30 -22.66
N PRO D 111 -50.97 -29.03 -22.87
CA PRO D 111 -51.89 -27.95 -22.50
C PRO D 111 -53.17 -27.96 -23.33
N ASP D 112 -54.30 -27.79 -22.68
CA ASP D 112 -55.61 -27.80 -23.33
C ASP D 112 -56.31 -26.46 -23.11
N LEU D 113 -56.02 -25.50 -24.00
CA LEU D 113 -56.58 -24.16 -23.91
C LEU D 113 -57.74 -24.00 -24.89
N ASN D 114 -58.86 -23.47 -24.40
CA ASN D 114 -59.98 -23.08 -25.28
C ASN D 114 -59.69 -21.76 -26.01
N SER D 115 -60.64 -21.28 -26.81
CA SER D 115 -60.43 -20.06 -27.62
C SER D 115 -60.13 -18.79 -26.80
N ASP D 116 -60.77 -18.64 -25.65
CA ASP D 116 -60.51 -17.49 -24.77
C ASP D 116 -59.21 -17.59 -23.96
N GLY D 117 -58.49 -18.70 -24.10
CA GLY D 117 -57.19 -18.87 -23.47
C GLY D 117 -57.27 -19.54 -22.11
N PHE D 118 -58.43 -20.11 -21.77
CA PHE D 118 -58.62 -20.79 -20.50
C PHE D 118 -58.23 -22.25 -20.61
N SER D 119 -57.54 -22.76 -19.58
CA SER D 119 -57.13 -24.14 -19.53
C SER D 119 -58.28 -25.02 -19.04
N LEU D 120 -58.55 -26.08 -19.77
CA LEU D 120 -59.65 -26.99 -19.43
C LEU D 120 -59.17 -28.18 -18.60
N ASN D 121 -57.86 -28.43 -18.61
CA ASN D 121 -57.28 -29.52 -17.81
C ASN D 121 -56.31 -29.06 -16.71
N GLY D 122 -56.03 -27.75 -16.64
CA GLY D 122 -55.16 -27.18 -15.62
C GLY D 122 -53.74 -26.88 -16.05
N LEU D 123 -53.30 -27.49 -17.16
CA LEU D 123 -51.96 -27.25 -17.71
C LEU D 123 -52.08 -26.11 -18.73
N HIS D 124 -51.06 -25.26 -18.80
CA HIS D 124 -51.16 -24.05 -19.65
C HIS D 124 -50.07 -23.94 -20.73
N THR D 125 -48.97 -24.67 -20.53
CA THR D 125 -47.87 -24.67 -21.47
C THR D 125 -47.26 -26.06 -21.45
N THR D 126 -46.19 -26.26 -22.22
CA THR D 126 -45.52 -27.56 -22.23
C THR D 126 -44.57 -27.65 -21.03
N PHE D 127 -43.82 -28.75 -20.93
CA PHE D 127 -42.74 -28.88 -19.94
C PHE D 127 -41.32 -28.57 -20.47
N ASP D 128 -41.22 -28.07 -21.70
CA ASP D 128 -39.91 -27.85 -22.35
C ASP D 128 -38.96 -26.92 -21.58
N SER D 129 -39.50 -26.01 -20.78
CA SER D 129 -38.68 -25.05 -20.04
C SER D 129 -37.82 -25.72 -18.98
N ILE D 130 -38.22 -26.93 -18.57
CA ILE D 130 -37.47 -27.70 -17.59
C ILE D 130 -36.15 -28.25 -18.18
N ARG D 131 -36.05 -28.30 -19.50
CA ARG D 131 -34.75 -28.45 -20.16
C ARG D 131 -34.02 -27.11 -20.17
N SER D 132 -33.76 -26.59 -18.99
CA SER D 132 -32.92 -25.43 -18.80
C SER D 132 -31.83 -25.80 -17.80
N VAL D 133 -30.64 -25.25 -17.99
CA VAL D 133 -29.48 -25.58 -17.15
C VAL D 133 -29.28 -24.51 -16.10
N SER D 134 -29.68 -24.80 -14.87
CA SER D 134 -29.54 -23.84 -13.79
C SER D 134 -28.07 -23.46 -13.62
N GLY D 135 -27.83 -22.18 -13.36
CA GLY D 135 -26.47 -21.68 -13.19
C GLY D 135 -25.68 -21.50 -14.49
N TYR D 136 -26.34 -21.71 -15.62
CA TYR D 136 -25.74 -21.47 -16.93
C TYR D 136 -26.52 -20.33 -17.57
N PRO D 137 -26.07 -19.08 -17.34
CA PRO D 137 -26.87 -17.92 -17.71
C PRO D 137 -26.78 -17.57 -19.19
N GLN D 138 -27.83 -16.93 -19.70
CA GLN D 138 -27.78 -16.27 -21.01
C GLN D 138 -26.91 -15.02 -20.84
N TRP D 139 -25.93 -14.88 -21.72
CA TRP D 139 -25.00 -13.75 -21.69
C TRP D 139 -25.06 -12.99 -23.01
N PRO D 140 -24.89 -11.65 -22.97
CA PRO D 140 -24.80 -10.84 -21.76
C PRO D 140 -26.16 -10.66 -21.09
N VAL D 141 -26.15 -10.32 -19.79
CA VAL D 141 -27.36 -9.83 -19.12
C VAL D 141 -27.68 -8.48 -19.74
N SER D 142 -28.94 -8.26 -20.13
CA SER D 142 -29.29 -7.04 -20.82
C SER D 142 -29.09 -5.82 -19.94
N ALA D 143 -28.42 -4.81 -20.48
CA ALA D 143 -28.15 -3.58 -19.76
C ALA D 143 -29.37 -2.65 -19.80
N LEU D 144 -29.29 -1.57 -19.04
CA LEU D 144 -30.37 -0.62 -18.89
C LEU D 144 -29.96 0.69 -19.57
N PRO D 145 -30.50 0.97 -20.77
CA PRO D 145 -30.12 2.18 -21.50
C PRO D 145 -30.63 3.44 -20.81
N LYS D 146 -30.02 4.58 -21.14
CA LYS D 146 -30.30 5.85 -20.45
C LYS D 146 -31.73 6.35 -20.64
N SER D 147 -32.37 5.96 -21.74
CA SER D 147 -33.78 6.27 -21.99
C SER D 147 -34.54 5.07 -22.56
N ASN D 148 -35.83 4.98 -22.24
CA ASN D 148 -36.66 3.84 -22.62
C ASN D 148 -37.64 4.15 -23.77
N VAL D 149 -37.44 5.27 -24.46
CA VAL D 149 -38.40 5.70 -25.49
C VAL D 149 -38.26 4.83 -26.76
N GLY D 150 -37.14 4.12 -26.86
CA GLY D 150 -36.97 3.09 -27.90
C GLY D 150 -37.84 1.89 -27.64
N LEU D 151 -37.86 1.44 -26.39
CA LEU D 151 -38.75 0.35 -25.98
C LEU D 151 -40.21 0.74 -26.18
N LEU D 152 -40.57 1.96 -25.79
CA LEU D 152 -41.95 2.44 -25.94
C LEU D 152 -42.39 2.47 -27.41
N ARG D 153 -41.47 2.78 -28.32
CA ARG D 153 -41.75 2.75 -29.76
C ARG D 153 -41.87 1.32 -30.28
N ASP D 154 -41.00 0.43 -29.82
CA ASP D 154 -40.99 -0.97 -30.23
CA ASP D 154 -41.01 -0.96 -30.25
C ASP D 154 -42.27 -1.67 -29.78
N LEU D 155 -42.80 -1.26 -28.64
CA LEU D 155 -44.04 -1.80 -28.07
C LEU D 155 -45.30 -1.10 -28.60
N LYS D 156 -45.13 -0.14 -29.51
CA LYS D 156 -46.23 0.65 -30.06
C LYS D 156 -47.16 1.26 -29.00
N LEU D 157 -46.56 1.79 -27.93
CA LEU D 157 -47.33 2.45 -26.87
C LEU D 157 -47.51 3.93 -27.18
N GLN D 158 -48.47 4.55 -26.49
CA GLN D 158 -48.77 5.97 -26.66
C GLN D 158 -47.52 6.84 -26.43
N GLU D 159 -47.44 7.96 -27.15
CA GLU D 159 -46.36 8.93 -26.94
C GLU D 159 -46.58 9.72 -25.65
N ARG D 160 -47.85 9.98 -25.33
CA ARG D 160 -48.23 10.60 -24.06
C ARG D 160 -49.62 10.14 -23.67
N MET D 161 -49.98 10.33 -22.41
CA MET D 161 -51.28 9.90 -21.93
C MET D 161 -52.33 10.79 -22.54
N THR D 162 -53.54 10.26 -22.69
CA THR D 162 -54.67 11.07 -23.14
C THR D 162 -55.05 11.98 -21.99
N ALA D 163 -55.79 13.03 -22.31
CA ALA D 163 -56.27 13.96 -21.29
C ALA D 163 -57.05 13.23 -20.21
N ARG D 164 -57.92 12.30 -20.61
CA ARG D 164 -58.76 11.56 -19.66
C ARG D 164 -57.96 10.63 -18.73
N GLN D 165 -56.89 10.02 -19.27
CA GLN D 165 -56.04 9.12 -18.48
C GLN D 165 -55.25 9.87 -17.40
N VAL D 166 -54.79 11.08 -17.72
CA VAL D 166 -54.17 11.95 -16.73
C VAL D 166 -55.15 12.28 -15.60
N VAL D 167 -56.40 12.54 -15.95
CA VAL D 167 -57.43 12.81 -14.95
C VAL D 167 -57.64 11.58 -14.05
N ILE D 168 -57.69 10.42 -14.67
CA ILE D 168 -57.92 9.19 -13.92
C ILE D 168 -56.70 8.92 -13.02
N ALA D 169 -55.50 9.09 -13.57
CA ALA D 169 -54.27 8.85 -12.80
C ALA D 169 -54.26 9.66 -11.51
N ARG D 170 -54.59 10.95 -11.63
CA ARG D 170 -54.64 11.85 -10.48
C ARG D 170 -55.70 11.42 -9.45
N GLU D 171 -56.86 11.00 -9.92
CA GLU D 171 -57.92 10.53 -9.01
C GLU D 171 -57.50 9.27 -8.21
N ILE D 172 -56.76 8.36 -8.85
CA ILE D 172 -56.35 7.11 -8.20
C ILE D 172 -55.23 7.42 -7.21
N TRP D 173 -54.20 8.11 -7.69
CA TRP D 173 -53.07 8.51 -6.83
C TRP D 173 -53.47 9.40 -5.65
N LYS D 174 -54.42 10.30 -5.85
CA LYS D 174 -54.94 11.12 -4.74
C LYS D 174 -55.49 10.20 -3.61
N ARG D 175 -56.12 9.10 -4.00
CA ARG D 175 -56.64 8.14 -3.02
C ARG D 175 -55.56 7.24 -2.39
N VAL D 176 -54.46 6.99 -3.12
CA VAL D 176 -53.36 6.16 -2.61
C VAL D 176 -52.45 6.97 -1.68
N TRP D 177 -51.88 8.07 -2.19
CA TRP D 177 -51.02 8.93 -1.36
C TRP D 177 -51.82 9.56 -0.21
N GLY D 178 -53.11 9.82 -0.43
CA GLY D 178 -53.97 10.52 0.53
C GLY D 178 -54.46 9.70 1.71
N HIS D 179 -54.11 8.42 1.75
CA HIS D 179 -54.37 7.55 2.89
C HIS D 179 -53.12 6.82 3.32
N MET D 180 -53.01 6.62 4.62
CA MET D 180 -51.81 6.10 5.26
C MET D 180 -52.23 5.35 6.50
N LYS D 181 -51.81 4.10 6.57
CA LYS D 181 -51.92 3.32 7.80
C LYS D 181 -50.51 3.12 8.30
N PRO D 182 -50.10 3.89 9.33
CA PRO D 182 -48.77 3.72 9.91
C PRO D 182 -48.43 2.26 10.23
N THR D 183 -47.32 1.81 9.66
CA THR D 183 -46.87 0.43 9.80
C THR D 183 -45.36 0.38 9.94
N ALA D 184 -44.89 -0.60 10.68
CA ALA D 184 -43.45 -0.80 10.93
C ALA D 184 -42.64 -0.85 9.63
N ILE D 185 -41.50 -0.18 9.62
CA ILE D 185 -40.53 -0.28 8.53
C ILE D 185 -39.86 -1.65 8.60
N LYS D 186 -39.67 -2.29 7.45
CA LYS D 186 -38.93 -3.56 7.38
C LYS D 186 -37.44 -3.29 7.15
N ILE D 187 -36.61 -3.85 8.04
CA ILE D 187 -35.17 -3.71 7.93
C ILE D 187 -34.61 -5.07 7.52
N PRO D 188 -34.19 -5.21 6.26
CA PRO D 188 -33.78 -6.53 5.80
C PRO D 188 -32.47 -7.01 6.42
N LYS D 189 -32.42 -8.29 6.76
CA LYS D 189 -31.28 -8.88 7.45
C LYS D 189 -30.24 -9.47 6.50
N MET D 190 -30.68 -9.83 5.30
CA MET D 190 -29.87 -10.63 4.39
CA MET D 190 -29.88 -10.64 4.39
C MET D 190 -29.18 -9.79 3.32
N SER D 191 -29.83 -8.70 2.88
CA SER D 191 -29.36 -7.92 1.74
C SER D 191 -28.41 -6.76 2.09
N THR D 192 -27.63 -6.34 1.10
CA THR D 192 -26.70 -5.24 1.28
C THR D 192 -27.43 -3.92 1.52
N SER D 193 -26.77 -3.02 2.26
CA SER D 193 -27.27 -1.67 2.48
C SER D 193 -27.04 -0.78 1.27
N GLY D 194 -26.26 -1.26 0.31
CA GLY D 194 -25.82 -0.42 -0.78
C GLY D 194 -24.85 0.65 -0.27
N PRO D 195 -24.45 1.55 -1.18
CA PRO D 195 -23.56 2.65 -0.80
C PRO D 195 -24.13 3.47 0.39
N PRO D 196 -23.25 4.07 1.19
CA PRO D 196 -21.78 4.07 1.10
C PRO D 196 -21.06 2.95 1.85
N ARG D 197 -21.78 2.18 2.67
CA ARG D 197 -21.13 1.14 3.49
C ARG D 197 -21.09 -0.23 2.82
N ASN D 198 -22.12 -0.55 2.04
CA ASN D 198 -22.21 -1.83 1.33
C ASN D 198 -22.06 -3.03 2.28
N VAL D 199 -22.88 -3.04 3.32
CA VAL D 199 -22.85 -4.09 4.35
C VAL D 199 -24.25 -4.66 4.55
N ASN D 200 -24.33 -5.93 4.98
CA ASN D 200 -25.62 -6.52 5.34
C ASN D 200 -25.90 -6.47 6.86
N ASP D 201 -25.37 -5.44 7.53
CA ASP D 201 -25.51 -5.30 8.97
C ASP D 201 -26.85 -4.64 9.29
N ALA D 202 -27.83 -5.46 9.67
CA ALA D 202 -29.18 -4.98 10.02
C ALA D 202 -29.19 -4.10 11.28
N GLU D 203 -28.22 -4.31 12.18
CA GLU D 203 -28.09 -3.46 13.35
C GLU D 203 -27.79 -2.03 12.91
N MET D 204 -26.75 -1.87 12.07
CA MET D 204 -26.40 -0.59 11.49
C MET D 204 -27.61 0.07 10.83
N LYS D 205 -28.25 -0.65 9.91
CA LYS D 205 -29.44 -0.15 9.21
C LYS D 205 -30.49 0.35 10.19
N LEU D 206 -30.69 -0.38 11.28
CA LEU D 206 -31.62 0.04 12.34
C LEU D 206 -31.12 1.28 13.09
N GLN D 207 -29.83 1.30 13.44
CA GLN D 207 -29.24 2.45 14.15
C GLN D 207 -29.26 3.70 13.29
N TYR D 208 -29.01 3.52 11.98
CA TYR D 208 -29.12 4.61 11.03
C TYR D 208 -30.54 5.16 10.99
N ALA D 209 -31.50 4.26 10.88
CA ALA D 209 -32.91 4.64 10.83
C ALA D 209 -33.33 5.40 12.08
N LEU D 210 -32.83 4.98 13.23
CA LEU D 210 -33.16 5.63 14.51
C LEU D 210 -32.54 7.01 14.60
N ALA D 211 -31.32 7.13 14.08
CA ALA D 211 -30.60 8.42 14.04
C ALA D 211 -31.35 9.40 13.15
N LEU D 212 -31.64 8.96 11.93
CA LEU D 212 -32.40 9.73 10.97
C LEU D 212 -33.69 10.30 11.58
N PHE D 213 -34.43 9.45 12.30
CA PHE D 213 -35.72 9.88 12.87
C PHE D 213 -35.62 10.53 14.27
N SER D 214 -34.41 10.79 14.75
CA SER D 214 -34.23 11.52 16.01
C SER D 214 -33.97 13.00 15.73
N GLY D 215 -34.60 13.86 16.52
CA GLY D 215 -34.46 15.31 16.37
C GLY D 215 -34.73 15.85 14.97
N ASN D 216 -33.88 16.78 14.54
CA ASN D 216 -34.04 17.47 13.27
C ASN D 216 -33.35 16.75 12.11
N ARG D 217 -32.88 15.52 12.35
CA ARG D 217 -32.02 14.86 11.37
C ARG D 217 -32.73 14.54 10.05
N TYR D 218 -34.03 14.25 10.09
CA TYR D 218 -34.79 14.01 8.86
C TYR D 218 -34.85 15.30 8.04
N ASN D 219 -35.19 16.41 8.68
CA ASN D 219 -35.20 17.71 8.01
C ASN D 219 -33.80 18.11 7.55
N GLY D 220 -32.79 17.84 8.38
CA GLY D 220 -31.40 18.07 8.01
C GLY D 220 -31.03 17.26 6.78
N TYR D 221 -31.39 15.98 6.80
CA TYR D 221 -31.21 15.05 5.69
C TYR D 221 -31.78 15.61 4.38
N LEU D 222 -33.00 16.14 4.44
CA LEU D 222 -33.67 16.69 3.24
C LEU D 222 -33.04 17.99 2.74
N ASP D 223 -32.55 18.82 3.66
CA ASP D 223 -31.78 20.01 3.28
C ASP D 223 -30.51 19.64 2.51
N ALA D 224 -29.77 18.67 3.03
CA ALA D 224 -28.54 18.20 2.39
C ALA D 224 -28.85 17.59 1.01
N PHE D 225 -29.90 16.78 0.93
CA PHE D 225 -30.31 16.19 -0.34
C PHE D 225 -30.57 17.28 -1.38
N LYS D 226 -31.44 18.22 -1.04
CA LYS D 226 -31.91 19.20 -2.01
C LYS D 226 -30.84 20.26 -2.32
N SER D 227 -29.79 20.35 -1.49
CA SER D 227 -28.69 21.29 -1.76
C SER D 227 -27.98 20.94 -3.07
N GLY D 228 -27.95 19.65 -3.42
CA GLY D 228 -27.32 19.20 -4.66
C GLY D 228 -25.84 18.88 -4.51
N ASP D 229 -25.30 19.16 -3.31
CA ASP D 229 -23.91 18.87 -2.98
C ASP D 229 -23.76 17.42 -2.51
N LEU D 230 -23.40 16.52 -3.43
CA LEU D 230 -23.25 15.08 -3.11
C LEU D 230 -22.28 14.81 -1.98
N SER D 231 -21.18 15.56 -1.93
CA SER D 231 -20.19 15.36 -0.90
C SER D 231 -20.75 15.63 0.50
N ARG D 232 -21.63 16.63 0.62
CA ARG D 232 -22.32 16.93 1.87
C ARG D 232 -23.28 15.81 2.31
N PHE D 233 -24.17 15.43 1.39
CA PHE D 233 -25.14 14.33 1.61
C PHE D 233 -24.41 13.07 2.11
N TYR D 234 -23.36 12.71 1.41
CA TYR D 234 -22.53 11.56 1.75
C TYR D 234 -21.88 11.74 3.12
N ARG D 235 -21.19 12.88 3.30
CA ARG D 235 -20.40 13.10 4.51
C ARG D 235 -21.27 13.16 5.76
N ASP D 236 -22.35 13.93 5.70
CA ASP D 236 -23.14 14.23 6.89
C ASP D 236 -24.30 13.28 7.14
N TYR D 237 -24.69 12.52 6.12
CA TYR D 237 -25.84 11.62 6.22
C TYR D 237 -25.63 10.19 5.67
N GLU D 238 -24.39 9.83 5.33
CA GLU D 238 -24.09 8.52 4.75
C GLU D 238 -25.08 8.15 3.64
N ALA D 239 -25.31 9.12 2.75
CA ALA D 239 -26.35 9.01 1.74
C ALA D 239 -25.82 9.43 0.37
N ALA D 240 -26.16 8.64 -0.64
CA ALA D 240 -25.83 8.95 -2.03
C ALA D 240 -26.88 8.31 -2.94
N VAL D 241 -27.37 9.10 -3.91
CA VAL D 241 -28.40 8.65 -4.84
C VAL D 241 -27.77 7.93 -6.03
N ILE D 242 -27.66 6.62 -5.90
CA ILE D 242 -27.15 5.76 -6.95
C ILE D 242 -27.68 4.37 -6.70
N MET D 243 -27.85 3.60 -7.77
CA MET D 243 -28.34 2.23 -7.69
C MET D 243 -27.19 1.27 -7.97
N GLY D 244 -27.18 0.15 -7.26
CA GLY D 244 -26.33 -0.97 -7.59
C GLY D 244 -27.04 -1.85 -8.59
N THR D 245 -26.43 -2.99 -8.92
CA THR D 245 -27.06 -3.96 -9.81
CA THR D 245 -27.02 -3.95 -9.84
C THR D 245 -26.91 -5.38 -9.28
N ASN D 246 -27.90 -6.22 -9.62
CA ASN D 246 -27.88 -7.66 -9.39
C ASN D 246 -28.65 -8.29 -10.55
N VAL D 247 -28.66 -9.62 -10.61
CA VAL D 247 -29.29 -10.38 -11.68
C VAL D 247 -30.32 -11.35 -11.10
N ARG D 248 -31.49 -11.46 -11.74
CA ARG D 248 -32.44 -12.53 -11.44
C ARG D 248 -32.47 -13.54 -12.58
N TRP D 249 -32.56 -14.82 -12.22
CA TRP D 249 -32.50 -15.90 -13.18
C TRP D 249 -33.84 -16.60 -13.20
N GLN D 250 -34.23 -17.05 -14.38
CA GLN D 250 -35.39 -17.94 -14.52
C GLN D 250 -35.19 -18.84 -15.72
N VAL D 251 -35.94 -19.94 -15.75
CA VAL D 251 -35.89 -20.86 -16.88
C VAL D 251 -36.32 -20.19 -18.18
N ASP D 252 -35.89 -20.76 -19.28
CA ASP D 252 -36.38 -20.34 -20.57
C ASP D 252 -36.81 -21.54 -21.39
N ASN D 253 -37.47 -21.22 -22.49
CA ASN D 253 -37.78 -22.16 -23.52
CA ASN D 253 -37.77 -22.18 -23.53
C ASN D 253 -36.56 -22.42 -24.42
N PRO D 254 -36.16 -23.69 -24.60
CA PRO D 254 -35.02 -23.94 -25.47
C PRO D 254 -35.16 -23.29 -26.85
N GLY D 255 -34.14 -22.57 -27.29
CA GLY D 255 -34.11 -21.97 -28.64
C GLY D 255 -34.96 -20.74 -28.83
N LYS D 256 -35.53 -20.22 -27.74
CA LYS D 256 -36.29 -18.97 -27.81
C LYS D 256 -35.32 -17.84 -28.16
N LYS D 257 -35.66 -17.05 -29.18
CA LYS D 257 -34.82 -15.90 -29.54
C LYS D 257 -35.04 -14.77 -28.55
N ARG D 258 -33.95 -14.28 -27.96
CA ARG D 258 -33.97 -13.17 -27.02
C ARG D 258 -33.01 -12.10 -27.52
N ASP D 259 -33.25 -10.84 -27.13
CA ASP D 259 -32.29 -9.77 -27.44
CA ASP D 259 -32.41 -9.67 -27.45
C ASP D 259 -31.85 -9.06 -26.16
N TYR D 260 -30.82 -8.22 -26.28
CA TYR D 260 -30.24 -7.51 -25.13
C TYR D 260 -29.61 -6.17 -25.51
N TRP D 261 -29.56 -5.24 -24.57
CA TRP D 261 -28.81 -4.00 -24.72
C TRP D 261 -27.37 -4.23 -24.25
N ALA D 262 -26.42 -3.93 -25.13
CA ALA D 262 -25.01 -4.19 -24.87
C ALA D 262 -24.37 -3.01 -24.16
N GLN D 263 -23.44 -3.31 -23.25
CA GLN D 263 -22.75 -2.26 -22.50
C GLN D 263 -22.08 -1.27 -23.45
N ALA D 264 -21.47 -1.78 -24.52
CA ALA D 264 -20.81 -0.96 -25.53
C ALA D 264 -21.72 0.07 -26.21
N ASP D 265 -23.03 -0.17 -26.24
CA ASP D 265 -23.97 0.74 -26.93
C ASP D 265 -24.59 1.83 -26.04
N ILE D 266 -24.42 1.75 -24.73
CA ILE D 266 -25.11 2.63 -23.79
C ILE D 266 -24.70 4.11 -23.86
N GLU D 267 -23.39 4.37 -23.95
CA GLU D 267 -22.90 5.76 -24.07
C GLU D 267 -23.06 6.31 -25.49
N ARG D 268 -23.22 5.43 -26.48
CA ARG D 268 -23.37 5.85 -27.88
C ARG D 268 -24.68 6.60 -28.12
N GLU D 269 -25.78 6.05 -27.61
CA GLU D 269 -27.12 6.60 -27.82
C GLU D 269 -27.99 6.49 -26.58
N LEU D 270 -28.92 7.43 -26.42
CA LEU D 270 -29.90 7.36 -25.34
C LEU D 270 -30.65 6.02 -25.40
N ALA D 271 -31.27 5.75 -26.55
CA ALA D 271 -32.06 4.53 -26.74
C ALA D 271 -31.50 3.73 -27.92
N PRO D 272 -30.45 2.93 -27.67
CA PRO D 272 -29.84 2.11 -28.72
C PRO D 272 -30.65 0.84 -28.99
N SER D 273 -30.46 0.27 -30.18
CA SER D 273 -31.11 -0.97 -30.57
C SER D 273 -30.50 -2.15 -29.83
N LYS D 274 -31.27 -3.24 -29.70
CA LYS D 274 -30.80 -4.44 -29.04
C LYS D 274 -30.04 -5.35 -30.00
N ARG D 275 -29.20 -6.22 -29.45
CA ARG D 275 -28.54 -7.26 -30.23
C ARG D 275 -29.09 -8.63 -29.84
N PRO D 276 -28.92 -9.63 -30.72
CA PRO D 276 -29.33 -11.00 -30.41
C PRO D 276 -28.45 -11.71 -29.36
N ILE D 277 -29.07 -12.36 -28.38
CA ILE D 277 -28.37 -13.27 -27.47
C ILE D 277 -28.07 -14.56 -28.24
N THR D 278 -26.80 -14.99 -28.28
CA THR D 278 -26.40 -16.21 -29.00
C THR D 278 -25.93 -17.33 -28.07
N THR D 279 -26.06 -17.13 -26.76
CA THR D 279 -25.63 -18.14 -25.81
C THR D 279 -26.25 -19.52 -26.09
N LYS D 280 -25.39 -20.54 -26.14
CA LYS D 280 -25.79 -21.93 -26.31
C LYS D 280 -25.24 -22.72 -25.13
N VAL D 281 -25.89 -23.82 -24.80
CA VAL D 281 -25.45 -24.68 -23.72
C VAL D 281 -24.42 -25.70 -24.23
N GLU D 282 -23.18 -25.52 -23.79
CA GLU D 282 -22.10 -26.45 -24.09
C GLU D 282 -21.31 -26.70 -22.82
N ILE D 283 -21.25 -27.96 -22.39
CA ILE D 283 -20.61 -28.32 -21.12
C ILE D 283 -19.56 -29.39 -21.36
N ASN D 284 -18.31 -29.05 -21.08
CA ASN D 284 -17.17 -29.95 -21.33
C ASN D 284 -17.11 -30.45 -22.77
N GLY D 285 -17.38 -29.56 -23.72
CA GLY D 285 -17.27 -29.90 -25.14
C GLY D 285 -18.48 -30.57 -25.74
N THR D 286 -19.40 -31.04 -24.89
CA THR D 286 -20.67 -31.59 -25.37
C THR D 286 -21.67 -30.45 -25.56
N VAL D 287 -22.24 -30.37 -26.75
CA VAL D 287 -23.21 -29.32 -27.07
C VAL D 287 -24.63 -29.85 -26.79
N TYR D 288 -25.42 -29.07 -26.06
CA TYR D 288 -26.80 -29.44 -25.75
C TYR D 288 -27.76 -28.46 -26.42
N ASP D 289 -28.09 -28.71 -27.68
CA ASP D 289 -28.92 -27.79 -28.47
C ASP D 289 -30.39 -27.81 -28.05
N ASP D 290 -30.82 -28.92 -27.45
CA ASP D 290 -32.19 -29.04 -26.91
C ASP D 290 -32.41 -28.42 -25.52
N PHE D 291 -31.35 -27.84 -24.94
CA PHE D 291 -31.44 -27.19 -23.63
C PHE D 291 -31.40 -25.68 -23.72
N ALA D 292 -32.00 -25.04 -22.72
CA ALA D 292 -31.98 -23.58 -22.61
C ALA D 292 -30.93 -23.15 -21.60
N ALA D 293 -30.26 -22.04 -21.87
CA ALA D 293 -29.46 -21.34 -20.87
C ALA D 293 -30.44 -20.48 -20.08
N MET D 294 -30.17 -20.29 -18.80
CA MET D 294 -31.13 -19.56 -17.94
C MET D 294 -31.29 -18.12 -18.42
N ARG D 295 -32.52 -17.64 -18.32
CA ARG D 295 -32.86 -16.29 -18.72
C ARG D 295 -32.45 -15.36 -17.57
N THR D 296 -31.77 -14.26 -17.89
CA THR D 296 -31.21 -13.36 -16.89
C THR D 296 -31.76 -11.96 -17.08
N ARG D 297 -32.16 -11.32 -15.99
CA ARG D 297 -32.59 -9.93 -16.06
C ARG D 297 -31.88 -9.10 -15.00
N LEU D 298 -31.47 -7.91 -15.41
CA LEU D 298 -30.75 -6.98 -14.54
CA LEU D 298 -30.75 -6.99 -14.54
C LEU D 298 -31.73 -6.31 -13.58
N VAL D 299 -31.36 -6.28 -12.31
CA VAL D 299 -32.20 -5.66 -11.30
C VAL D 299 -31.35 -4.64 -10.55
N ASN D 300 -31.89 -3.44 -10.38
CA ASN D 300 -31.24 -2.41 -9.59
C ASN D 300 -31.56 -2.55 -8.12
N ALA D 301 -30.65 -2.09 -7.26
CA ALA D 301 -30.89 -2.09 -5.81
C ALA D 301 -30.60 -0.71 -5.24
N GLY D 302 -31.59 -0.16 -4.54
CA GLY D 302 -31.46 1.16 -3.93
C GLY D 302 -30.74 1.08 -2.60
N PRO D 303 -29.97 2.12 -2.26
CA PRO D 303 -29.29 2.06 -0.98
C PRO D 303 -30.28 2.22 0.15
N TRP D 304 -30.00 1.55 1.27
CA TRP D 304 -30.83 1.66 2.46
C TRP D 304 -30.96 3.11 2.93
N THR D 305 -29.87 3.87 2.84
CA THR D 305 -29.84 5.21 3.42
C THR D 305 -30.65 6.22 2.61
N ILE D 306 -31.10 5.84 1.42
CA ILE D 306 -32.10 6.58 0.67
C ILE D 306 -33.50 6.01 0.93
N ASN D 307 -33.65 4.71 0.70
CA ASN D 307 -34.95 4.05 0.84
C ASN D 307 -35.57 4.17 2.24
N VAL D 308 -34.73 4.09 3.27
CA VAL D 308 -35.17 4.29 4.65
C VAL D 308 -36.04 5.55 4.81
N ALA D 309 -35.70 6.61 4.06
CA ALA D 309 -36.47 7.87 4.09
C ALA D 309 -37.82 7.79 3.41
N LEU D 310 -37.96 6.86 2.46
CA LEU D 310 -39.16 6.71 1.64
C LEU D 310 -40.10 5.60 2.12
N GLN D 311 -39.53 4.55 2.69
CA GLN D 311 -40.28 3.37 3.09
C GLN D 311 -41.52 3.63 3.97
N PRO D 312 -41.40 4.49 5.01
CA PRO D 312 -42.57 4.75 5.86
C PRO D 312 -43.83 5.08 5.06
N PHE D 313 -43.66 5.93 4.04
CA PHE D 313 -44.74 6.29 3.13
C PHE D 313 -45.15 5.10 2.22
N ALA D 314 -44.17 4.36 1.72
CA ALA D 314 -44.40 3.23 0.82
C ALA D 314 -45.28 2.19 1.47
N THR D 315 -44.86 1.74 2.65
CA THR D 315 -45.59 0.70 3.37
C THR D 315 -46.89 1.23 4.01
N GLY D 316 -46.86 2.48 4.45
CA GLY D 316 -48.04 3.11 5.05
C GLY D 316 -49.19 3.27 4.06
N CYS D 317 -48.88 3.82 2.89
CA CYS D 317 -49.88 3.98 1.83
C CYS D 317 -50.30 2.63 1.21
N MET D 318 -49.42 1.64 1.21
CA MET D 318 -49.79 0.32 0.69
C MET D 318 -50.75 -0.39 1.64
N ASN D 319 -50.46 -0.33 2.94
CA ASN D 319 -51.30 -1.02 3.91
C ASN D 319 -52.69 -0.40 4.01
N ALA D 320 -52.77 0.93 3.83
CA ALA D 320 -54.07 1.62 3.80
C ALA D 320 -54.84 1.25 2.54
N MET D 321 -54.13 1.23 1.41
CA MET D 321 -54.66 0.78 0.12
C MET D 321 -55.27 -0.64 0.20
N PHE D 322 -54.56 -1.54 0.88
CA PHE D 322 -55.02 -2.91 1.08
C PHE D 322 -56.30 -2.98 1.90
N GLU D 323 -56.47 -2.07 2.87
CA GLU D 323 -57.62 -2.15 3.75
C GLU D 323 -58.84 -1.49 3.10
N LEU D 324 -58.65 -0.28 2.59
CA LEU D 324 -59.75 0.53 2.03
C LEU D 324 -60.26 0.04 0.68
N TYR D 325 -59.36 -0.50 -0.12
CA TYR D 325 -59.69 -1.01 -1.44
C TYR D 325 -59.23 -2.46 -1.57
N ARG D 326 -59.57 -3.25 -0.55
CA ARG D 326 -59.15 -4.65 -0.43
C ARG D 326 -59.53 -5.47 -1.65
N ALA D 327 -60.75 -5.25 -2.14
CA ALA D 327 -61.29 -6.02 -3.26
C ALA D 327 -60.39 -5.93 -4.49
N THR D 328 -59.72 -4.78 -4.65
CA THR D 328 -58.78 -4.58 -5.75
C THR D 328 -57.37 -5.10 -5.46
N TRP D 329 -56.80 -4.70 -4.33
CA TRP D 329 -55.36 -4.90 -4.08
C TRP D 329 -54.97 -5.98 -3.07
N HIS D 330 -55.92 -6.44 -2.26
CA HIS D 330 -55.59 -7.45 -1.25
C HIS D 330 -56.72 -8.42 -0.93
N PRO D 331 -57.37 -8.99 -1.96
CA PRO D 331 -58.43 -9.95 -1.63
C PRO D 331 -57.83 -11.22 -1.02
N ASP D 332 -58.62 -11.94 -0.23
CA ASP D 332 -58.17 -13.23 0.29
C ASP D 332 -57.92 -14.13 -0.92
N GLU D 333 -56.65 -14.50 -1.14
CA GLU D 333 -56.26 -15.28 -2.32
C GLU D 333 -56.96 -16.65 -2.42
N ASP D 334 -57.23 -17.28 -1.29
CA ASP D 334 -57.94 -18.56 -1.26
C ASP D 334 -59.41 -18.40 -1.72
N LYS D 335 -59.91 -17.17 -1.68
CA LYS D 335 -61.31 -16.89 -2.03
C LYS D 335 -61.55 -16.41 -3.48
N ILE D 336 -60.48 -16.19 -4.24
CA ILE D 336 -60.60 -15.58 -5.57
C ILE D 336 -61.44 -16.42 -6.56
N ALA D 337 -61.20 -17.72 -6.64
CA ALA D 337 -62.02 -18.61 -7.47
C ALA D 337 -63.52 -18.46 -7.14
N GLY D 338 -63.86 -18.44 -5.86
CA GLY D 338 -65.27 -18.37 -5.41
C GLY D 338 -65.89 -17.03 -5.77
N PHE D 339 -65.10 -15.97 -5.63
CA PHE D 339 -65.52 -14.63 -5.98
C PHE D 339 -65.87 -14.55 -7.48
N LEU D 340 -65.05 -15.20 -8.32
CA LEU D 340 -65.21 -15.12 -9.77
C LEU D 340 -66.37 -15.94 -10.32
N GLU D 341 -66.88 -16.87 -9.53
CA GLU D 341 -67.98 -17.72 -9.94
C GLU D 341 -69.16 -16.89 -10.45
N GLY D 342 -69.64 -17.22 -11.63
CA GLY D 342 -70.73 -16.49 -12.27
C GLY D 342 -70.30 -15.17 -12.92
N LYS D 343 -69.00 -14.87 -12.92
CA LYS D 343 -68.50 -13.67 -13.58
C LYS D 343 -67.62 -14.06 -14.75
N HIS D 344 -67.55 -13.17 -15.73
CA HIS D 344 -66.64 -13.32 -16.84
C HIS D 344 -65.30 -12.70 -16.42
N ALA D 345 -64.20 -13.32 -16.83
CA ALA D 345 -62.87 -12.88 -16.38
C ALA D 345 -61.92 -12.75 -17.54
N PHE D 346 -61.18 -11.64 -17.55
CA PHE D 346 -60.04 -11.43 -18.42
C PHE D 346 -58.77 -11.44 -17.59
N PHE D 347 -57.83 -12.31 -17.97
CA PHE D 347 -56.56 -12.44 -17.28
C PHE D 347 -55.49 -11.79 -18.12
N GLY D 348 -54.90 -10.70 -17.61
CA GLY D 348 -53.96 -9.90 -18.37
C GLY D 348 -52.52 -10.37 -18.33
N ASP D 349 -51.84 -10.31 -19.48
CA ASP D 349 -50.39 -10.54 -19.57
C ASP D 349 -49.76 -9.26 -20.12
N VAL D 350 -48.82 -8.69 -19.37
CA VAL D 350 -48.18 -7.42 -19.75
C VAL D 350 -46.72 -7.65 -20.16
N SER D 351 -46.33 -7.15 -21.33
CA SER D 351 -44.94 -7.24 -21.81
C SER D 351 -44.10 -6.06 -21.31
N SER D 352 -42.92 -6.35 -20.76
CA SER D 352 -41.94 -5.33 -20.34
C SER D 352 -42.57 -4.24 -19.48
N TYR D 353 -43.38 -4.65 -18.52
CA TYR D 353 -44.24 -3.72 -17.78
C TYR D 353 -43.46 -2.59 -17.10
N ASP D 354 -42.64 -2.93 -16.11
CA ASP D 354 -41.93 -1.93 -15.32
C ASP D 354 -41.10 -1.00 -16.20
N HIS D 355 -40.37 -1.57 -17.15
CA HIS D 355 -39.52 -0.80 -18.03
C HIS D 355 -40.29 0.10 -19.01
N SER D 356 -41.55 -0.21 -19.28
CA SER D 356 -42.35 0.57 -20.21
C SER D 356 -43.01 1.81 -19.60
N PHE D 357 -42.87 2.02 -18.29
CA PHE D 357 -43.42 3.23 -17.67
C PHE D 357 -42.70 4.41 -18.31
N SER D 358 -43.47 5.39 -18.78
CA SER D 358 -42.90 6.59 -19.35
C SER D 358 -42.45 7.55 -18.26
N GLU D 359 -41.62 8.50 -18.66
CA GLU D 359 -41.20 9.60 -17.81
C GLU D 359 -42.41 10.33 -17.20
N GLU D 360 -43.42 10.61 -18.03
CA GLU D 360 -44.62 11.34 -17.61
C GLU D 360 -45.38 10.61 -16.51
N LYS D 361 -45.42 9.29 -16.61
CA LYS D 361 -46.16 8.47 -15.66
C LYS D 361 -45.54 8.52 -14.27
N ILE D 362 -44.22 8.36 -14.21
CA ILE D 362 -43.50 8.40 -12.93
C ILE D 362 -43.68 9.80 -12.34
N ASP D 363 -43.37 10.81 -13.15
CA ASP D 363 -43.46 12.21 -12.72
C ASP D 363 -44.83 12.57 -12.18
N LEU D 364 -45.88 12.15 -12.89
CA LEU D 364 -47.26 12.44 -12.47
C LEU D 364 -47.60 11.81 -11.12
N SER D 365 -47.21 10.54 -10.92
CA SER D 365 -47.37 9.86 -9.64
C SER D 365 -46.83 10.71 -8.51
N LEU D 366 -45.56 11.10 -8.62
CA LEU D 366 -44.86 11.85 -7.57
C LEU D 366 -45.36 13.31 -7.48
N GLU D 367 -45.71 13.88 -8.63
CA GLU D 367 -46.33 15.20 -8.74
C GLU D 367 -47.59 15.24 -7.87
N VAL D 368 -48.48 14.27 -8.07
CA VAL D 368 -49.72 14.15 -7.29
C VAL D 368 -49.45 13.91 -5.81
N GLY D 369 -48.39 13.18 -5.51
CA GLY D 369 -47.97 12.92 -4.13
C GLY D 369 -47.56 14.16 -3.32
N LYS D 370 -47.18 15.23 -4.02
CA LYS D 370 -46.75 16.45 -3.34
C LYS D 370 -47.91 17.14 -2.59
N GLU D 371 -49.15 16.81 -2.95
CA GLU D 371 -50.32 17.31 -2.22
C GLU D 371 -50.41 16.77 -0.80
N PHE D 372 -49.85 15.57 -0.56
CA PHE D 372 -49.96 14.89 0.73
C PHE D 372 -48.62 14.72 1.47
N ILE D 373 -47.52 14.80 0.73
CA ILE D 373 -46.19 14.55 1.30
C ILE D 373 -45.22 15.67 0.86
N SER D 374 -44.34 16.12 1.75
CA SER D 374 -43.42 17.21 1.46
C SER D 374 -42.74 17.06 0.09
N PRO D 375 -42.77 18.12 -0.75
CA PRO D 375 -42.18 18.03 -2.10
C PRO D 375 -40.76 17.47 -2.13
N GLU D 376 -39.99 17.73 -1.08
CA GLU D 376 -38.59 17.32 -1.00
C GLU D 376 -38.46 15.80 -0.87
N ILE D 377 -39.43 15.16 -0.25
CA ILE D 377 -39.48 13.70 -0.14
C ILE D 377 -39.83 13.08 -1.51
N MET D 378 -40.75 13.71 -2.23
CA MET D 378 -41.12 13.30 -3.58
C MET D 378 -39.97 13.50 -4.57
N GLU D 379 -39.22 14.59 -4.39
CA GLU D 379 -38.04 14.87 -5.20
C GLU D 379 -36.93 13.84 -4.98
N LEU D 380 -36.76 13.41 -3.74
CA LEU D 380 -35.84 12.32 -3.38
C LEU D 380 -36.27 11.01 -4.07
N ALA D 381 -37.55 10.68 -3.93
CA ALA D 381 -38.12 9.55 -4.63
C ALA D 381 -37.85 9.67 -6.13
N SER D 382 -38.01 10.89 -6.66
CA SER D 382 -37.78 11.14 -8.07
C SER D 382 -36.33 10.94 -8.43
N SER D 383 -35.45 11.41 -7.55
CA SER D 383 -34.02 11.28 -7.78
C SER D 383 -33.60 9.82 -7.84
N LEU D 384 -34.16 9.01 -6.95
CA LEU D 384 -33.87 7.58 -6.94
C LEU D 384 -34.41 6.91 -8.20
N PHE D 385 -35.60 7.33 -8.63
CA PHE D 385 -36.20 6.77 -9.85
C PHE D 385 -35.32 6.95 -11.07
N TYR D 386 -34.64 8.10 -11.17
CA TYR D 386 -33.84 8.44 -12.33
C TYR D 386 -32.34 8.44 -12.05
N ALA D 387 -31.92 7.65 -11.06
CA ALA D 387 -30.53 7.63 -10.63
C ALA D 387 -29.62 6.97 -11.65
N ALA D 388 -28.35 7.36 -11.64
CA ALA D 388 -27.32 6.61 -12.31
C ALA D 388 -27.26 5.24 -11.64
N TYR D 389 -26.59 4.28 -12.27
CA TYR D 389 -26.37 2.99 -11.64
C TYR D 389 -24.97 2.48 -11.96
N PHE D 390 -24.43 1.65 -11.09
CA PHE D 390 -23.15 1.03 -11.32
C PHE D 390 -23.36 -0.47 -11.40
N THR D 391 -22.75 -1.09 -12.41
CA THR D 391 -22.79 -2.53 -12.57
C THR D 391 -21.39 -3.09 -12.78
N ARG D 392 -21.17 -4.29 -12.26
CA ARG D 392 -20.03 -5.09 -12.66
C ARG D 392 -20.30 -5.63 -14.07
N PRO D 393 -19.33 -6.33 -14.70
CA PRO D 393 -19.57 -6.81 -16.07
C PRO D 393 -20.84 -7.66 -16.25
N LEU D 394 -21.62 -7.37 -17.29
CA LEU D 394 -22.86 -8.11 -17.60
C LEU D 394 -22.62 -9.29 -18.54
N GLY D 395 -21.43 -9.35 -19.13
CA GLY D 395 -21.02 -10.46 -19.99
C GLY D 395 -19.52 -10.67 -19.92
N PRO D 396 -19.02 -11.74 -20.56
CA PRO D 396 -17.60 -12.10 -20.45
C PRO D 396 -16.64 -11.13 -21.15
N ASP D 397 -17.14 -10.31 -22.06
CA ASP D 397 -16.31 -9.44 -22.87
C ASP D 397 -16.38 -7.98 -22.42
N ASP D 398 -17.06 -7.74 -21.30
CA ASP D 398 -17.35 -6.40 -20.83
C ASP D 398 -16.55 -6.06 -19.57
N GLY D 399 -16.49 -4.77 -19.25
CA GLY D 399 -15.86 -4.29 -18.04
C GLY D 399 -16.88 -3.69 -17.11
N PRO D 400 -16.44 -3.22 -15.93
CA PRO D 400 -17.37 -2.49 -15.04
C PRO D 400 -17.73 -1.16 -15.65
N GLN D 401 -18.88 -0.61 -15.27
CA GLN D 401 -19.41 0.57 -15.94
C GLN D 401 -20.35 1.38 -15.05
N LEU D 402 -20.16 2.69 -15.12
CA LEU D 402 -21.07 3.64 -14.49
C LEU D 402 -21.91 4.28 -15.60
N VAL D 403 -23.24 4.15 -15.49
CA VAL D 403 -24.16 4.77 -16.45
C VAL D 403 -24.91 5.87 -15.72
N GLY D 404 -24.78 7.10 -16.23
CA GLY D 404 -25.28 8.28 -15.53
C GLY D 404 -24.20 8.91 -14.67
N ASN D 405 -24.47 10.11 -14.16
CA ASN D 405 -23.53 10.87 -13.32
C ASN D 405 -24.17 11.20 -11.97
N PRO D 406 -23.81 10.46 -10.91
CA PRO D 406 -24.38 10.70 -9.58
C PRO D 406 -24.09 12.08 -8.98
N ASN D 407 -23.05 12.75 -9.46
CA ASN D 407 -22.73 14.12 -9.03
C ASN D 407 -23.79 15.14 -9.39
N ARG D 408 -24.60 14.82 -10.41
CA ARG D 408 -25.73 15.64 -10.81
C ARG D 408 -27.02 14.83 -10.64
N TYR D 409 -27.25 14.40 -9.40
CA TYR D 409 -28.36 13.50 -9.08
C TYR D 409 -29.72 14.19 -9.06
N LEU D 410 -29.74 15.50 -8.86
CA LEU D 410 -30.97 16.28 -8.94
C LEU D 410 -31.52 16.38 -10.37
N GLU D 411 -30.70 16.01 -11.36
CA GLU D 411 -31.11 15.92 -12.75
C GLU D 411 -31.29 14.46 -13.11
N LYS D 412 -32.15 14.19 -14.10
CA LYS D 412 -32.47 12.81 -14.52
C LYS D 412 -31.29 12.17 -15.26
N GLN D 413 -30.85 11.01 -14.77
CA GLN D 413 -29.66 10.34 -15.30
C GLN D 413 -30.01 9.13 -16.15
N VAL D 414 -30.94 8.32 -15.65
CA VAL D 414 -31.37 7.11 -16.34
C VAL D 414 -32.89 7.00 -16.26
N LYS D 415 -33.55 7.03 -17.42
CA LYS D 415 -35.00 6.95 -17.49
C LYS D 415 -35.36 5.51 -17.80
N ALA D 416 -35.66 4.77 -16.75
CA ALA D 416 -35.88 3.32 -16.85
C ALA D 416 -37.27 2.91 -16.35
N GLY D 417 -38.23 3.84 -16.36
CA GLY D 417 -39.59 3.54 -15.96
C GLY D 417 -39.74 3.28 -14.47
N ASN D 418 -40.48 2.23 -14.11
CA ASN D 418 -40.67 1.85 -12.71
C ASN D 418 -39.44 1.11 -12.21
N ARG D 419 -38.44 1.90 -11.85
CA ARG D 419 -37.14 1.40 -11.43
C ARG D 419 -37.27 0.30 -10.37
N SER D 420 -36.59 -0.82 -10.60
CA SER D 420 -36.43 -1.83 -9.57
C SER D 420 -35.49 -1.30 -8.49
N GLY D 421 -35.73 -1.73 -7.25
CA GLY D 421 -34.88 -1.39 -6.09
C GLY D 421 -35.21 -0.08 -5.41
N HIS D 422 -36.41 0.42 -5.68
CA HIS D 422 -36.91 1.67 -5.13
C HIS D 422 -37.96 1.30 -4.09
N ALA D 423 -38.09 2.12 -3.04
CA ALA D 423 -39.11 1.92 -2.00
C ALA D 423 -40.54 1.91 -2.54
N PHE D 424 -40.76 2.59 -3.66
CA PHE D 424 -42.08 2.71 -4.26
C PHE D 424 -42.38 1.73 -5.42
N THR D 425 -41.37 0.99 -5.89
CA THR D 425 -41.50 0.13 -7.08
C THR D 425 -42.76 -0.73 -7.05
N SER D 426 -43.03 -1.39 -5.92
CA SER D 426 -44.19 -2.28 -5.78
C SER D 426 -45.49 -1.48 -5.72
N LEU D 427 -45.47 -0.33 -5.04
CA LEU D 427 -46.62 0.55 -5.00
C LEU D 427 -46.99 1.02 -6.40
N PHE D 428 -45.98 1.51 -7.13
CA PHE D 428 -46.20 2.02 -8.49
C PHE D 428 -46.74 0.91 -9.42
N ALA D 429 -46.15 -0.27 -9.35
CA ALA D 429 -46.62 -1.42 -10.15
C ALA D 429 -48.10 -1.73 -9.90
N LYS D 430 -48.49 -1.73 -8.64
CA LYS D 430 -49.87 -2.02 -8.24
C LYS D 430 -50.88 -0.98 -8.72
N VAL D 431 -50.56 0.29 -8.51
CA VAL D 431 -51.46 1.39 -8.81
C VAL D 431 -51.64 1.64 -10.32
N TRP D 432 -50.54 1.62 -11.06
CA TRP D 432 -50.59 1.93 -12.50
C TRP D 432 -51.27 0.86 -13.37
N LYS D 433 -51.28 -0.38 -12.92
CA LYS D 433 -52.03 -1.41 -13.65
C LYS D 433 -53.54 -1.21 -13.49
N VAL D 434 -53.96 -0.74 -12.32
CA VAL D 434 -55.35 -0.43 -12.07
C VAL D 434 -55.74 0.83 -12.84
N ILE D 435 -54.88 1.83 -12.83
CA ILE D 435 -55.08 3.04 -13.61
C ILE D 435 -55.37 2.66 -15.07
N ASP D 436 -54.54 1.79 -15.63
CA ASP D 436 -54.72 1.36 -17.03
C ASP D 436 -56.07 0.67 -17.23
N THR D 437 -56.41 -0.26 -16.36
CA THR D 437 -57.68 -0.99 -16.45
C THR D 437 -58.89 -0.09 -16.24
N VAL D 438 -58.78 0.85 -15.30
CA VAL D 438 -59.86 1.79 -15.03
C VAL D 438 -60.05 2.72 -16.23
N SER D 439 -58.95 3.15 -16.84
CA SER D 439 -58.99 3.90 -18.09
C SER D 439 -59.70 3.14 -19.21
N LYS D 440 -59.56 1.82 -19.22
CA LYS D 440 -60.25 0.97 -20.18
C LYS D 440 -61.75 0.90 -19.89
N PHE D 441 -62.13 0.89 -18.60
CA PHE D 441 -63.54 1.01 -18.21
C PHE D 441 -64.12 2.32 -18.71
N ASP D 442 -63.32 3.38 -18.64
CA ASP D 442 -63.70 4.69 -19.16
C ASP D 442 -63.92 4.61 -20.67
N GLN D 443 -62.97 4.00 -21.39
CA GLN D 443 -63.08 3.81 -22.84
C GLN D 443 -64.33 2.98 -23.23
N MET D 444 -64.79 2.11 -22.33
CA MET D 444 -66.04 1.36 -22.55
C MET D 444 -67.29 2.23 -22.39
N GLY D 445 -67.13 3.40 -21.77
CA GLY D 445 -68.21 4.37 -21.64
C GLY D 445 -68.58 4.71 -20.21
N TYR D 446 -68.01 4.00 -19.24
CA TYR D 446 -68.37 4.20 -17.83
C TYR D 446 -67.70 5.41 -17.21
N ASP D 447 -68.44 6.11 -16.35
CA ASP D 447 -67.94 7.29 -15.64
C ASP D 447 -67.15 6.83 -14.43
N VAL D 448 -65.85 6.66 -14.63
CA VAL D 448 -65.01 6.03 -13.63
C VAL D 448 -64.71 7.00 -12.48
N VAL D 449 -64.64 8.29 -12.77
CA VAL D 449 -64.38 9.31 -11.75
C VAL D 449 -65.54 9.44 -10.77
N ALA D 450 -66.75 9.45 -11.31
CA ALA D 450 -67.97 9.46 -10.52
C ALA D 450 -68.11 8.19 -9.67
N ASN D 451 -67.67 7.05 -10.22
CA ASN D 451 -67.85 5.76 -9.56
C ASN D 451 -66.52 5.17 -9.08
N MET D 452 -65.50 6.01 -8.91
CA MET D 452 -64.15 5.52 -8.64
C MET D 452 -64.08 4.67 -7.37
N ASP D 453 -64.65 5.16 -6.28
CA ASP D 453 -64.58 4.45 -5.01
C ASP D 453 -65.25 3.08 -5.10
N ALA D 454 -66.48 3.06 -5.65
CA ALA D 454 -67.21 1.80 -5.86
C ALA D 454 -66.46 0.78 -6.72
N ILE D 455 -65.81 1.25 -7.77
CA ILE D 455 -65.00 0.38 -8.64
C ILE D 455 -63.85 -0.27 -7.84
N LEU D 456 -63.07 0.56 -7.15
CA LEU D 456 -61.94 0.10 -6.34
C LEU D 456 -62.38 -0.76 -5.13
N LYS D 457 -63.57 -0.52 -4.61
CA LYS D 457 -64.07 -1.30 -3.47
C LYS D 457 -64.75 -2.59 -3.92
N GLY D 458 -64.98 -2.75 -5.22
CA GLY D 458 -65.60 -3.95 -5.77
C GLY D 458 -67.11 -3.91 -5.78
N ASP D 459 -67.68 -2.71 -5.72
CA ASP D 459 -69.14 -2.51 -5.60
C ASP D 459 -69.88 -2.29 -6.93
N MET D 460 -69.16 -2.39 -8.05
CA MET D 460 -69.74 -2.13 -9.37
C MET D 460 -69.98 -3.45 -10.08
N PRO D 461 -70.66 -3.41 -11.25
CA PRO D 461 -70.81 -4.62 -12.05
C PRO D 461 -69.51 -5.14 -12.68
N PHE D 462 -68.42 -4.38 -12.50
CA PHE D 462 -67.11 -4.73 -13.03
C PHE D 462 -66.02 -4.25 -12.08
N GLY D 463 -64.83 -4.77 -12.28
CA GLY D 463 -63.68 -4.33 -11.51
C GLY D 463 -62.46 -5.17 -11.82
N CYS D 464 -61.41 -4.99 -11.03
CA CYS D 464 -60.19 -5.76 -11.22
C CYS D 464 -59.53 -6.15 -9.90
N ILE D 465 -58.89 -7.31 -9.94
CA ILE D 465 -58.09 -7.82 -8.84
C ILE D 465 -56.67 -7.69 -9.34
N ASN D 466 -55.82 -7.05 -8.55
CA ASN D 466 -54.47 -6.71 -8.97
C ASN D 466 -53.36 -7.33 -8.12
N ASN D 467 -52.28 -7.70 -8.79
CA ASN D 467 -51.01 -8.05 -8.16
C ASN D 467 -49.87 -7.56 -9.07
N GLY D 468 -49.65 -6.25 -9.11
CA GLY D 468 -48.65 -5.66 -10.02
C GLY D 468 -49.07 -5.70 -11.48
N ASP D 469 -48.23 -6.30 -12.32
CA ASP D 469 -48.55 -6.49 -13.75
C ASP D 469 -49.51 -7.66 -14.00
N ASP D 470 -49.74 -8.45 -12.95
CA ASP D 470 -50.70 -9.55 -12.96
C ASP D 470 -52.08 -9.01 -12.56
N GLU D 471 -53.11 -9.32 -13.34
CA GLU D 471 -54.47 -8.83 -13.03
C GLU D 471 -55.57 -9.76 -13.52
N ILE D 472 -56.72 -9.69 -12.84
CA ILE D 472 -57.96 -10.30 -13.29
C ILE D 472 -59.01 -9.18 -13.39
N VAL D 473 -59.48 -8.92 -14.61
CA VAL D 473 -60.51 -7.95 -14.87
C VAL D 473 -61.82 -8.72 -15.02
N TRP D 474 -62.79 -8.41 -14.14
CA TRP D 474 -64.01 -9.22 -14.03
C TRP D 474 -65.25 -8.40 -14.34
N PHE D 475 -66.28 -9.10 -14.84
CA PHE D 475 -67.52 -8.51 -15.28
C PHE D 475 -68.69 -9.40 -14.89
N LYS D 476 -69.76 -8.80 -14.35
CA LYS D 476 -71.00 -9.55 -14.12
C LYS D 476 -71.82 -9.65 -15.40
N SER D 477 -71.70 -8.64 -16.26
CA SER D 477 -72.43 -8.58 -17.53
C SER D 477 -71.57 -9.10 -18.67
N GLU D 478 -72.06 -10.13 -19.38
CA GLU D 478 -71.38 -10.62 -20.57
C GLU D 478 -71.23 -9.53 -21.63
N ARG D 479 -72.22 -8.63 -21.69
CA ARG D 479 -72.20 -7.54 -22.66
C ARG D 479 -71.05 -6.56 -22.40
N ASP D 480 -70.77 -6.27 -21.13
CA ASP D 480 -69.59 -5.48 -20.72
C ASP D 480 -68.28 -6.20 -21.09
N TYR D 481 -68.24 -7.50 -20.79
CA TYR D 481 -67.08 -8.33 -21.05
C TYR D 481 -66.71 -8.34 -22.53
N ARG D 482 -67.69 -8.64 -23.38
CA ARG D 482 -67.47 -8.63 -24.83
C ARG D 482 -67.04 -7.24 -25.34
N LEU D 483 -67.59 -6.18 -24.76
CA LEU D 483 -67.20 -4.80 -25.14
C LEU D 483 -65.75 -4.54 -24.77
N PHE D 484 -65.35 -4.98 -23.59
CA PHE D 484 -63.99 -4.82 -23.10
C PHE D 484 -62.99 -5.56 -24.01
N LEU D 485 -63.29 -6.82 -24.32
CA LEU D 485 -62.44 -7.62 -25.23
C LEU D 485 -62.28 -6.95 -26.60
N ARG D 486 -63.38 -6.47 -27.18
CA ARG D 486 -63.36 -5.74 -28.44
C ARG D 486 -62.52 -4.46 -28.33
N LEU D 487 -62.68 -3.75 -27.22
CA LEU D 487 -61.92 -2.53 -26.98
C LEU D 487 -60.42 -2.81 -27.00
N LEU D 488 -60.00 -3.97 -26.48
CA LEU D 488 -58.58 -4.35 -26.47
C LEU D 488 -58.03 -4.63 -27.86
N GLU D 489 -58.76 -5.41 -28.67
CA GLU D 489 -58.27 -5.79 -29.99
C GLU D 489 -58.27 -4.63 -31.00
N THR D 490 -58.96 -3.53 -30.66
CA THR D 490 -59.09 -2.37 -31.56
C THR D 490 -58.52 -1.05 -30.99
N GLN D 491 -57.98 -1.08 -29.77
CA GLN D 491 -57.51 0.14 -29.08
C GLN D 491 -56.46 0.89 -29.93
N PRO D 492 -56.63 2.21 -30.15
CA PRO D 492 -55.57 2.92 -30.89
C PRO D 492 -54.28 3.12 -30.06
N GLN D 493 -53.19 3.53 -30.72
CA GLN D 493 -51.89 3.69 -30.06
C GLN D 493 -51.90 4.80 -29.01
N GLU D 494 -52.57 5.91 -29.32
CA GLU D 494 -52.70 7.01 -28.35
C GLU D 494 -53.41 6.61 -27.05
N GLN D 495 -54.13 5.49 -27.06
CA GLN D 495 -54.81 4.97 -25.85
C GLN D 495 -54.01 3.95 -25.04
N ARG D 496 -52.90 3.48 -25.61
CA ARG D 496 -52.19 2.31 -25.12
C ARG D 496 -51.12 2.70 -24.09
N MET D 497 -51.39 2.42 -22.82
CA MET D 497 -50.44 2.69 -21.74
C MET D 497 -49.38 1.62 -21.68
N PHE D 498 -49.81 0.37 -21.70
CA PHE D 498 -48.91 -0.78 -21.65
C PHE D 498 -49.29 -1.80 -22.72
N LYS D 499 -48.29 -2.60 -23.13
CA LYS D 499 -48.52 -3.70 -24.05
C LYS D 499 -49.21 -4.82 -23.27
N VAL D 500 -50.52 -4.94 -23.45
CA VAL D 500 -51.35 -5.87 -22.67
C VAL D 500 -52.12 -6.84 -23.57
N GLY D 501 -51.97 -8.14 -23.32
CA GLY D 501 -52.74 -9.18 -24.02
C GLY D 501 -53.34 -10.19 -23.04
N PRO D 502 -54.18 -11.12 -23.56
CA PRO D 502 -54.77 -12.16 -22.69
C PRO D 502 -53.72 -13.19 -22.29
N GLU D 503 -53.75 -13.67 -21.04
CA GLU D 503 -52.70 -14.55 -20.57
C GLU D 503 -52.98 -16.00 -20.96
N GLU D 504 -51.95 -16.67 -21.49
CA GLU D 504 -52.02 -18.10 -21.82
C GLU D 504 -52.29 -18.93 -20.57
N GLY D 505 -53.53 -19.37 -20.42
CA GLY D 505 -53.91 -20.27 -19.34
C GLY D 505 -54.54 -19.59 -18.12
N ALA D 506 -54.87 -18.31 -18.24
CA ALA D 506 -55.50 -17.53 -17.17
C ALA D 506 -54.78 -17.68 -15.82
N VAL D 507 -53.53 -17.20 -15.78
CA VAL D 507 -52.70 -17.33 -14.59
C VAL D 507 -52.77 -16.05 -13.75
N PHE D 508 -52.99 -16.21 -12.45
CA PHE D 508 -52.92 -15.09 -11.52
C PHE D 508 -52.17 -15.53 -10.27
N SER D 509 -51.20 -14.72 -9.87
CA SER D 509 -50.37 -14.97 -8.70
C SER D 509 -49.91 -16.42 -8.57
N GLY D 510 -49.43 -16.97 -9.68
CA GLY D 510 -48.84 -18.30 -9.71
C GLY D 510 -49.80 -19.44 -9.96
N SER D 511 -51.11 -19.18 -9.94
CA SER D 511 -52.08 -20.25 -10.18
C SER D 511 -52.84 -20.10 -11.50
N VAL D 512 -52.96 -21.21 -12.23
CA VAL D 512 -53.85 -21.31 -13.38
C VAL D 512 -55.28 -21.35 -12.87
N TYR D 513 -56.14 -20.51 -13.43
CA TYR D 513 -57.56 -20.53 -13.05
C TYR D 513 -58.32 -21.37 -14.06
N GLN D 514 -58.33 -22.67 -13.77
CA GLN D 514 -58.87 -23.67 -14.67
C GLN D 514 -60.37 -23.51 -14.76
N LEU D 515 -60.90 -23.56 -15.98
CA LEU D 515 -62.34 -23.43 -16.21
C LEU D 515 -62.99 -24.80 -16.01
N ILE D 516 -63.70 -24.96 -14.90
CA ILE D 516 -64.33 -26.25 -14.53
C ILE D 516 -65.86 -26.24 -14.65
N GLY D 517 -66.41 -25.12 -15.12
CA GLY D 517 -67.86 -24.99 -15.33
C GLY D 517 -68.15 -23.69 -16.06
N PRO D 518 -69.41 -23.47 -16.47
CA PRO D 518 -69.68 -22.16 -17.05
C PRO D 518 -69.44 -21.10 -16.01
N LEU D 519 -68.50 -20.20 -16.26
CA LEU D 519 -68.13 -19.19 -15.28
C LEU D 519 -67.85 -19.78 -13.88
N LYS D 520 -67.23 -20.95 -13.84
CA LYS D 520 -66.76 -21.55 -12.59
C LYS D 520 -65.30 -21.92 -12.76
N TYR D 521 -64.48 -21.48 -11.82
CA TYR D 521 -63.03 -21.53 -11.96
C TYR D 521 -62.42 -22.27 -10.78
N GLN D 522 -61.28 -22.91 -11.00
CA GLN D 522 -60.58 -23.61 -9.92
C GLN D 522 -59.08 -23.31 -9.98
N ALA D 523 -58.53 -22.76 -8.90
CA ALA D 523 -57.09 -22.42 -8.86
C ALA D 523 -56.23 -23.67 -8.72
N VAL D 524 -55.19 -23.76 -9.56
CA VAL D 524 -54.15 -24.77 -9.42
C VAL D 524 -52.80 -24.10 -9.70
N GLU D 525 -51.82 -24.31 -8.81
CA GLU D 525 -50.45 -23.82 -9.02
C GLU D 525 -49.98 -24.36 -10.34
N ARG D 526 -49.42 -23.47 -11.15
CA ARG D 526 -48.85 -23.89 -12.41
C ARG D 526 -48.18 -25.23 -12.19
N ILE D 527 -48.53 -26.18 -13.03
CA ILE D 527 -48.06 -27.55 -12.85
C ILE D 527 -46.57 -27.68 -13.25
N THR D 528 -46.09 -26.72 -14.03
CA THR D 528 -44.68 -26.66 -14.35
C THR D 528 -43.85 -26.19 -13.12
N THR D 529 -44.47 -25.39 -12.24
CA THR D 529 -43.74 -24.72 -11.15
C THR D 529 -42.98 -25.64 -10.19
N PRO D 530 -43.64 -26.67 -9.64
CA PRO D 530 -42.93 -27.56 -8.71
C PRO D 530 -41.63 -28.09 -9.30
N PHE D 531 -41.65 -28.43 -10.57
CA PHE D 531 -40.52 -29.09 -11.21
C PHE D 531 -39.46 -28.14 -11.75
N GLN D 532 -39.84 -26.90 -12.04
CA GLN D 532 -38.87 -25.87 -12.40
C GLN D 532 -38.08 -25.44 -11.15
N ARG D 533 -38.78 -25.30 -10.01
CA ARG D 533 -38.15 -24.88 -8.75
C ARG D 533 -37.26 -25.95 -8.10
N ILE D 534 -37.51 -27.23 -8.40
CA ILE D 534 -36.62 -28.32 -7.96
C ILE D 534 -35.43 -28.46 -8.90
N ILE D 535 -35.73 -28.68 -10.18
CA ILE D 535 -34.76 -29.12 -11.18
C ILE D 535 -33.97 -27.96 -11.79
N CYS D 536 -34.58 -26.79 -11.86
CA CYS D 536 -33.99 -25.63 -12.55
C CYS D 536 -34.00 -24.36 -11.67
N PRO D 537 -33.36 -24.43 -10.49
CA PRO D 537 -33.45 -23.34 -9.54
C PRO D 537 -32.57 -22.14 -9.88
N GLU D 538 -33.04 -20.96 -9.54
CA GLU D 538 -32.23 -19.75 -9.58
C GLU D 538 -31.00 -19.89 -8.67
N ARG D 539 -31.19 -20.37 -7.44
CA ARG D 539 -30.08 -20.55 -6.49
C ARG D 539 -29.79 -21.99 -6.14
N SER D 540 -28.55 -22.22 -5.71
CA SER D 540 -28.21 -23.45 -5.01
C SER D 540 -29.00 -23.57 -3.71
N ILE D 541 -29.23 -24.80 -3.27
CA ILE D 541 -29.80 -25.02 -1.95
C ILE D 541 -28.86 -24.41 -0.90
N GLY D 542 -29.44 -23.98 0.23
CA GLY D 542 -28.67 -23.40 1.32
C GLY D 542 -28.24 -21.96 1.09
N GLY D 543 -26.99 -21.67 1.44
CA GLY D 543 -26.45 -20.32 1.31
C GLY D 543 -27.15 -19.33 2.23
N ASN D 544 -27.40 -18.13 1.71
CA ASN D 544 -28.03 -17.05 2.46
C ASN D 544 -29.49 -16.86 2.06
N PHE D 545 -29.85 -17.37 0.87
CA PHE D 545 -31.14 -17.11 0.25
C PHE D 545 -32.03 -18.35 0.03
N ARG D 546 -31.54 -19.55 0.35
CA ARG D 546 -32.35 -20.76 0.24
C ARG D 546 -32.20 -21.66 1.47
N LYS D 547 -32.15 -21.05 2.64
CA LYS D 547 -31.92 -21.80 3.87
C LYS D 547 -33.02 -22.83 4.12
N PHE D 548 -34.23 -22.51 3.66
CA PHE D 548 -35.42 -23.32 3.95
C PHE D 548 -35.99 -24.06 2.73
N TRP D 549 -35.13 -24.44 1.79
CA TRP D 549 -35.55 -25.11 0.54
C TRP D 549 -36.39 -26.40 0.65
N PRO D 550 -36.27 -27.16 1.77
CA PRO D 550 -37.09 -28.38 1.80
C PRO D 550 -38.60 -28.13 1.96
N LEU D 551 -38.97 -26.99 2.55
CA LEU D 551 -40.36 -26.71 2.92
C LEU D 551 -41.31 -26.65 1.71
N GLY D 552 -40.92 -25.91 0.68
CA GLY D 552 -41.75 -25.76 -0.52
C GLY D 552 -41.88 -27.07 -1.31
N ILE D 553 -40.84 -27.90 -1.26
CA ILE D 553 -40.86 -29.20 -1.93
C ILE D 553 -41.85 -30.12 -1.22
N LEU D 554 -41.74 -30.24 0.10
CA LEU D 554 -42.65 -31.11 0.87
C LEU D 554 -44.12 -30.65 0.82
N GLU D 555 -44.34 -29.34 0.79
CA GLU D 555 -45.70 -28.80 0.67
C GLU D 555 -46.29 -29.21 -0.68
N ARG D 556 -45.53 -28.99 -1.74
CA ARG D 556 -45.93 -29.37 -3.09
C ARG D 556 -46.13 -30.89 -3.24
N TYR D 557 -45.22 -31.68 -2.68
CA TYR D 557 -45.29 -33.14 -2.81
C TYR D 557 -46.50 -33.72 -2.09
N ASN D 558 -46.83 -33.15 -0.93
CA ASN D 558 -48.00 -33.54 -0.12
C ASN D 558 -49.35 -33.29 -0.80
N LYS D 559 -49.39 -32.43 -1.80
CA LYS D 559 -50.66 -32.11 -2.47
C LYS D 559 -50.71 -32.60 -3.92
N ARG D 560 -49.84 -33.53 -4.29
CA ARG D 560 -49.86 -34.05 -5.66
C ARG D 560 -51.20 -34.71 -6.01
N ASN D 561 -51.88 -35.26 -5.01
CA ASN D 561 -53.26 -35.77 -5.10
C ASN D 561 -54.36 -34.74 -5.38
N SER D 562 -54.04 -33.45 -5.25
CA SER D 562 -55.07 -32.41 -5.30
C SER D 562 -55.65 -32.16 -6.68
N HIS D 563 -55.01 -32.68 -7.72
CA HIS D 563 -55.36 -32.36 -9.11
C HIS D 563 -54.89 -33.51 -10.00
N PRO D 564 -55.73 -33.94 -10.96
CA PRO D 564 -55.36 -35.18 -11.66
C PRO D 564 -54.09 -35.09 -12.49
N VAL D 565 -53.89 -33.99 -13.20
CA VAL D 565 -52.70 -33.81 -14.06
C VAL D 565 -51.43 -33.68 -13.22
N LEU D 566 -51.46 -32.82 -12.19
CA LEU D 566 -50.35 -32.73 -11.22
C LEU D 566 -49.93 -34.12 -10.72
N GLU D 567 -50.92 -34.91 -10.33
CA GLU D 567 -50.67 -36.26 -9.83
C GLU D 567 -49.91 -37.04 -10.88
N GLU D 568 -50.39 -36.97 -12.12
CA GLU D 568 -49.77 -37.70 -13.24
C GLU D 568 -48.33 -37.30 -13.49
N VAL D 569 -48.05 -36.01 -13.44
CA VAL D 569 -46.68 -35.50 -13.63
C VAL D 569 -45.75 -35.88 -12.47
N TRP D 570 -46.25 -35.87 -11.24
CA TRP D 570 -45.43 -36.27 -10.10
C TRP D 570 -45.03 -37.74 -10.18
N ARG D 571 -45.95 -38.57 -10.69
CA ARG D 571 -45.70 -39.98 -10.85
C ARG D 571 -44.58 -40.22 -11.88
N VAL D 572 -44.60 -39.46 -12.96
CA VAL D 572 -43.52 -39.43 -13.97
C VAL D 572 -42.22 -38.88 -13.38
N PHE D 573 -42.32 -37.88 -12.51
CA PHE D 573 -41.15 -37.41 -11.79
C PHE D 573 -40.53 -38.52 -10.96
N ASP D 574 -41.37 -39.23 -10.19
CA ASP D 574 -40.90 -40.30 -9.32
C ASP D 574 -40.18 -41.39 -10.08
N ASP D 575 -40.79 -41.84 -11.18
CA ASP D 575 -40.28 -42.96 -11.94
C ASP D 575 -38.98 -42.65 -12.68
N THR D 576 -38.91 -41.47 -13.31
CA THR D 576 -37.71 -41.06 -14.02
C THR D 576 -36.56 -40.77 -13.04
N TYR D 577 -36.86 -40.14 -11.91
CA TYR D 577 -35.84 -39.95 -10.87
C TYR D 577 -35.33 -41.29 -10.36
N ALA D 578 -36.26 -42.22 -10.16
CA ALA D 578 -35.95 -43.56 -9.68
C ALA D 578 -34.98 -44.29 -10.60
N THR D 579 -35.19 -44.16 -11.91
CA THR D 579 -34.37 -44.88 -12.89
C THR D 579 -33.11 -44.10 -13.18
N LEU D 580 -33.24 -42.80 -13.42
CA LEU D 580 -32.14 -41.98 -13.92
C LEU D 580 -31.31 -41.26 -12.85
N MET D 581 -31.85 -41.06 -11.65
CA MET D 581 -31.17 -40.28 -10.61
C MET D 581 -30.84 -41.01 -9.29
N GLU D 582 -31.76 -41.85 -8.81
CA GLU D 582 -31.63 -42.50 -7.50
C GLU D 582 -30.39 -43.39 -7.35
N PRO D 583 -30.04 -44.19 -8.39
CA PRO D 583 -28.83 -45.02 -8.29
C PRO D 583 -27.56 -44.22 -7.96
N HIS D 584 -27.52 -42.97 -8.41
CA HIS D 584 -26.35 -42.12 -8.23
C HIS D 584 -26.40 -41.24 -6.98
N TYR D 585 -27.58 -40.72 -6.67
CA TYR D 585 -27.71 -39.61 -5.69
C TYR D 585 -28.51 -39.92 -4.43
N GLY D 586 -29.13 -41.11 -4.37
CA GLY D 586 -30.00 -41.47 -3.25
C GLY D 586 -31.44 -41.06 -3.54
N SER D 587 -32.37 -41.52 -2.71
CA SER D 587 -33.79 -41.28 -2.95
C SER D 587 -34.13 -39.80 -2.88
N PHE D 588 -35.10 -39.36 -3.68
CA PHE D 588 -35.54 -37.96 -3.72
C PHE D 588 -36.11 -37.50 -2.39
N LEU D 589 -37.15 -38.20 -1.95
CA LEU D 589 -37.86 -37.84 -0.72
C LEU D 589 -36.89 -37.93 0.46
N GLY D 590 -36.02 -38.94 0.43
CA GLY D 590 -35.00 -39.11 1.44
C GLY D 590 -34.11 -37.89 1.58
N ILE D 591 -33.62 -37.38 0.45
CA ILE D 591 -32.75 -36.21 0.48
C ILE D 591 -33.48 -35.01 1.06
N VAL D 592 -34.77 -34.86 0.73
CA VAL D 592 -35.53 -33.70 1.20
C VAL D 592 -35.86 -33.80 2.69
N GLN D 593 -36.24 -35.00 3.14
CA GLN D 593 -36.57 -35.23 4.54
C GLN D 593 -35.38 -34.99 5.47
N ARG D 594 -34.20 -35.50 5.09
CA ARG D 594 -32.99 -35.28 5.90
C ARG D 594 -32.69 -33.79 6.12
N ALA D 595 -32.80 -33.00 5.05
CA ALA D 595 -32.54 -31.56 5.11
C ALA D 595 -33.63 -30.83 5.91
N HIS D 596 -34.88 -31.28 5.75
CA HIS D 596 -36.01 -30.75 6.52
C HIS D 596 -35.79 -30.86 8.03
N LYS D 597 -35.20 -31.98 8.47
CA LYS D 597 -34.83 -32.20 9.86
C LYS D 597 -33.87 -31.13 10.40
N GLU D 598 -32.98 -30.65 9.54
CA GLU D 598 -31.88 -29.80 9.95
C GLU D 598 -32.17 -28.29 9.90
N ILE D 599 -33.41 -27.94 9.57
CA ILE D 599 -33.83 -26.53 9.56
C ILE D 599 -34.80 -26.26 10.71
N PRO D 600 -34.84 -25.01 11.21
CA PRO D 600 -35.61 -24.69 12.42
C PRO D 600 -37.13 -24.56 12.23
N PHE D 601 -37.62 -24.81 11.02
CA PHE D 601 -39.05 -24.75 10.72
C PHE D 601 -39.55 -26.12 10.26
N SER D 602 -40.80 -26.40 10.55
CA SER D 602 -41.47 -27.64 10.15
C SER D 602 -42.63 -27.29 9.21
N VAL D 603 -42.64 -27.96 8.05
CA VAL D 603 -43.64 -27.70 7.03
C VAL D 603 -45.07 -27.86 7.55
N ASP D 604 -45.30 -28.77 8.48
CA ASP D 604 -46.64 -29.00 9.02
C ASP D 604 -47.19 -27.83 9.84
N ASP D 605 -46.30 -27.03 10.45
CA ASP D 605 -46.74 -25.97 11.34
C ASP D 605 -46.92 -24.62 10.61
N LEU D 606 -46.55 -24.55 9.34
CA LEU D 606 -46.59 -23.29 8.57
C LEU D 606 -47.67 -23.26 7.50
N SER D 607 -48.26 -22.08 7.29
CA SER D 607 -49.20 -21.87 6.20
C SER D 607 -48.50 -21.73 4.86
N TRP D 608 -49.26 -21.83 3.78
CA TRP D 608 -48.71 -21.67 2.44
C TRP D 608 -48.10 -20.27 2.25
N LYS D 609 -48.62 -19.31 2.99
CA LYS D 609 -48.15 -17.92 2.94
C LYS D 609 -46.77 -17.81 3.56
N GLU D 610 -46.61 -18.46 4.71
CA GLU D 610 -45.38 -18.40 5.48
C GLU D 610 -44.25 -19.10 4.74
N ILE D 611 -44.58 -20.20 4.07
CA ILE D 611 -43.61 -20.94 3.26
C ILE D 611 -43.17 -20.13 2.05
N MET D 612 -44.12 -19.49 1.37
CA MET D 612 -43.79 -18.55 0.28
C MET D 612 -42.83 -17.45 0.74
N VAL D 613 -43.07 -16.93 1.93
CA VAL D 613 -42.23 -15.87 2.49
C VAL D 613 -40.83 -16.37 2.85
N LEU D 614 -40.73 -17.61 3.37
CA LEU D 614 -39.41 -18.20 3.65
C LEU D 614 -38.63 -18.48 2.38
N ASP D 615 -39.34 -18.67 1.27
CA ASP D 615 -38.68 -18.85 -0.02
C ASP D 615 -38.33 -17.49 -0.65
N ASP D 616 -39.15 -16.47 -0.40
CA ASP D 616 -38.98 -15.13 -0.99
C ASP D 616 -39.42 -14.02 -0.03
N PRO D 617 -38.53 -13.61 0.90
CA PRO D 617 -38.86 -12.62 1.93
C PRO D 617 -39.49 -11.34 1.39
N ASN D 618 -39.06 -10.91 0.21
CA ASN D 618 -39.53 -9.66 -0.38
C ASN D 618 -41.02 -9.65 -0.72
N LYS D 619 -41.68 -10.81 -0.59
CA LYS D 619 -43.13 -10.88 -0.61
C LYS D 619 -43.78 -10.13 0.55
N MET D 620 -43.02 -9.83 1.60
CA MET D 620 -43.51 -8.93 2.66
C MET D 620 -43.67 -7.47 2.21
N TYR D 621 -43.08 -7.10 1.08
CA TYR D 621 -43.20 -5.73 0.55
C TYR D 621 -44.42 -5.50 -0.35
N HIS D 622 -45.16 -6.56 -0.69
CA HIS D 622 -46.24 -6.41 -1.65
C HIS D 622 -47.36 -7.46 -1.61
N ARG D 623 -47.13 -8.65 -1.07
CA ARG D 623 -48.13 -9.71 -1.15
C ARG D 623 -48.84 -9.97 0.17
N PHE D 624 -48.08 -10.04 1.27
CA PHE D 624 -48.67 -10.33 2.58
C PHE D 624 -48.38 -9.23 3.60
N THR D 625 -49.31 -9.05 4.53
CA THR D 625 -49.14 -8.08 5.60
C THR D 625 -48.70 -8.74 6.89
N ASP D 626 -48.21 -7.91 7.82
CA ASP D 626 -47.76 -8.35 9.16
C ASP D 626 -48.71 -9.36 9.80
N GLU D 627 -50.00 -9.15 9.63
CA GLU D 627 -51.03 -9.96 10.31
C GLU D 627 -51.25 -11.34 9.68
N GLU D 628 -50.66 -11.59 8.51
CA GLU D 628 -50.80 -12.88 7.83
C GLU D 628 -49.62 -13.83 8.07
N ILE D 629 -48.53 -13.29 8.61
CA ILE D 629 -47.26 -14.01 8.70
C ILE D 629 -46.76 -13.94 10.14
N ARG D 630 -46.64 -15.09 10.80
CA ARG D 630 -46.16 -15.12 12.19
C ARG D 630 -44.80 -14.44 12.35
N ASP D 631 -44.54 -13.93 13.56
CA ASP D 631 -43.29 -13.23 13.89
C ASP D 631 -42.04 -13.99 13.49
N GLN D 632 -41.97 -15.27 13.84
CA GLN D 632 -40.75 -16.06 13.66
C GLN D 632 -40.33 -16.19 12.19
N VAL D 633 -41.31 -16.32 11.31
CA VAL D 633 -41.06 -16.32 9.86
C VAL D 633 -40.57 -14.93 9.41
N GLN D 634 -41.24 -13.88 9.88
CA GLN D 634 -40.84 -12.51 9.52
C GLN D 634 -39.43 -12.21 10.04
N GLU D 635 -39.14 -12.62 11.29
CA GLU D 635 -37.83 -12.37 11.90
C GLU D 635 -36.66 -13.07 11.23
N SER D 636 -36.94 -14.10 10.43
CA SER D 636 -35.90 -14.81 9.69
C SER D 636 -35.24 -13.92 8.63
N ALA D 637 -35.98 -12.93 8.15
CA ALA D 637 -35.47 -12.02 7.11
C ALA D 637 -35.42 -10.54 7.49
N PHE D 638 -36.14 -10.15 8.55
CA PHE D 638 -36.37 -8.72 8.83
C PHE D 638 -36.27 -8.36 10.31
N ARG D 639 -35.62 -7.22 10.57
CA ARG D 639 -35.83 -6.51 11.81
C ARG D 639 -36.98 -5.55 11.51
N LYS D 640 -37.55 -4.94 12.55
CA LYS D 640 -38.61 -3.95 12.35
C LYS D 640 -38.39 -2.70 13.20
N LEU D 641 -38.91 -1.58 12.72
CA LEU D 641 -38.91 -0.33 13.45
C LEU D 641 -40.36 0.17 13.51
N GLN D 642 -40.97 0.07 14.68
CA GLN D 642 -42.39 0.41 14.85
C GLN D 642 -42.67 1.90 14.54
N PRO D 643 -43.89 2.20 14.03
CA PRO D 643 -44.20 3.56 13.54
C PRO D 643 -44.03 4.68 14.57
N ILE D 644 -44.23 4.37 15.85
CA ILE D 644 -44.06 5.35 16.92
C ILE D 644 -42.72 6.09 16.85
N PHE D 645 -41.69 5.43 16.31
CA PHE D 645 -40.36 6.02 16.20
C PHE D 645 -40.16 6.98 15.01
N PHE D 646 -41.15 7.07 14.12
CA PHE D 646 -41.16 8.11 13.09
C PHE D 646 -42.50 8.84 13.01
N GLU D 647 -43.23 8.85 14.12
CA GLU D 647 -44.50 9.57 14.22
C GLU D 647 -44.29 11.08 14.05
N ARG D 648 -43.18 11.59 14.59
CA ARG D 648 -42.87 13.01 14.48
C ARG D 648 -42.58 13.44 13.05
N MET D 649 -41.91 12.59 12.28
CA MET D 649 -41.69 12.86 10.86
C MET D 649 -43.02 12.92 10.11
N PHE D 650 -43.91 11.97 10.38
CA PHE D 650 -45.24 11.93 9.75
C PHE D 650 -46.08 13.16 10.12
N LYS D 651 -46.10 13.52 11.40
CA LYS D 651 -46.87 14.66 11.87
C LYS D 651 -46.39 15.96 11.24
N GLU D 652 -45.14 15.99 10.81
CA GLU D 652 -44.57 17.15 10.15
C GLU D 652 -44.76 17.13 8.63
N HIS D 653 -44.60 15.95 8.02
CA HIS D 653 -44.48 15.84 6.57
C HIS D 653 -45.64 15.14 5.87
N TYR D 654 -46.68 14.77 6.62
CA TYR D 654 -47.85 14.13 6.00
C TYR D 654 -49.16 14.89 6.28
N LYS D 655 -49.87 15.22 5.20
CA LYS D 655 -51.11 15.98 5.25
C LYS D 655 -52.28 15.15 4.73
N GLY D 656 -52.11 13.84 4.66
CA GLY D 656 -53.17 12.94 4.20
C GLY D 656 -53.98 12.42 5.37
N ASN D 657 -54.86 11.46 5.09
CA ASN D 657 -55.69 10.85 6.13
C ASN D 657 -55.03 9.64 6.77
N TYR D 658 -55.10 9.56 8.10
CA TYR D 658 -54.68 8.37 8.82
C TYR D 658 -55.83 7.39 8.89
N VAL D 659 -55.57 6.13 8.59
CA VAL D 659 -56.62 5.10 8.60
C VAL D 659 -56.18 3.86 9.35
#